data_5F87
#
_entry.id   5F87
#
_cell.length_a   241.908
_cell.length_b   241.908
_cell.length_c   47.315
_cell.angle_alpha   90.00
_cell.angle_beta   90.00
_cell.angle_gamma   120.00
#
_symmetry.space_group_name_H-M   'P 31'
#
loop_
_entity.id
_entity.type
_entity.pdbx_description
1 polymer 'O-glucosyltransferase rumi'
2 non-polymer "URIDINE-5'-DIPHOSPHATE"
3 non-polymer GLYCEROL
#
_entity_poly.entity_id   1
_entity_poly.type   'polypeptide(L)'
_entity_poly.pdbx_seq_one_letter_code
;AAQPAEALEDDGLCSADQKSCAQSEPDQINEDEFSFKIRRQIEKANADYKPCSSDPQDSDCSCHANVLKRDLAPYKSTGV
TRQMIESSARYGTKYKIYGHRLYRDANCMFPARCEGIEHFLLPLVATLPDMDLIINTRDYPQLNAAWGNAAGGPVFSFSK
TKEYRDIMYPAWTFWAGGPATKLHPRGIGRWDQMREKLEKRAAAIPWSQKRSLGFFRGSRTSDERDSLILLSRRNPELVE
AQYTKNQGWKSPKDTLDAPAADEVSFEDHCKYKYLFNFRGVAASFRLKHLFLCKSLVFHVGDEWQEFFYDQLKPWVHYVP
LKSYPSQQEYEHILSFFKKNDALAQEIAQRGYDFIWEHLRMKDIKCYWRKLLKRYVKLLQYEVKPEDQLIYIGPKARALV
PR
;
_entity_poly.pdbx_strand_id   A,B,C,D,E,F
#
loop_
_chem_comp.id
_chem_comp.type
_chem_comp.name
_chem_comp.formula
GOL non-polymer GLYCEROL 'C3 H8 O3'
UDP RNA linking URIDINE-5'-DIPHOSPHATE 'C9 H14 N2 O12 P2'
#
# COMPACT_ATOMS: atom_id res chain seq x y z
N ASN A 30 -18.42 -7.28 20.88
CA ASN A 30 -16.99 -7.23 20.44
C ASN A 30 -16.14 -6.18 21.20
N GLU A 31 -16.28 -4.91 20.86
CA GLU A 31 -15.49 -3.87 21.55
C GLU A 31 -15.89 -3.72 23.03
N ASP A 32 -17.19 -3.79 23.31
CA ASP A 32 -17.70 -3.63 24.67
C ASP A 32 -17.31 -4.79 25.60
N GLU A 33 -17.29 -6.01 25.07
CA GLU A 33 -16.94 -7.21 25.88
C GLU A 33 -15.53 -7.04 26.39
N PHE A 34 -14.64 -6.68 25.47
CA PHE A 34 -13.27 -6.39 25.78
C PHE A 34 -13.21 -5.23 26.78
N SER A 35 -13.84 -4.11 26.42
CA SER A 35 -13.87 -2.91 27.27
C SER A 35 -14.14 -3.20 28.74
N PHE A 36 -15.20 -3.96 29.01
CA PHE A 36 -15.48 -4.35 30.38
C PHE A 36 -14.40 -5.27 30.98
N LYS A 37 -14.07 -6.37 30.30
CA LYS A 37 -13.15 -7.36 30.86
C LYS A 37 -11.90 -6.69 31.46
N ILE A 38 -11.34 -5.74 30.72
CA ILE A 38 -10.18 -5.00 31.16
C ILE A 38 -10.55 -4.16 32.38
N ARG A 39 -11.71 -3.49 32.32
CA ARG A 39 -12.19 -2.67 33.42
C ARG A 39 -12.43 -3.45 34.71
N ARG A 40 -13.11 -4.59 34.64
CA ARG A 40 -13.26 -5.47 35.80
C ARG A 40 -11.90 -5.86 36.37
N GLN A 41 -10.99 -6.27 35.48
CA GLN A 41 -9.65 -6.69 35.88
C GLN A 41 -8.89 -5.60 36.61
N ILE A 42 -9.05 -4.36 36.14
CA ILE A 42 -8.50 -3.15 36.77
C ILE A 42 -9.20 -2.86 38.11
N GLU A 43 -10.52 -2.67 38.07
CA GLU A 43 -11.32 -2.41 39.27
C GLU A 43 -10.97 -3.42 40.36
N LYS A 44 -10.90 -4.68 39.95
CA LYS A 44 -10.56 -5.79 40.82
C LYS A 44 -9.13 -5.64 41.37
N ALA A 45 -8.18 -5.31 40.49
CA ALA A 45 -6.77 -5.25 40.86
C ALA A 45 -6.45 -4.15 41.87
N ASN A 46 -6.92 -2.94 41.59
CA ASN A 46 -6.68 -1.77 42.45
C ASN A 46 -7.52 -1.79 43.73
N ALA A 47 -8.62 -2.54 43.71
CA ALA A 47 -9.37 -2.84 44.92
C ALA A 47 -8.58 -3.81 45.79
N ASP A 48 -7.88 -4.76 45.18
CA ASP A 48 -7.11 -5.78 45.92
C ASP A 48 -5.76 -5.33 46.47
N TYR A 49 -5.23 -4.24 45.92
CA TYR A 49 -3.86 -3.82 46.18
C TYR A 49 -3.60 -3.37 47.61
N LYS A 50 -2.52 -3.89 48.18
CA LYS A 50 -1.96 -3.34 49.41
C LYS A 50 -0.52 -2.88 49.12
N PRO A 51 -0.11 -1.70 49.68
CA PRO A 51 1.26 -1.21 49.46
C PRO A 51 2.29 -2.22 49.93
N CYS A 52 3.48 -2.20 49.34
CA CYS A 52 4.51 -3.15 49.75
C CYS A 52 5.06 -2.86 51.15
N SER A 53 4.77 -1.66 51.66
CA SER A 53 5.20 -1.29 53.00
C SER A 53 4.23 -0.32 53.64
N SER A 54 4.13 -0.40 54.96
CA SER A 54 3.20 0.41 55.72
C SER A 54 3.44 1.92 55.57
N ASP A 55 4.69 2.35 55.52
CA ASP A 55 5.02 3.75 55.27
C ASP A 55 5.92 3.84 54.04
N PRO A 56 5.86 4.96 53.29
CA PRO A 56 6.57 5.06 52.00
C PRO A 56 8.09 4.97 52.12
N GLN A 57 8.61 5.33 53.30
CA GLN A 57 10.05 5.34 53.54
C GLN A 57 10.65 3.96 53.78
N ASP A 58 9.78 2.99 54.09
CA ASP A 58 10.15 1.57 54.24
C ASP A 58 11.43 1.44 55.09
N SER A 59 11.33 1.91 56.34
CA SER A 59 12.49 2.03 57.23
C SER A 59 13.14 0.69 57.52
N ASP A 60 12.33 -0.37 57.54
CA ASP A 60 12.80 -1.70 57.90
C ASP A 60 13.25 -2.54 56.69
N CYS A 61 13.18 -1.93 55.50
CA CYS A 61 13.57 -2.56 54.24
C CYS A 61 12.78 -3.85 53.95
N SER A 62 11.46 -3.69 53.82
CA SER A 62 10.54 -4.83 53.74
C SER A 62 9.77 -4.93 52.44
N CYS A 63 9.87 -3.90 51.59
CA CYS A 63 9.04 -3.80 50.39
C CYS A 63 9.12 -5.06 49.49
N HIS A 64 10.33 -5.60 49.30
CA HIS A 64 10.54 -6.82 48.51
C HIS A 64 10.94 -8.00 49.37
N ALA A 65 10.69 -7.89 50.68
CA ALA A 65 11.06 -8.96 51.63
C ALA A 65 10.42 -10.31 51.35
N ASN A 66 9.28 -10.34 50.67
CA ASN A 66 8.61 -11.59 50.32
C ASN A 66 9.42 -12.47 49.37
N VAL A 67 10.12 -11.82 48.44
CA VAL A 67 10.92 -12.50 47.42
C VAL A 67 12.11 -13.23 48.01
N LEU A 68 12.93 -12.53 48.79
CA LEU A 68 14.09 -13.17 49.43
C LEU A 68 13.62 -14.27 50.38
N LYS A 69 12.41 -14.12 50.90
CA LYS A 69 11.85 -15.10 51.80
C LYS A 69 11.56 -16.42 51.08
N ARG A 70 10.83 -16.33 49.97
CA ARG A 70 10.46 -17.52 49.21
C ARG A 70 11.67 -18.12 48.54
N ASP A 71 12.65 -17.28 48.27
CA ASP A 71 13.81 -17.72 47.52
C ASP A 71 14.75 -18.61 48.34
N LEU A 72 14.94 -18.26 49.61
CA LEU A 72 15.80 -19.01 50.52
C LEU A 72 15.11 -20.25 51.06
N ALA A 73 13.79 -20.19 51.15
CA ALA A 73 12.93 -21.23 51.77
C ALA A 73 13.37 -22.70 51.59
N PRO A 74 13.61 -23.16 50.34
CA PRO A 74 14.04 -24.55 50.09
C PRO A 74 15.28 -24.99 50.87
N TYR A 75 15.86 -24.07 51.63
CA TYR A 75 17.05 -24.37 52.41
C TYR A 75 16.80 -24.25 53.92
N LYS A 76 15.62 -23.77 54.31
CA LYS A 76 15.34 -23.50 55.74
C LYS A 76 15.39 -24.74 56.63
N SER A 77 14.87 -25.85 56.12
CA SER A 77 14.76 -27.08 56.90
C SER A 77 16.12 -27.80 57.09
N THR A 78 16.89 -27.91 56.01
CA THR A 78 18.17 -28.63 56.01
C THR A 78 19.37 -27.71 56.21
N GLY A 79 19.28 -26.49 55.68
CA GLY A 79 20.39 -25.56 55.70
C GLY A 79 21.32 -25.82 54.52
N VAL A 80 22.34 -24.96 54.40
CA VAL A 80 23.36 -25.07 53.36
C VAL A 80 24.58 -25.79 53.91
N THR A 81 24.91 -26.93 53.30
CA THR A 81 26.09 -27.73 53.71
C THR A 81 27.34 -27.25 52.97
N ARG A 82 28.53 -27.53 53.52
CA ARG A 82 29.76 -27.23 52.80
C ARG A 82 29.76 -27.99 51.48
N GLN A 83 29.14 -29.16 51.49
CA GLN A 83 29.07 -29.97 50.29
C GLN A 83 28.27 -29.26 49.18
N MET A 84 27.05 -28.83 49.52
CA MET A 84 26.18 -28.15 48.57
C MET A 84 26.92 -27.02 47.86
N ILE A 85 27.69 -26.25 48.62
CA ILE A 85 28.48 -25.15 48.09
C ILE A 85 29.49 -25.60 47.03
N GLU A 86 30.39 -26.51 47.40
CA GLU A 86 31.44 -26.94 46.50
C GLU A 86 30.86 -27.53 45.22
N SER A 87 29.68 -28.16 45.35
CA SER A 87 28.94 -28.77 44.25
C SER A 87 28.42 -27.68 43.30
N SER A 88 27.83 -26.65 43.90
CA SER A 88 27.20 -25.54 43.18
C SER A 88 28.21 -24.58 42.49
N ALA A 89 29.48 -24.69 42.89
CA ALA A 89 30.55 -23.80 42.42
C ALA A 89 30.72 -23.82 40.91
N ARG A 90 30.33 -24.93 40.30
CA ARG A 90 30.32 -25.08 38.86
C ARG A 90 29.29 -24.14 38.21
N TYR A 91 28.42 -23.54 39.02
CA TYR A 91 27.33 -22.75 38.45
C TYR A 91 27.54 -21.21 38.45
N GLY A 92 28.74 -20.79 38.87
CA GLY A 92 29.07 -19.37 38.83
C GLY A 92 30.35 -18.92 39.51
N THR A 93 30.40 -17.64 39.85
CA THR A 93 31.59 -17.00 40.42
C THR A 93 31.55 -17.07 41.94
N LYS A 94 32.55 -17.74 42.51
CA LYS A 94 32.62 -17.94 43.96
C LYS A 94 33.10 -16.66 44.64
N TYR A 95 32.20 -16.06 45.41
CA TYR A 95 32.58 -15.03 46.33
C TYR A 95 32.64 -15.61 47.72
N LYS A 96 33.55 -15.09 48.51
CA LYS A 96 33.72 -15.53 49.89
C LYS A 96 34.05 -14.31 50.74
N ILE A 97 33.26 -14.13 51.79
CA ILE A 97 33.54 -13.10 52.78
C ILE A 97 34.19 -13.81 53.95
N TYR A 98 35.39 -13.36 54.30
CA TYR A 98 36.12 -13.92 55.42
C TYR A 98 36.76 -12.85 56.27
N GLY A 99 36.39 -12.83 57.54
CA GLY A 99 36.88 -11.87 58.51
C GLY A 99 36.74 -10.43 58.05
N HIS A 100 35.60 -10.13 57.46
CA HIS A 100 35.37 -8.83 56.82
C HIS A 100 36.40 -8.47 55.77
N ARG A 101 36.64 -9.40 54.83
CA ARG A 101 37.41 -9.14 53.62
C ARG A 101 36.77 -9.94 52.49
N LEU A 102 36.75 -9.36 51.31
CA LEU A 102 36.12 -10.02 50.18
C LEU A 102 37.11 -10.82 49.35
N TYR A 103 36.68 -12.03 49.01
CA TYR A 103 37.47 -12.93 48.20
C TYR A 103 36.63 -13.43 47.03
N ARG A 104 37.27 -13.65 45.88
CA ARG A 104 36.55 -14.05 44.67
C ARG A 104 37.45 -14.85 43.73
N ASP A 105 36.87 -15.84 43.04
CA ASP A 105 37.52 -16.56 41.96
C ASP A 105 38.32 -15.59 41.08
N ALA A 106 39.55 -15.95 40.76
CA ALA A 106 40.44 -15.09 39.97
C ALA A 106 39.81 -14.75 38.61
N ASN A 107 39.29 -15.79 37.98
CA ASN A 107 38.56 -15.67 36.72
C ASN A 107 37.09 -15.35 37.00
N CYS A 108 36.68 -14.14 36.64
CA CYS A 108 35.24 -13.84 36.52
C CYS A 108 34.87 -13.86 35.04
N MET A 109 33.84 -14.63 34.71
CA MET A 109 33.36 -14.78 33.33
C MET A 109 33.11 -13.42 32.65
N PHE A 110 32.42 -12.51 33.34
CA PHE A 110 32.12 -11.19 32.81
C PHE A 110 32.66 -10.09 33.75
N PRO A 111 33.91 -9.63 33.52
CA PRO A 111 34.63 -8.75 34.46
C PRO A 111 33.83 -7.53 34.92
N ALA A 112 33.10 -6.93 33.99
CA ALA A 112 32.40 -5.68 34.27
C ALA A 112 31.22 -5.94 35.18
N ARG A 113 30.59 -7.10 35.02
CA ARG A 113 29.45 -7.53 35.86
C ARG A 113 29.91 -7.79 37.30
N CYS A 114 31.04 -8.45 37.44
CA CYS A 114 31.64 -8.62 38.75
C CYS A 114 31.88 -7.25 39.42
N GLU A 115 32.19 -6.22 38.63
CA GLU A 115 32.42 -4.88 39.19
C GLU A 115 31.15 -4.23 39.70
N GLY A 116 30.05 -4.42 38.96
CA GLY A 116 28.72 -3.97 39.37
C GLY A 116 28.26 -4.55 40.69
N ILE A 117 28.35 -5.87 40.83
CA ILE A 117 28.04 -6.55 42.10
C ILE A 117 28.99 -6.09 43.23
N GLU A 118 30.29 -5.99 42.94
CA GLU A 118 31.30 -5.69 43.94
C GLU A 118 31.16 -4.31 44.55
N HIS A 119 30.68 -3.36 43.76
CA HIS A 119 30.29 -2.07 44.28
C HIS A 119 29.32 -2.19 45.41
N PHE A 120 28.52 -3.25 45.42
CA PHE A 120 27.52 -3.48 46.45
C PHE A 120 28.04 -4.33 47.59
N LEU A 121 28.81 -5.35 47.27
CA LEU A 121 29.32 -6.23 48.33
C LEU A 121 30.33 -5.52 49.24
N LEU A 122 31.19 -4.71 48.65
CA LEU A 122 32.30 -4.11 49.36
C LEU A 122 31.92 -3.27 50.57
N PRO A 123 30.92 -2.38 50.45
CA PRO A 123 30.57 -1.59 51.65
C PRO A 123 29.93 -2.42 52.76
N LEU A 124 29.37 -3.58 52.43
CA LEU A 124 28.73 -4.46 53.43
C LEU A 124 29.70 -5.37 54.16
N VAL A 125 30.81 -5.71 53.49
CA VAL A 125 31.77 -6.69 54.00
C VAL A 125 32.28 -6.38 55.41
N ALA A 126 32.47 -5.09 55.71
CA ALA A 126 32.85 -4.64 57.06
C ALA A 126 31.89 -5.08 58.19
N THR A 127 30.60 -5.22 57.89
CA THR A 127 29.61 -5.56 58.91
C THR A 127 28.93 -6.91 58.72
N LEU A 128 29.51 -7.75 57.88
CA LEU A 128 28.97 -9.08 57.60
C LEU A 128 29.80 -10.21 58.22
N PRO A 129 29.12 -11.29 58.68
CA PRO A 129 29.86 -12.46 59.06
C PRO A 129 30.36 -13.17 57.81
N ASP A 130 31.26 -14.14 57.98
CA ASP A 130 31.75 -15.00 56.90
C ASP A 130 30.63 -15.74 56.16
N MET A 131 30.85 -15.91 54.86
CA MET A 131 29.98 -16.73 53.99
C MET A 131 30.64 -17.05 52.65
N ASP A 132 30.19 -18.15 52.06
CA ASP A 132 30.55 -18.53 50.71
C ASP A 132 29.34 -18.30 49.83
N LEU A 133 29.57 -17.74 48.65
CA LEU A 133 28.51 -17.40 47.69
C LEU A 133 28.88 -17.88 46.30
N ILE A 134 27.98 -18.62 45.66
CA ILE A 134 28.16 -18.92 44.24
C ILE A 134 27.26 -18.00 43.43
N ILE A 135 27.86 -16.92 42.91
CA ILE A 135 27.12 -15.87 42.20
C ILE A 135 27.20 -16.05 40.68
N ASN A 136 26.06 -16.33 40.06
CA ASN A 136 25.97 -16.47 38.61
C ASN A 136 25.84 -15.12 37.91
N THR A 137 26.83 -14.81 37.08
CA THR A 137 26.84 -13.54 36.36
C THR A 137 26.38 -13.67 34.90
N ARG A 138 26.08 -14.90 34.46
CA ARG A 138 25.39 -15.12 33.17
C ARG A 138 23.97 -14.53 33.24
N ASP A 139 23.35 -14.26 32.09
CA ASP A 139 21.96 -13.86 32.05
C ASP A 139 21.03 -14.96 32.55
N TYR A 140 21.25 -16.19 32.09
CA TYR A 140 20.32 -17.28 32.32
C TYR A 140 20.59 -18.00 33.65
N PRO A 141 19.53 -18.31 34.41
CA PRO A 141 19.63 -19.10 35.65
C PRO A 141 20.28 -20.47 35.46
N GLN A 142 20.67 -21.12 36.55
CA GLN A 142 21.48 -22.34 36.49
C GLN A 142 20.83 -23.61 37.02
N LEU A 143 20.02 -23.46 38.05
CA LEU A 143 19.50 -24.60 38.80
C LEU A 143 18.07 -24.93 38.42
N ASN A 144 17.94 -25.79 37.42
CA ASN A 144 16.66 -26.27 36.96
C ASN A 144 16.04 -27.21 38.00
N ALA A 145 14.83 -26.89 38.46
CA ALA A 145 14.15 -27.73 39.47
C ALA A 145 13.74 -29.13 38.95
N ALA A 146 13.68 -29.29 37.62
CA ALA A 146 13.28 -30.56 37.02
C ALA A 146 14.36 -31.62 37.22
N TRP A 147 15.62 -31.24 36.97
CA TRP A 147 16.76 -32.07 37.42
C TRP A 147 16.70 -32.11 38.91
N GLY A 148 17.36 -33.10 39.49
CA GLY A 148 17.37 -33.23 40.94
C GLY A 148 18.77 -33.43 41.48
N ASN A 149 18.95 -33.04 42.74
CA ASN A 149 20.20 -33.26 43.48
C ASN A 149 21.40 -32.44 42.97
N ALA A 150 21.67 -32.52 41.67
CA ALA A 150 22.79 -31.78 41.05
C ALA A 150 22.55 -30.27 41.06
N ALA A 151 21.28 -29.90 41.02
CA ALA A 151 20.85 -28.51 40.94
C ALA A 151 20.08 -28.06 42.19
N GLY A 152 20.58 -28.43 43.37
CA GLY A 152 19.97 -28.04 44.64
C GLY A 152 20.42 -26.67 45.13
N GLY A 153 21.64 -26.29 44.78
CA GLY A 153 22.14 -24.98 45.13
C GLY A 153 22.93 -24.92 46.43
N PRO A 154 23.08 -23.70 47.00
CA PRO A 154 22.44 -22.46 46.55
C PRO A 154 23.27 -21.69 45.52
N VAL A 155 22.60 -21.14 44.52
CA VAL A 155 23.28 -20.31 43.52
C VAL A 155 22.50 -19.02 43.37
N PHE A 156 23.22 -17.90 43.30
CA PHE A 156 22.62 -16.59 43.15
C PHE A 156 22.57 -16.16 41.67
N SER A 157 21.36 -15.82 41.18
CA SER A 157 21.20 -15.27 39.82
C SER A 157 20.34 -14.02 39.83
N PHE A 158 20.47 -13.20 38.77
CA PHE A 158 19.72 -11.95 38.68
C PHE A 158 18.29 -12.16 38.21
N SER A 159 18.04 -13.25 37.48
CA SER A 159 16.73 -13.50 36.89
C SER A 159 16.39 -15.00 36.83
N LYS A 160 15.14 -15.35 37.13
CA LYS A 160 14.69 -16.74 37.16
C LYS A 160 13.19 -16.91 36.90
N THR A 161 12.74 -18.16 36.78
CA THR A 161 11.33 -18.49 36.79
C THR A 161 11.10 -19.50 37.89
N LYS A 162 9.83 -19.84 38.13
CA LYS A 162 9.44 -20.95 39.02
C LYS A 162 10.21 -22.27 38.74
N GLU A 163 10.79 -22.39 37.54
CA GLU A 163 11.59 -23.54 37.17
C GLU A 163 12.87 -23.67 37.99
N TYR A 164 13.41 -22.53 38.44
CA TYR A 164 14.78 -22.44 38.97
C TYR A 164 14.87 -22.21 40.47
N ARG A 165 15.85 -22.87 41.10
CA ARG A 165 16.14 -22.71 42.52
C ARG A 165 17.13 -21.59 42.84
N ASP A 166 17.67 -20.94 41.80
CA ASP A 166 18.58 -19.81 41.95
C ASP A 166 17.98 -18.74 42.86
N ILE A 167 18.79 -18.22 43.80
CA ILE A 167 18.37 -17.12 44.67
C ILE A 167 18.52 -15.81 43.92
N MET A 168 17.49 -14.97 43.90
CA MET A 168 17.57 -13.73 43.13
C MET A 168 18.26 -12.61 43.88
N TYR A 169 19.11 -11.87 43.14
CA TYR A 169 19.76 -10.67 43.67
C TYR A 169 19.62 -9.49 42.72
N PRO A 170 19.72 -8.24 43.24
CA PRO A 170 19.78 -7.00 42.43
C PRO A 170 20.91 -7.07 41.42
N ALA A 171 20.56 -7.00 40.13
CA ALA A 171 21.55 -7.17 39.07
C ALA A 171 22.72 -6.17 39.10
N TRP A 172 23.83 -6.56 38.49
CA TRP A 172 25.03 -5.72 38.37
C TRP A 172 24.73 -4.38 37.77
N THR A 173 23.79 -4.34 36.83
CA THR A 173 23.49 -3.14 36.05
C THR A 173 22.99 -1.95 36.85
N PHE A 174 22.63 -2.18 38.12
CA PHE A 174 22.25 -1.09 39.00
C PHE A 174 23.43 -0.17 39.30
N TRP A 175 24.65 -0.69 39.16
CA TRP A 175 25.84 0.14 39.22
C TRP A 175 26.67 0.21 37.95
N ALA A 176 27.04 -0.94 37.36
CA ALA A 176 27.76 -0.99 36.07
C ALA A 176 27.68 -2.36 35.37
N GLY A 177 28.02 -2.38 34.08
CA GLY A 177 28.12 -3.64 33.36
C GLY A 177 26.89 -4.16 32.64
N GLY A 178 25.83 -3.36 32.58
CA GLY A 178 24.67 -3.69 31.73
C GLY A 178 25.06 -3.52 30.28
N PRO A 179 24.18 -3.91 29.34
CA PRO A 179 24.44 -3.90 27.89
C PRO A 179 25.26 -2.72 27.40
N ALA A 180 26.34 -3.02 26.68
CA ALA A 180 27.15 -2.01 26.03
C ALA A 180 26.46 -1.59 24.72
N THR A 181 26.25 -0.29 24.57
CA THR A 181 25.60 0.26 23.37
C THR A 181 26.30 1.55 22.95
N LYS A 182 25.84 2.15 21.84
CA LYS A 182 26.43 3.39 21.33
C LYS A 182 26.23 4.53 22.31
N LEU A 183 25.04 4.57 22.91
CA LEU A 183 24.74 5.58 23.92
C LEU A 183 25.31 5.23 25.29
N HIS A 184 25.66 3.96 25.49
CA HIS A 184 26.28 3.50 26.75
C HIS A 184 27.48 2.64 26.46
N PRO A 185 28.59 3.26 26.00
CA PRO A 185 29.78 2.55 25.49
C PRO A 185 30.48 1.68 26.54
N ARG A 186 30.35 2.08 27.81
CA ARG A 186 30.90 1.29 28.91
C ARG A 186 29.86 0.32 29.56
N GLY A 187 28.74 0.12 28.86
CA GLY A 187 27.65 -0.73 29.32
C GLY A 187 26.69 0.01 30.22
N ILE A 188 25.39 -0.16 30.00
CA ILE A 188 24.41 0.65 30.76
C ILE A 188 24.44 0.38 32.26
N GLY A 189 24.41 1.47 33.02
CA GLY A 189 24.50 1.41 34.49
C GLY A 189 24.08 2.69 35.17
N ARG A 190 24.74 3.00 36.28
CA ARG A 190 24.46 4.20 37.08
C ARG A 190 22.98 4.53 37.26
N TRP A 191 22.26 3.66 37.97
CA TRP A 191 20.84 3.83 38.21
C TRP A 191 20.55 5.10 38.99
N ASP A 192 21.45 5.45 39.92
CA ASP A 192 21.39 6.72 40.63
C ASP A 192 21.36 7.91 39.68
N GLN A 193 22.16 7.82 38.62
CA GLN A 193 22.25 8.90 37.64
C GLN A 193 21.11 8.85 36.64
N MET A 194 20.73 7.64 36.23
CA MET A 194 19.62 7.43 35.29
C MET A 194 18.27 7.92 35.84
N ARG A 195 18.07 7.75 37.14
CA ARG A 195 16.85 8.19 37.82
C ARG A 195 16.62 9.69 37.73
N GLU A 196 17.65 10.47 38.06
CA GLU A 196 17.61 11.94 37.99
C GLU A 196 17.36 12.40 36.55
N LYS A 197 17.97 11.69 35.61
CA LYS A 197 17.90 12.03 34.20
C LYS A 197 16.51 11.82 33.63
N LEU A 198 15.94 10.62 33.85
CA LEU A 198 14.57 10.31 33.41
C LEU A 198 13.51 11.11 34.14
N GLU A 199 13.80 11.47 35.38
CA GLU A 199 12.86 12.21 36.22
C GLU A 199 12.59 13.59 35.62
N LYS A 200 13.67 14.28 35.21
CA LYS A 200 13.62 15.58 34.51
C LYS A 200 12.81 15.44 33.21
N ARG A 201 13.21 14.45 32.42
CA ARG A 201 12.62 14.22 31.11
C ARG A 201 11.17 13.87 31.28
N ALA A 202 10.83 13.21 32.39
CA ALA A 202 9.44 12.87 32.71
C ALA A 202 8.61 14.12 32.96
N ALA A 203 9.17 15.05 33.73
CA ALA A 203 8.49 16.29 34.10
C ALA A 203 8.36 17.23 32.92
N ALA A 204 9.38 17.25 32.06
CA ALA A 204 9.42 18.07 30.85
C ALA A 204 8.36 17.69 29.82
N ILE A 205 8.10 16.38 29.68
CA ILE A 205 7.10 15.87 28.74
C ILE A 205 5.84 15.33 29.44
N PRO A 206 4.87 16.23 29.75
CA PRO A 206 3.58 15.89 30.35
C PRO A 206 2.81 14.93 29.49
N TRP A 207 1.93 14.14 30.11
CA TRP A 207 1.18 13.07 29.44
C TRP A 207 0.58 13.40 28.11
N SER A 208 -0.14 14.51 28.04
CA SER A 208 -0.87 14.91 26.83
C SER A 208 0.04 15.18 25.61
N GLN A 209 1.29 15.58 25.89
CA GLN A 209 2.29 15.86 24.85
C GLN A 209 3.03 14.62 24.32
N LYS A 210 2.90 13.49 25.03
CA LYS A 210 3.45 12.21 24.56
C LYS A 210 2.64 11.69 23.38
N ARG A 211 3.34 11.21 22.35
CA ARG A 211 2.68 10.63 21.17
C ARG A 211 1.86 9.39 21.58
N SER A 212 0.66 9.25 21.02
CA SER A 212 -0.23 8.11 21.32
C SER A 212 0.12 6.94 20.40
N LEU A 213 1.32 6.41 20.57
CA LEU A 213 1.81 5.25 19.84
C LEU A 213 2.47 4.28 20.81
N GLY A 214 2.23 2.99 20.60
CA GLY A 214 3.01 1.96 21.29
C GLY A 214 4.46 2.06 20.85
N PHE A 215 5.38 2.00 21.81
CA PHE A 215 6.79 2.14 21.46
C PHE A 215 7.68 0.99 21.89
N PHE A 216 8.65 0.69 21.04
CA PHE A 216 9.68 -0.27 21.35
C PHE A 216 10.87 -0.04 20.45
N ARG A 217 12.05 -0.15 21.06
CA ARG A 217 13.30 -0.20 20.30
C ARG A 217 14.25 -1.13 21.04
N GLY A 218 14.62 -2.21 20.38
CA GLY A 218 15.49 -3.24 20.97
C GLY A 218 15.77 -4.37 20.03
N SER A 219 16.61 -5.30 20.49
CA SER A 219 17.13 -6.36 19.61
C SER A 219 16.33 -7.65 19.75
N ARG A 220 16.53 -8.58 18.82
CA ARG A 220 15.72 -9.79 18.79
C ARG A 220 16.24 -10.85 19.73
N THR A 221 16.24 -10.54 21.02
CA THR A 221 16.67 -11.49 22.07
C THR A 221 15.60 -12.55 22.46
N SER A 222 14.36 -12.36 22.00
CA SER A 222 13.31 -13.36 22.15
C SER A 222 12.23 -13.14 21.11
N ASP A 223 11.76 -14.21 20.50
CA ASP A 223 10.79 -14.08 19.42
C ASP A 223 9.40 -13.64 19.92
N GLU A 224 9.28 -13.41 21.23
CA GLU A 224 8.05 -12.82 21.79
C GLU A 224 7.90 -11.38 21.30
N ARG A 225 8.99 -10.83 20.74
CA ARG A 225 9.05 -9.45 20.26
C ARG A 225 8.62 -9.26 18.79
N ASP A 226 8.63 -10.35 18.02
CA ASP A 226 8.25 -10.33 16.60
C ASP A 226 6.90 -9.66 16.32
N SER A 227 5.84 -10.16 16.94
CA SER A 227 4.48 -9.71 16.62
C SER A 227 4.27 -8.20 16.71
N LEU A 228 4.94 -7.55 17.67
CA LEU A 228 4.90 -6.10 17.80
C LEU A 228 5.67 -5.46 16.66
N ILE A 229 6.81 -6.03 16.33
CA ILE A 229 7.61 -5.52 15.22
C ILE A 229 6.86 -5.70 13.90
N LEU A 230 6.24 -6.86 13.68
CA LEU A 230 5.49 -7.07 12.44
C LEU A 230 4.30 -6.13 12.34
N LEU A 231 3.56 -5.99 13.45
CA LEU A 231 2.45 -5.04 13.52
C LEU A 231 2.89 -3.61 13.17
N SER A 232 4.08 -3.23 13.65
CA SER A 232 4.63 -1.88 13.42
C SER A 232 4.84 -1.64 11.93
N ARG A 233 5.33 -2.67 11.25
CA ARG A 233 5.55 -2.60 9.80
C ARG A 233 4.21 -2.57 9.06
N ARG A 234 3.20 -3.19 9.66
CA ARG A 234 1.87 -3.20 9.04
C ARG A 234 1.06 -1.94 9.38
N ASN A 235 1.27 -1.40 10.58
CA ASN A 235 0.54 -0.21 11.02
C ASN A 235 1.40 0.77 11.84
N PRO A 236 2.29 1.52 11.15
CA PRO A 236 3.25 2.41 11.80
C PRO A 236 2.58 3.54 12.56
N GLU A 237 1.36 3.85 12.15
CA GLU A 237 0.59 4.91 12.77
C GLU A 237 0.06 4.48 14.14
N LEU A 238 -0.07 3.17 14.34
CA LEU A 238 -0.41 2.62 15.65
C LEU A 238 0.81 2.24 16.49
N VAL A 239 1.75 1.50 15.90
CA VAL A 239 2.93 1.00 16.62
C VAL A 239 4.25 1.44 15.96
N GLU A 240 5.11 2.12 16.72
CA GLU A 240 6.48 2.40 16.25
C GLU A 240 7.51 1.44 16.91
N ALA A 241 7.79 0.32 16.25
CA ALA A 241 8.64 -0.70 16.84
C ALA A 241 9.57 -1.35 15.81
N GLN A 242 10.85 -1.33 16.14
CA GLN A 242 11.91 -1.78 15.23
C GLN A 242 12.95 -2.56 16.01
N TYR A 243 13.55 -3.53 15.34
CA TYR A 243 14.60 -4.34 15.93
C TYR A 243 15.92 -3.62 15.76
N THR A 244 16.74 -3.62 16.79
CA THR A 244 18.10 -3.12 16.67
C THR A 244 19.11 -4.26 16.44
N LYS A 245 20.39 -3.92 16.41
CA LYS A 245 21.45 -4.90 16.24
C LYS A 245 22.12 -5.12 17.59
N ASN A 246 22.39 -6.37 17.94
CA ASN A 246 23.23 -6.70 19.12
C ASN A 246 24.58 -7.30 18.73
N GLN A 247 25.48 -7.42 19.71
CA GLN A 247 26.82 -7.99 19.49
C GLN A 247 26.81 -9.46 19.08
N GLY A 248 25.65 -10.13 19.18
CA GLY A 248 25.51 -11.53 18.82
C GLY A 248 24.84 -11.75 17.47
N TRP A 249 24.81 -10.69 16.66
CA TRP A 249 24.18 -10.71 15.33
C TRP A 249 24.85 -11.67 14.40
N LYS A 250 24.05 -12.56 13.80
CA LYS A 250 24.55 -13.59 12.89
C LYS A 250 24.07 -13.41 11.43
N SER A 251 22.78 -13.15 11.23
CA SER A 251 22.22 -13.05 9.89
C SER A 251 20.99 -12.14 9.87
N PRO A 252 20.46 -11.81 8.67
CA PRO A 252 19.25 -10.99 8.44
C PRO A 252 18.05 -11.37 9.31
N LYS A 253 18.00 -12.65 9.71
CA LYS A 253 16.98 -13.19 10.58
C LYS A 253 16.94 -12.46 11.92
N ASP A 254 18.09 -11.95 12.37
CA ASP A 254 18.16 -11.22 13.64
C ASP A 254 17.42 -9.87 13.68
N THR A 255 16.87 -9.45 12.54
CA THR A 255 16.04 -8.25 12.48
C THR A 255 14.84 -8.48 11.56
N LEU A 256 14.40 -9.74 11.48
CA LEU A 256 13.30 -10.14 10.58
C LEU A 256 13.44 -9.53 9.17
N ASP A 257 14.68 -9.54 8.68
CA ASP A 257 15.01 -9.17 7.30
C ASP A 257 14.87 -7.68 6.99
N ALA A 258 14.91 -6.86 8.02
CA ALA A 258 14.82 -5.41 7.84
C ALA A 258 16.15 -4.78 8.22
N PRO A 259 16.39 -3.52 7.77
CA PRO A 259 17.67 -2.90 8.11
C PRO A 259 17.72 -2.62 9.59
N ALA A 260 18.88 -2.82 10.22
CA ALA A 260 19.03 -2.56 11.65
C ALA A 260 18.77 -1.09 11.99
N ALA A 261 17.75 -0.85 12.81
CA ALA A 261 17.48 0.51 13.29
C ALA A 261 18.54 0.96 14.31
N ASP A 262 18.54 2.25 14.62
CA ASP A 262 19.39 2.81 15.68
C ASP A 262 18.88 2.58 17.09
N GLU A 263 19.83 2.56 18.02
CA GLU A 263 19.54 2.62 19.43
C GLU A 263 18.88 3.99 19.68
N VAL A 264 17.77 4.03 20.41
CA VAL A 264 17.16 5.28 20.83
C VAL A 264 17.33 5.30 22.34
N SER A 265 17.62 6.47 22.91
CA SER A 265 17.97 6.57 24.33
C SER A 265 16.77 6.41 25.25
N PHE A 266 17.05 6.25 26.55
CA PHE A 266 16.00 6.05 27.56
C PHE A 266 15.14 7.26 27.76
N GLU A 267 15.76 8.43 27.70
CA GLU A 267 15.05 9.68 27.76
C GLU A 267 14.13 9.86 26.55
N ASP A 268 14.56 9.35 25.41
CA ASP A 268 13.79 9.53 24.19
C ASP A 268 12.60 8.59 24.11
N HIS A 269 12.57 7.56 24.97
CA HIS A 269 11.38 6.71 25.10
C HIS A 269 10.22 7.52 25.61
N CYS A 270 10.52 8.45 26.50
CA CYS A 270 9.51 9.19 27.26
C CYS A 270 8.56 10.07 26.47
N LYS A 271 8.73 10.14 25.15
CA LYS A 271 7.82 10.94 24.32
C LYS A 271 6.66 10.13 23.74
N TYR A 272 6.66 8.83 23.98
CA TYR A 272 5.57 7.95 23.56
C TYR A 272 4.74 7.52 24.78
N LYS A 273 3.44 7.43 24.58
CA LYS A 273 2.50 7.12 25.66
C LYS A 273 2.60 5.68 26.10
N TYR A 274 2.80 4.77 25.15
CA TYR A 274 2.63 3.36 25.43
C TYR A 274 3.91 2.57 25.14
N LEU A 275 4.62 2.23 26.22
CA LEU A 275 5.95 1.62 26.12
C LEU A 275 5.94 0.13 26.50
N PHE A 276 6.38 -0.71 25.57
CA PHE A 276 6.38 -2.17 25.73
C PHE A 276 7.68 -2.77 26.29
N ASN A 277 7.55 -3.71 27.21
CA ASN A 277 8.71 -4.41 27.76
C ASN A 277 8.62 -5.93 27.64
N PHE A 278 9.60 -6.51 26.95
CA PHE A 278 9.64 -7.94 26.68
C PHE A 278 10.83 -8.58 27.41
N ARG A 279 10.73 -9.87 27.73
CA ARG A 279 11.89 -10.59 28.25
C ARG A 279 12.93 -10.76 27.13
N GLY A 280 14.17 -11.01 27.52
CA GLY A 280 15.22 -11.30 26.54
C GLY A 280 15.73 -12.71 26.69
N VAL A 281 17.03 -12.84 26.96
CA VAL A 281 17.59 -14.15 27.30
C VAL A 281 16.89 -14.58 28.58
N ALA A 282 16.87 -13.65 29.55
CA ALA A 282 16.03 -13.71 30.74
C ALA A 282 15.22 -12.39 30.86
N ALA A 283 15.02 -11.87 32.07
CA ALA A 283 14.33 -10.57 32.22
C ALA A 283 15.18 -9.42 31.69
N SER A 284 14.53 -8.35 31.22
CA SER A 284 15.23 -7.26 30.54
C SER A 284 15.43 -6.07 31.45
N PHE A 285 16.55 -5.37 31.28
CA PHE A 285 16.87 -4.25 32.13
C PHE A 285 15.98 -3.06 31.82
N ARG A 286 15.34 -3.13 30.64
CA ARG A 286 14.52 -2.04 30.10
C ARG A 286 13.44 -1.60 31.07
N LEU A 287 12.78 -2.58 31.70
CA LEU A 287 11.55 -2.34 32.48
C LEU A 287 11.61 -1.13 33.43
N LYS A 288 12.48 -1.21 34.43
CA LYS A 288 12.66 -0.14 35.44
C LYS A 288 12.78 1.29 34.87
N HIS A 289 13.41 1.39 33.69
CA HIS A 289 13.62 2.68 33.02
C HIS A 289 12.37 3.15 32.38
N LEU A 290 11.55 2.20 31.93
CA LEU A 290 10.34 2.54 31.20
C LEU A 290 9.32 3.23 32.09
N PHE A 291 9.28 2.85 33.36
CA PHE A 291 8.33 3.40 34.32
C PHE A 291 8.58 4.85 34.61
N LEU A 292 9.86 5.22 34.75
CA LEU A 292 10.22 6.61 35.06
C LEU A 292 9.96 7.60 33.94
N CYS A 293 9.46 7.13 32.81
CA CYS A 293 9.02 8.04 31.77
C CYS A 293 7.63 8.62 32.07
N LYS A 294 6.96 8.08 33.09
CA LYS A 294 5.54 8.38 33.33
C LYS A 294 4.68 8.08 32.10
N SER A 295 5.12 7.10 31.32
CA SER A 295 4.32 6.56 30.22
C SER A 295 3.71 5.23 30.66
N LEU A 296 2.75 4.74 29.89
CA LEU A 296 2.09 3.47 30.23
C LEU A 296 2.93 2.27 29.80
N VAL A 297 3.37 1.50 30.78
CA VAL A 297 4.24 0.36 30.56
C VAL A 297 3.45 -0.91 30.24
N PHE A 298 3.69 -1.48 29.06
CA PHE A 298 3.10 -2.75 28.68
C PHE A 298 4.13 -3.86 28.87
N HIS A 299 3.89 -4.71 29.85
CA HIS A 299 4.82 -5.79 30.19
C HIS A 299 4.32 -7.12 29.69
N VAL A 300 5.02 -7.70 28.71
CA VAL A 300 4.62 -8.96 28.08
C VAL A 300 5.29 -10.19 28.69
N GLY A 301 4.49 -11.17 29.08
CA GLY A 301 5.03 -12.33 29.77
C GLY A 301 5.04 -12.10 31.26
N ASP A 302 4.89 -13.20 32.00
CA ASP A 302 4.78 -13.15 33.45
C ASP A 302 5.76 -14.17 34.06
N GLU A 303 6.56 -14.78 33.21
CA GLU A 303 7.50 -15.82 33.65
C GLU A 303 8.76 -15.24 34.28
N TRP A 304 9.46 -14.38 33.54
CA TRP A 304 10.80 -13.96 33.94
C TRP A 304 10.80 -12.79 34.86
N GLN A 305 11.59 -12.90 35.93
CA GLN A 305 11.58 -11.96 37.05
C GLN A 305 12.97 -11.42 37.35
N GLU A 306 13.05 -10.18 37.83
CA GLU A 306 14.14 -9.75 38.69
C GLU A 306 13.53 -9.61 40.07
N PHE A 307 14.38 -9.51 41.10
CA PHE A 307 13.93 -9.44 42.50
C PHE A 307 12.74 -8.52 42.81
N PHE A 308 12.67 -7.34 42.17
CA PHE A 308 11.64 -6.37 42.53
C PHE A 308 10.27 -6.60 41.91
N TYR A 309 10.24 -7.41 40.83
CA TYR A 309 9.03 -7.65 40.03
C TYR A 309 7.81 -8.10 40.83
N ASP A 310 8.06 -8.93 41.84
CA ASP A 310 7.00 -9.51 42.64
C ASP A 310 6.02 -8.45 43.11
N GLN A 311 6.57 -7.29 43.48
CA GLN A 311 5.78 -6.17 43.99
C GLN A 311 5.21 -5.27 42.89
N LEU A 312 5.65 -5.48 41.66
CA LEU A 312 5.04 -4.80 40.53
C LEU A 312 3.76 -5.55 40.21
N LYS A 313 2.63 -4.88 40.45
CA LYS A 313 1.31 -5.47 40.34
C LYS A 313 0.62 -5.01 39.06
N PRO A 314 0.14 -5.97 38.24
CA PRO A 314 -0.55 -5.69 36.98
C PRO A 314 -1.84 -4.89 37.20
N TRP A 315 -2.19 -4.07 36.20
CA TRP A 315 -3.37 -3.19 36.22
C TRP A 315 -3.31 -2.08 37.24
N VAL A 316 -2.41 -2.23 38.22
CA VAL A 316 -2.11 -1.14 39.17
C VAL A 316 -0.98 -0.31 38.59
N HIS A 317 0.15 -0.96 38.40
CA HIS A 317 1.36 -0.31 37.94
C HIS A 317 1.58 -0.39 36.46
N TYR A 318 1.11 -1.47 35.83
CA TYR A 318 1.32 -1.66 34.40
C TYR A 318 0.21 -2.49 33.73
N VAL A 319 0.24 -2.54 32.40
CA VAL A 319 -0.67 -3.36 31.64
C VAL A 319 -0.01 -4.72 31.47
N PRO A 320 -0.70 -5.80 31.91
CA PRO A 320 -0.16 -7.13 31.66
C PRO A 320 -0.55 -7.69 30.29
N LEU A 321 0.37 -8.43 29.68
CA LEU A 321 0.16 -9.15 28.42
C LEU A 321 0.81 -10.54 28.38
N LYS A 322 0.02 -11.58 28.13
CA LYS A 322 0.54 -12.95 28.03
C LYS A 322 1.66 -13.09 27.01
N SER A 323 2.63 -13.94 27.28
CA SER A 323 3.73 -14.25 26.34
C SER A 323 3.23 -14.62 24.95
N TYR A 324 3.97 -14.20 23.93
CA TYR A 324 3.52 -14.32 22.53
C TYR A 324 2.15 -13.69 22.26
N PRO A 325 2.06 -12.34 22.40
CA PRO A 325 0.79 -11.67 22.09
C PRO A 325 0.60 -11.59 20.58
N SER A 326 -0.66 -11.53 20.16
CA SER A 326 -0.99 -11.41 18.76
C SER A 326 -1.06 -9.95 18.34
N GLN A 327 -1.03 -9.70 17.04
CA GLN A 327 -1.25 -8.37 16.51
C GLN A 327 -2.61 -7.84 16.92
N GLN A 328 -3.63 -8.72 16.94
CA GLN A 328 -4.99 -8.37 17.33
C GLN A 328 -5.17 -8.12 18.82
N GLU A 329 -4.43 -8.83 19.66
CA GLU A 329 -4.42 -8.52 21.08
C GLU A 329 -3.98 -7.06 21.19
N TYR A 330 -2.91 -6.73 20.47
CA TYR A 330 -2.27 -5.44 20.61
C TYR A 330 -3.21 -4.31 20.24
N GLU A 331 -3.83 -4.43 19.06
CA GLU A 331 -4.73 -3.38 18.58
C GLU A 331 -5.84 -3.11 19.58
N HIS A 332 -6.42 -4.18 20.12
CA HIS A 332 -7.50 -4.06 21.09
C HIS A 332 -7.09 -3.41 22.36
N ILE A 333 -5.87 -3.66 22.82
CA ILE A 333 -5.40 -3.12 24.09
C ILE A 333 -4.94 -1.66 23.97
N LEU A 334 -4.25 -1.36 22.86
CA LEU A 334 -3.83 0.01 22.57
C LEU A 334 -5.05 0.84 22.21
N SER A 335 -5.96 0.28 21.42
CA SER A 335 -7.24 0.93 21.13
C SER A 335 -8.04 1.19 22.40
N PHE A 336 -8.02 0.26 23.35
CA PHE A 336 -8.72 0.49 24.61
C PHE A 336 -8.15 1.68 25.37
N PHE A 337 -6.83 1.80 25.44
CA PHE A 337 -6.24 2.80 26.29
C PHE A 337 -6.17 4.16 25.62
N LYS A 338 -6.10 4.15 24.29
CA LYS A 338 -6.26 5.37 23.51
C LYS A 338 -7.68 5.91 23.67
N LYS A 339 -8.61 5.00 23.96
CA LYS A 339 -10.03 5.31 24.22
C LYS A 339 -10.38 5.40 25.71
N ASN A 340 -9.38 5.28 26.57
CA ASN A 340 -9.56 5.48 28.00
C ASN A 340 -8.33 6.18 28.56
N ASP A 341 -8.20 7.45 28.20
CA ASP A 341 -6.98 8.24 28.41
C ASP A 341 -6.75 8.60 29.87
N ALA A 342 -7.85 8.89 30.57
CA ALA A 342 -7.81 9.21 31.99
C ALA A 342 -7.38 7.98 32.79
N LEU A 343 -7.89 6.81 32.39
CA LEU A 343 -7.56 5.52 33.04
C LEU A 343 -6.11 5.11 32.83
N ALA A 344 -5.63 5.23 31.58
CA ALA A 344 -4.22 5.00 31.23
C ALA A 344 -3.29 5.79 32.13
N GLN A 345 -3.52 7.11 32.19
CA GLN A 345 -2.71 8.04 32.97
C GLN A 345 -2.61 7.64 34.44
N GLU A 346 -3.72 7.19 35.02
CA GLU A 346 -3.74 6.77 36.43
C GLU A 346 -2.73 5.66 36.65
N ILE A 347 -2.67 4.74 35.70
CA ILE A 347 -1.77 3.59 35.80
C ILE A 347 -0.33 4.03 35.63
N ALA A 348 -0.08 4.88 34.63
CA ALA A 348 1.28 5.35 34.33
C ALA A 348 1.89 5.99 35.57
N GLN A 349 1.08 6.84 36.19
CA GLN A 349 1.42 7.58 37.38
C GLN A 349 1.84 6.65 38.53
N ARG A 350 0.97 5.69 38.89
CA ARG A 350 1.28 4.74 39.98
C ARG A 350 2.50 3.90 39.67
N GLY A 351 2.60 3.42 38.43
CA GLY A 351 3.77 2.69 37.94
C GLY A 351 5.04 3.50 38.14
N TYR A 352 5.00 4.77 37.74
CA TYR A 352 6.12 5.68 37.96
C TYR A 352 6.45 5.79 39.44
N ASP A 353 5.42 6.05 40.27
CA ASP A 353 5.63 6.32 41.69
C ASP A 353 6.31 5.13 42.38
N PHE A 354 5.92 3.92 41.98
CA PHE A 354 6.47 2.69 42.57
C PHE A 354 7.98 2.55 42.40
N ILE A 355 8.43 2.54 41.15
CA ILE A 355 9.86 2.53 40.84
C ILE A 355 10.56 3.70 41.52
N TRP A 356 9.87 4.83 41.64
CA TRP A 356 10.46 5.99 42.26
C TRP A 356 10.61 5.81 43.73
N GLU A 357 9.58 5.25 44.37
CA GLU A 357 9.56 5.15 45.83
C GLU A 357 10.22 3.89 46.38
N HIS A 358 10.23 2.82 45.59
CA HIS A 358 10.66 1.52 46.10
C HIS A 358 11.74 0.85 45.28
N LEU A 359 12.38 1.61 44.39
CA LEU A 359 13.57 1.15 43.67
C LEU A 359 14.66 2.24 43.63
N ARG A 360 14.89 2.89 44.77
CA ARG A 360 15.98 3.84 44.98
C ARG A 360 17.25 3.03 45.25
N MET A 361 18.42 3.63 45.10
CA MET A 361 19.67 2.93 45.42
C MET A 361 19.63 2.40 46.85
N LYS A 362 18.96 3.15 47.72
CA LYS A 362 18.75 2.71 49.09
C LYS A 362 18.03 1.35 49.16
N ASP A 363 17.01 1.17 48.31
CA ASP A 363 16.26 -0.09 48.25
C ASP A 363 17.13 -1.24 47.75
N ILE A 364 18.08 -0.92 46.87
CA ILE A 364 18.96 -1.92 46.28
C ILE A 364 19.98 -2.41 47.31
N LYS A 365 20.69 -1.47 47.93
CA LYS A 365 21.71 -1.80 48.91
C LYS A 365 21.13 -2.59 50.09
N CYS A 366 19.95 -2.20 50.55
CA CYS A 366 19.39 -2.86 51.74
C CYS A 366 18.81 -4.25 51.43
N TYR A 367 18.34 -4.47 50.19
CA TYR A 367 17.97 -5.82 49.76
C TYR A 367 19.20 -6.72 49.76
N TRP A 368 20.28 -6.26 49.15
CA TRP A 368 21.57 -6.90 49.28
C TRP A 368 21.88 -7.27 50.71
N ARG A 369 21.64 -6.33 51.62
CA ARG A 369 22.04 -6.48 53.01
C ARG A 369 21.23 -7.55 53.76
N LYS A 370 19.92 -7.41 53.73
CA LYS A 370 19.04 -8.36 54.39
C LYS A 370 19.20 -9.77 53.77
N LEU A 371 19.36 -9.84 52.43
CA LEU A 371 19.51 -11.10 51.69
C LEU A 371 20.68 -11.92 52.23
N LEU A 372 21.86 -11.31 52.26
CA LEU A 372 23.03 -12.00 52.77
C LEU A 372 22.90 -12.35 54.26
N LYS A 373 22.27 -11.49 55.04
CA LYS A 373 22.13 -11.71 56.48
C LYS A 373 21.26 -12.92 56.87
N ARG A 374 20.20 -13.13 56.11
CA ARG A 374 19.32 -14.28 56.31
C ARG A 374 19.93 -15.53 55.69
N TYR A 375 20.79 -15.33 54.69
CA TYR A 375 21.48 -16.42 53.98
C TYR A 375 22.56 -17.03 54.83
N VAL A 376 23.36 -16.20 55.49
CA VAL A 376 24.47 -16.67 56.31
C VAL A 376 23.98 -17.61 57.41
N LYS A 377 22.78 -17.34 57.91
CA LYS A 377 22.17 -18.13 58.97
C LYS A 377 21.88 -19.58 58.58
N LEU A 378 21.60 -19.82 57.29
CA LEU A 378 21.34 -21.17 56.74
C LEU A 378 22.56 -22.08 56.73
N LEU A 379 23.76 -21.49 56.69
CA LEU A 379 25.01 -22.25 56.52
C LEU A 379 25.31 -23.14 57.73
N GLN A 380 25.44 -24.44 57.47
CA GLN A 380 25.67 -25.46 58.52
C GLN A 380 27.16 -25.80 58.75
N TYR A 381 28.05 -24.92 58.33
CA TYR A 381 29.48 -25.22 58.33
C TYR A 381 30.36 -23.97 58.60
N GLU A 382 31.63 -24.19 58.92
CA GLU A 382 32.56 -23.10 59.17
C GLU A 382 33.30 -22.67 57.89
N VAL A 383 33.12 -21.41 57.51
CA VAL A 383 33.80 -20.83 56.35
C VAL A 383 35.29 -20.75 56.63
N LYS A 384 36.09 -21.49 55.85
CA LYS A 384 37.56 -21.47 55.95
C LYS A 384 38.11 -20.69 54.76
N PRO A 385 39.22 -19.94 54.95
CA PRO A 385 39.78 -19.22 53.78
C PRO A 385 40.30 -20.18 52.73
N GLU A 386 40.46 -19.68 51.51
CA GLU A 386 40.89 -20.49 50.36
C GLU A 386 41.89 -19.69 49.54
N ASP A 387 43.07 -20.28 49.33
CA ASP A 387 44.24 -19.59 48.78
C ASP A 387 44.12 -19.17 47.32
N GLN A 388 43.54 -20.04 46.49
CA GLN A 388 43.38 -19.78 45.07
C GLN A 388 42.52 -18.54 44.78
N LEU A 389 41.74 -18.12 45.78
CA LEU A 389 40.90 -16.93 45.69
C LEU A 389 41.71 -15.65 45.72
N ILE A 390 41.30 -14.63 44.98
CA ILE A 390 41.98 -13.34 44.97
C ILE A 390 41.35 -12.31 45.90
N TYR A 391 42.19 -11.46 46.46
CA TYR A 391 41.72 -10.44 47.37
C TYR A 391 41.02 -9.32 46.58
N ILE A 392 39.77 -9.05 46.93
CA ILE A 392 39.01 -8.01 46.23
C ILE A 392 39.01 -6.66 46.95
N GLY A 393 38.77 -6.65 48.27
CA GLY A 393 38.80 -5.41 49.06
C GLY A 393 38.18 -5.51 50.45
N PRO A 394 38.03 -4.37 51.15
CA PRO A 394 38.35 -3.00 50.73
C PRO A 394 39.72 -2.53 51.20
N ASN B 30 15.65 -21.22 23.33
CA ASN B 30 14.40 -20.83 22.61
C ASN B 30 13.36 -21.96 22.67
N GLU B 31 13.50 -23.01 21.85
CA GLU B 31 12.56 -24.15 21.87
C GLU B 31 12.55 -24.87 23.22
N ASP B 32 13.74 -25.01 23.81
CA ASP B 32 13.95 -25.82 25.01
C ASP B 32 13.30 -25.24 26.26
N GLU B 33 13.39 -23.92 26.44
CA GLU B 33 12.69 -23.25 27.53
C GLU B 33 11.19 -23.47 27.43
N PHE B 34 10.66 -23.25 26.22
CA PHE B 34 9.26 -23.48 25.89
C PHE B 34 8.82 -24.88 26.28
N SER B 35 9.51 -25.90 25.77
CA SER B 35 9.19 -27.32 26.04
C SER B 35 9.03 -27.63 27.53
N PHE B 36 10.04 -27.25 28.31
CA PHE B 36 9.96 -27.42 29.76
C PHE B 36 8.75 -26.67 30.36
N LYS B 37 8.58 -25.40 29.97
CA LYS B 37 7.49 -24.58 30.51
C LYS B 37 6.17 -25.34 30.44
N ILE B 38 5.93 -25.98 29.29
CA ILE B 38 4.72 -26.77 29.07
C ILE B 38 4.66 -28.01 29.97
N ARG B 39 5.72 -28.83 29.96
CA ARG B 39 5.78 -30.08 30.73
C ARG B 39 5.54 -29.85 32.21
N ARG B 40 6.21 -28.82 32.74
CA ARG B 40 6.05 -28.39 34.13
C ARG B 40 4.58 -28.12 34.42
N GLN B 41 3.93 -27.38 33.52
CA GLN B 41 2.52 -27.03 33.64
C GLN B 41 1.66 -28.28 33.62
N ILE B 42 2.02 -29.23 32.75
CA ILE B 42 1.31 -30.50 32.66
C ILE B 42 1.57 -31.36 33.90
N GLU B 43 2.82 -31.45 34.35
CA GLU B 43 3.15 -32.19 35.57
C GLU B 43 2.37 -31.61 36.75
N LYS B 44 2.43 -30.29 36.90
CA LYS B 44 1.75 -29.58 37.98
C LYS B 44 0.24 -29.83 37.95
N ALA B 45 -0.31 -29.83 36.74
CA ALA B 45 -1.77 -29.96 36.50
C ALA B 45 -2.32 -31.28 37.00
N ASN B 46 -1.67 -32.37 36.59
CA ASN B 46 -2.15 -33.71 36.90
C ASN B 46 -1.80 -34.19 38.31
N ALA B 47 -0.73 -33.65 38.89
CA ALA B 47 -0.41 -33.92 40.30
C ALA B 47 -1.45 -33.26 41.22
N ASP B 48 -1.93 -32.10 40.81
CA ASP B 48 -2.99 -31.39 41.54
C ASP B 48 -4.39 -31.95 41.27
N TYR B 49 -4.56 -32.70 40.20
CA TYR B 49 -5.89 -33.17 39.79
C TYR B 49 -6.61 -34.12 40.77
N LYS B 50 -7.89 -33.82 41.04
CA LYS B 50 -8.76 -34.72 41.81
C LYS B 50 -10.08 -34.97 41.04
N PRO B 51 -10.48 -36.26 40.90
CA PRO B 51 -11.69 -36.58 40.11
C PRO B 51 -12.93 -35.84 40.61
N CYS B 52 -13.81 -35.48 39.67
CA CYS B 52 -14.94 -34.57 39.94
C CYS B 52 -16.03 -35.16 40.84
N SER B 53 -16.07 -36.49 40.90
CA SER B 53 -16.92 -37.20 41.85
C SER B 53 -16.08 -38.33 42.42
N SER B 54 -16.40 -38.74 43.65
CA SER B 54 -15.66 -39.80 44.35
C SER B 54 -15.72 -41.14 43.61
N ASP B 55 -16.89 -41.48 43.10
CA ASP B 55 -17.01 -42.65 42.21
C ASP B 55 -17.38 -42.17 40.79
N PRO B 56 -16.85 -42.86 39.76
CA PRO B 56 -16.99 -42.43 38.35
C PRO B 56 -18.44 -42.34 37.87
N GLN B 57 -19.34 -43.12 38.47
CA GLN B 57 -20.74 -43.11 38.10
C GLN B 57 -21.52 -41.90 38.60
N ASP B 58 -20.94 -41.19 39.57
CA ASP B 58 -21.50 -39.95 40.16
C ASP B 58 -22.95 -40.07 40.59
N SER B 59 -23.21 -40.80 41.67
CA SER B 59 -24.57 -41.12 42.12
C SER B 59 -25.36 -39.92 42.63
N ASP B 60 -24.69 -39.12 43.45
CA ASP B 60 -25.29 -37.94 44.06
C ASP B 60 -25.33 -36.76 43.09
N CYS B 61 -25.03 -37.04 41.81
CA CYS B 61 -24.95 -36.03 40.74
C CYS B 61 -24.08 -34.84 41.18
N SER B 62 -22.86 -35.14 41.61
CA SER B 62 -22.02 -34.14 42.27
C SER B 62 -20.92 -33.54 41.40
N CYS B 63 -20.64 -34.17 40.26
CA CYS B 63 -19.56 -33.75 39.38
C CYS B 63 -19.57 -32.24 39.04
N HIS B 64 -20.74 -31.68 38.75
CA HIS B 64 -20.85 -30.27 38.37
C HIS B 64 -21.58 -29.42 39.39
N ALA B 65 -21.38 -29.75 40.66
CA ALA B 65 -22.05 -29.09 41.77
C ALA B 65 -21.44 -27.71 42.05
N ASN B 66 -20.13 -27.61 41.87
CA ASN B 66 -19.40 -26.39 42.16
C ASN B 66 -19.88 -25.17 41.41
N VAL B 67 -20.39 -25.39 40.21
CA VAL B 67 -20.90 -24.32 39.38
C VAL B 67 -22.22 -23.76 39.92
N LEU B 68 -23.17 -24.64 40.17
CA LEU B 68 -24.48 -24.19 40.62
C LEU B 68 -24.46 -23.61 42.03
N LYS B 69 -23.54 -24.11 42.86
CA LYS B 69 -23.40 -23.57 44.20
C LYS B 69 -22.93 -22.13 44.13
N ARG B 70 -21.99 -21.84 43.26
CA ARG B 70 -21.51 -20.48 43.09
C ARG B 70 -22.50 -19.62 42.32
N ASP B 71 -23.16 -20.21 41.34
CA ASP B 71 -24.10 -19.49 40.49
C ASP B 71 -25.32 -18.94 41.23
N LEU B 72 -25.78 -19.68 42.23
CA LEU B 72 -26.92 -19.29 43.06
C LEU B 72 -26.45 -18.52 44.29
N ALA B 73 -25.14 -18.50 44.52
CA ALA B 73 -24.54 -17.87 45.71
C ALA B 73 -25.00 -16.41 45.98
N PRO B 74 -24.95 -15.52 44.96
CA PRO B 74 -25.36 -14.13 45.15
C PRO B 74 -26.80 -13.89 45.71
N TYR B 75 -27.59 -14.94 45.90
CA TYR B 75 -28.96 -14.80 46.39
C TYR B 75 -29.20 -15.57 47.69
N LYS B 76 -28.13 -15.95 48.38
CA LYS B 76 -28.25 -16.85 49.52
C LYS B 76 -28.81 -16.20 50.79
N SER B 77 -28.30 -15.03 51.17
CA SER B 77 -28.77 -14.35 52.38
C SER B 77 -30.17 -13.71 52.20
N THR B 78 -30.36 -13.02 51.08
CA THR B 78 -31.59 -12.29 50.78
C THR B 78 -32.69 -13.17 50.19
N GLY B 79 -32.27 -14.11 49.32
CA GLY B 79 -33.23 -14.89 48.54
C GLY B 79 -33.71 -14.09 47.33
N VAL B 80 -34.67 -14.67 46.59
CA VAL B 80 -35.22 -14.11 45.37
C VAL B 80 -36.65 -13.66 45.68
N THR B 81 -36.91 -12.35 45.55
CA THR B 81 -38.23 -11.77 45.85
C THR B 81 -39.11 -11.71 44.59
N ARG B 82 -40.42 -11.50 44.75
CA ARG B 82 -41.30 -11.35 43.58
C ARG B 82 -40.87 -10.14 42.76
N GLN B 83 -40.31 -9.14 43.44
CA GLN B 83 -39.79 -7.96 42.76
C GLN B 83 -38.67 -8.33 41.80
N MET B 84 -37.67 -9.03 42.33
CA MET B 84 -36.51 -9.46 41.52
C MET B 84 -36.92 -10.16 40.23
N ILE B 85 -37.85 -11.11 40.34
CA ILE B 85 -38.35 -11.82 39.18
C ILE B 85 -38.99 -10.86 38.17
N GLU B 86 -39.96 -10.08 38.64
CA GLU B 86 -40.67 -9.11 37.79
C GLU B 86 -39.68 -8.14 37.12
N SER B 87 -38.67 -7.76 37.87
CA SER B 87 -37.66 -6.85 37.39
C SER B 87 -36.80 -7.50 36.31
N SER B 88 -36.48 -8.77 36.51
CA SER B 88 -35.55 -9.48 35.63
C SER B 88 -36.22 -10.03 34.36
N ALA B 89 -37.55 -10.07 34.34
CA ALA B 89 -38.32 -10.69 33.25
C ALA B 89 -38.04 -10.13 31.86
N ARG B 90 -37.59 -8.89 31.78
CA ARG B 90 -37.23 -8.28 30.50
C ARG B 90 -36.04 -8.98 29.84
N TYR B 91 -35.39 -9.86 30.59
CA TYR B 91 -34.11 -10.46 30.22
C TYR B 91 -34.22 -11.91 29.81
N GLY B 92 -35.45 -12.43 29.73
CA GLY B 92 -35.62 -13.82 29.30
C GLY B 92 -37.05 -14.25 29.03
N THR B 93 -37.20 -15.51 28.64
CA THR B 93 -38.52 -16.10 28.50
C THR B 93 -38.99 -16.56 29.87
N LYS B 94 -40.17 -16.08 30.27
CA LYS B 94 -40.71 -16.37 31.59
C LYS B 94 -41.32 -17.76 31.61
N TYR B 95 -40.70 -18.62 32.44
CA TYR B 95 -41.15 -19.99 32.72
C TYR B 95 -41.62 -20.10 34.17
N LYS B 96 -42.77 -20.73 34.37
CA LYS B 96 -43.28 -20.97 35.70
C LYS B 96 -43.76 -22.40 35.84
N ILE B 97 -43.36 -23.02 36.94
CA ILE B 97 -43.91 -24.29 37.31
C ILE B 97 -44.99 -23.96 38.33
N TYR B 98 -46.21 -24.39 38.05
CA TYR B 98 -47.31 -24.21 39.00
C TYR B 98 -48.20 -25.43 39.05
N GLY B 99 -48.33 -25.99 40.25
CA GLY B 99 -49.19 -27.14 40.47
C GLY B 99 -48.77 -28.27 39.56
N HIS B 100 -47.46 -28.35 39.34
CA HIS B 100 -46.87 -29.35 38.46
C HIS B 100 -47.45 -29.30 37.07
N ARG B 101 -47.57 -28.07 36.56
CA ARG B 101 -47.82 -27.82 35.14
C ARG B 101 -46.85 -26.73 34.71
N LEU B 102 -46.46 -26.72 33.45
CA LEU B 102 -45.47 -25.75 33.02
C LEU B 102 -46.17 -24.64 32.24
N TYR B 103 -45.81 -23.40 32.58
CA TYR B 103 -46.40 -22.21 31.99
C TYR B 103 -45.29 -21.29 31.52
N ARG B 104 -45.45 -20.66 30.37
CA ARG B 104 -44.39 -19.84 29.77
C ARG B 104 -44.99 -18.66 29.01
N ASP B 105 -44.19 -17.61 28.78
CA ASP B 105 -44.61 -16.53 27.87
C ASP B 105 -45.01 -17.14 26.53
N ALA B 106 -45.98 -16.52 25.86
CA ALA B 106 -46.39 -16.97 24.53
C ALA B 106 -45.25 -16.80 23.52
N ASN B 107 -44.65 -15.61 23.48
CA ASN B 107 -43.59 -15.33 22.51
C ASN B 107 -42.25 -15.86 22.95
N CYS B 108 -41.86 -16.98 22.36
CA CYS B 108 -40.50 -17.47 22.51
C CYS B 108 -39.67 -16.93 21.36
N MET B 109 -38.62 -16.19 21.70
CA MET B 109 -37.74 -15.55 20.70
C MET B 109 -37.22 -16.56 19.68
N PHE B 110 -36.72 -17.69 20.17
CA PHE B 110 -36.19 -18.78 19.33
C PHE B 110 -36.94 -20.09 19.63
N PRO B 111 -38.03 -20.36 18.90
CA PRO B 111 -38.96 -21.43 19.23
C PRO B 111 -38.31 -22.79 19.43
N ALA B 112 -37.30 -23.09 18.63
CA ALA B 112 -36.60 -24.39 18.74
C ALA B 112 -35.82 -24.50 20.05
N ARG B 113 -35.25 -23.37 20.47
CA ARG B 113 -34.46 -23.33 21.70
C ARG B 113 -35.33 -23.56 22.93
N CYS B 114 -36.57 -23.05 22.87
CA CYS B 114 -37.58 -23.35 23.87
C CYS B 114 -37.83 -24.85 23.98
N GLU B 115 -37.98 -25.52 22.84
CA GLU B 115 -38.27 -26.94 22.84
C GLU B 115 -37.10 -27.78 23.39
N GLY B 116 -35.87 -27.32 23.16
CA GLY B 116 -34.69 -27.96 23.73
C GLY B 116 -34.70 -27.94 25.25
N ILE B 117 -35.05 -26.79 25.81
CA ILE B 117 -35.18 -26.61 27.26
C ILE B 117 -36.35 -27.41 27.81
N GLU B 118 -37.50 -27.28 27.16
CA GLU B 118 -38.72 -27.95 27.62
C GLU B 118 -38.65 -29.48 27.65
N HIS B 119 -37.84 -30.10 26.79
CA HIS B 119 -37.63 -31.56 26.81
C HIS B 119 -37.12 -32.04 28.14
N PHE B 120 -36.31 -31.21 28.79
CA PHE B 120 -35.79 -31.52 30.13
C PHE B 120 -36.72 -31.05 31.27
N LEU B 121 -37.33 -29.86 31.11
CA LEU B 121 -38.22 -29.31 32.15
C LEU B 121 -39.46 -30.16 32.43
N LEU B 122 -40.14 -30.59 31.38
CA LEU B 122 -41.39 -31.29 31.52
C LEU B 122 -41.37 -32.52 32.45
N PRO B 123 -40.33 -33.38 32.37
CA PRO B 123 -40.43 -34.59 33.20
C PRO B 123 -40.16 -34.34 34.70
N LEU B 124 -39.40 -33.27 34.99
CA LEU B 124 -39.10 -32.85 36.35
C LEU B 124 -40.28 -32.13 36.98
N VAL B 125 -41.14 -31.58 36.11
CA VAL B 125 -42.30 -30.81 36.56
C VAL B 125 -43.20 -31.64 37.48
N ALA B 126 -43.29 -32.94 37.21
CA ALA B 126 -44.15 -33.83 37.98
C ALA B 126 -43.79 -33.89 39.46
N THR B 127 -42.51 -33.64 39.75
CA THR B 127 -41.99 -33.80 41.10
C THR B 127 -41.39 -32.51 41.63
N LEU B 128 -41.67 -31.41 40.95
CA LEU B 128 -41.11 -30.11 41.34
C LEU B 128 -42.10 -29.16 42.00
N PRO B 129 -41.63 -28.39 43.01
CA PRO B 129 -42.45 -27.33 43.59
C PRO B 129 -42.62 -26.17 42.59
N ASP B 130 -43.53 -25.25 42.90
CA ASP B 130 -43.74 -24.07 42.06
C ASP B 130 -42.51 -23.17 42.09
N MET B 131 -42.28 -22.44 40.99
CA MET B 131 -41.27 -21.38 40.96
C MET B 131 -41.49 -20.51 39.73
N ASP B 132 -40.84 -19.35 39.71
CA ASP B 132 -40.75 -18.54 38.51
C ASP B 132 -39.31 -18.63 38.02
N LEU B 133 -39.18 -18.66 36.70
CA LEU B 133 -37.87 -18.78 36.07
C LEU B 133 -37.78 -17.79 34.92
N ILE B 134 -36.76 -16.95 34.97
CA ILE B 134 -36.46 -16.08 33.83
C ILE B 134 -35.33 -16.74 33.06
N ILE B 135 -35.69 -17.41 31.97
CA ILE B 135 -34.73 -18.20 31.21
C ILE B 135 -34.41 -17.54 29.87
N ASN B 136 -33.18 -17.03 29.76
CA ASN B 136 -32.72 -16.34 28.57
C ASN B 136 -32.26 -17.31 27.48
N THR B 137 -32.92 -17.22 26.32
CA THR B 137 -32.68 -18.15 25.21
C THR B 137 -31.76 -17.58 24.11
N ARG B 138 -31.45 -16.29 24.22
CA ARG B 138 -30.41 -15.65 23.40
C ARG B 138 -29.01 -16.22 23.70
N ASP B 139 -28.06 -15.95 22.80
CA ASP B 139 -26.69 -16.42 22.94
C ASP B 139 -25.98 -15.76 24.11
N TYR B 140 -26.10 -14.43 24.17
CA TYR B 140 -25.31 -13.64 25.09
C TYR B 140 -26.00 -13.45 26.44
N PRO B 141 -25.23 -13.48 27.54
CA PRO B 141 -25.80 -13.23 28.87
C PRO B 141 -26.37 -11.79 29.02
N GLN B 142 -27.03 -11.51 30.15
CA GLN B 142 -27.82 -10.29 30.29
C GLN B 142 -27.42 -9.45 31.51
N LEU B 143 -27.16 -10.10 32.63
CA LEU B 143 -26.87 -9.42 33.90
C LEU B 143 -25.38 -9.07 34.07
N ASN B 144 -24.98 -8.02 33.37
CA ASN B 144 -23.67 -7.40 33.53
C ASN B 144 -23.46 -6.90 34.95
N ALA B 145 -22.51 -7.52 35.66
CA ALA B 145 -22.22 -7.17 37.05
C ALA B 145 -21.70 -5.74 37.25
N ALA B 146 -21.24 -5.10 36.17
CA ALA B 146 -20.79 -3.70 36.23
C ALA B 146 -21.93 -2.74 36.54
N TRP B 147 -23.06 -2.90 35.83
CA TRP B 147 -24.32 -2.24 36.23
C TRP B 147 -24.70 -2.82 37.56
N GLY B 148 -25.62 -2.16 38.25
CA GLY B 148 -26.05 -2.66 39.55
C GLY B 148 -27.51 -2.36 39.81
N ASN B 149 -28.10 -3.06 40.76
CA ASN B 149 -29.55 -2.95 41.04
C ASN B 149 -30.42 -3.43 39.87
N ALA B 150 -30.31 -2.78 38.72
CA ALA B 150 -31.14 -3.11 37.54
C ALA B 150 -30.84 -4.50 36.96
N ALA B 151 -29.62 -4.97 37.17
CA ALA B 151 -29.22 -6.24 36.59
C ALA B 151 -28.93 -7.28 37.68
N GLY B 152 -29.78 -7.32 38.71
CA GLY B 152 -29.57 -8.19 39.89
C GLY B 152 -29.98 -9.65 39.75
N GLY B 153 -30.97 -9.92 38.92
CA GLY B 153 -31.41 -11.28 38.63
C GLY B 153 -32.51 -11.85 39.52
N PRO B 154 -32.67 -13.19 39.52
CA PRO B 154 -31.95 -14.21 38.76
C PRO B 154 -32.46 -14.36 37.33
N VAL B 155 -31.55 -14.63 36.40
CA VAL B 155 -31.86 -14.97 35.02
C VAL B 155 -30.96 -16.14 34.65
N PHE B 156 -31.53 -17.15 34.00
CA PHE B 156 -30.74 -18.31 33.56
C PHE B 156 -30.26 -18.13 32.13
N SER B 157 -28.97 -18.29 31.91
CA SER B 157 -28.42 -18.25 30.55
C SER B 157 -27.55 -19.46 30.35
N PHE B 158 -27.26 -19.83 29.10
CA PHE B 158 -26.48 -21.04 28.86
C PHE B 158 -24.97 -20.78 28.97
N SER B 159 -24.57 -19.53 28.75
CA SER B 159 -23.15 -19.15 28.74
C SER B 159 -22.87 -17.77 29.35
N LYS B 160 -21.75 -17.66 30.07
CA LYS B 160 -21.38 -16.45 30.79
C LYS B 160 -19.87 -16.30 31.06
N THR B 161 -19.50 -15.15 31.60
CA THR B 161 -18.17 -14.92 32.19
C THR B 161 -18.31 -14.37 33.61
N LYS B 162 -17.17 -14.13 34.27
CA LYS B 162 -17.13 -13.50 35.60
C LYS B 162 -17.77 -12.13 35.62
N GLU B 163 -17.84 -11.51 34.43
CA GLU B 163 -18.63 -10.30 34.21
C GLU B 163 -20.12 -10.44 34.55
N TYR B 164 -20.70 -11.61 34.36
CA TYR B 164 -22.16 -11.71 34.41
C TYR B 164 -22.72 -12.40 35.64
N ARG B 165 -23.99 -12.13 35.94
CA ARG B 165 -24.63 -12.66 37.15
C ARG B 165 -25.60 -13.77 36.78
N ASP B 166 -25.71 -14.05 35.48
CA ASP B 166 -26.63 -15.08 34.98
C ASP B 166 -26.35 -16.43 35.60
N ILE B 167 -27.37 -17.19 35.95
CA ILE B 167 -27.15 -18.56 36.42
C ILE B 167 -27.07 -19.50 35.22
N MET B 168 -26.10 -20.39 35.21
CA MET B 168 -25.93 -21.25 34.04
C MET B 168 -26.85 -22.47 34.02
N TYR B 169 -27.45 -22.73 32.87
CA TYR B 169 -28.20 -23.96 32.63
C TYR B 169 -27.62 -24.81 31.50
N PRO B 170 -27.96 -26.12 31.45
CA PRO B 170 -27.55 -26.91 30.29
C PRO B 170 -28.23 -26.42 29.02
N ALA B 171 -27.43 -26.17 27.99
CA ALA B 171 -27.90 -25.62 26.72
C ALA B 171 -29.04 -26.41 26.09
N TRP B 172 -29.85 -25.69 25.30
CA TRP B 172 -30.96 -26.29 24.57
C TRP B 172 -30.48 -27.36 23.63
N THR B 173 -29.28 -27.16 23.10
CA THR B 173 -28.73 -28.02 22.06
C THR B 173 -28.50 -29.48 22.44
N PHE B 174 -28.49 -29.77 23.74
CA PHE B 174 -28.41 -31.16 24.17
C PHE B 174 -29.64 -31.94 23.67
N TRP B 175 -30.67 -31.20 23.24
CA TRP B 175 -31.86 -31.80 22.64
C TRP B 175 -32.27 -31.24 21.30
N ALA B 176 -32.30 -29.91 21.16
CA ALA B 176 -32.71 -29.27 19.90
C ALA B 176 -32.49 -27.75 19.92
N GLY B 177 -32.71 -27.09 18.78
CA GLY B 177 -32.59 -25.64 18.71
C GLY B 177 -31.19 -25.08 18.54
N GLY B 178 -30.21 -25.97 18.33
CA GLY B 178 -28.82 -25.56 18.08
C GLY B 178 -28.66 -24.95 16.70
N PRO B 179 -27.47 -24.43 16.39
CA PRO B 179 -27.20 -23.87 15.07
C PRO B 179 -27.68 -24.78 13.95
N ALA B 180 -28.29 -24.18 12.93
CA ALA B 180 -28.66 -24.94 11.75
C ALA B 180 -27.52 -24.84 10.74
N THR B 181 -27.32 -25.93 10.03
CA THR B 181 -26.40 -25.98 8.91
C THR B 181 -27.01 -26.92 7.88
N LYS B 182 -26.31 -27.15 6.78
CA LYS B 182 -26.79 -28.10 5.76
C LYS B 182 -26.85 -29.53 6.32
N LEU B 183 -25.84 -29.89 7.12
CA LEU B 183 -25.73 -31.23 7.72
C LEU B 183 -26.70 -31.46 8.87
N HIS B 184 -27.16 -30.37 9.47
CA HIS B 184 -28.19 -30.39 10.52
C HIS B 184 -29.12 -29.23 10.29
N PRO B 185 -30.05 -29.39 9.32
CA PRO B 185 -30.95 -28.30 8.95
C PRO B 185 -32.01 -27.99 10.00
N ARG B 186 -32.38 -28.98 10.82
CA ARG B 186 -33.28 -28.73 11.95
C ARG B 186 -32.55 -28.10 13.13
N GLY B 187 -31.27 -27.79 12.92
CA GLY B 187 -30.39 -27.28 13.96
C GLY B 187 -29.78 -28.40 14.79
N ILE B 188 -28.50 -28.24 15.15
CA ILE B 188 -27.77 -29.27 15.90
C ILE B 188 -28.45 -29.63 17.22
N GLY B 189 -28.58 -30.92 17.47
CA GLY B 189 -29.22 -31.42 18.69
C GLY B 189 -28.89 -32.87 18.97
N ARG B 190 -29.78 -33.54 19.70
CA ARG B 190 -29.64 -34.96 20.04
C ARG B 190 -28.21 -35.36 20.45
N TRP B 191 -27.72 -34.76 21.54
CA TRP B 191 -26.40 -35.09 22.07
C TRP B 191 -26.25 -36.56 22.34
N ASP B 192 -27.36 -37.24 22.65
CA ASP B 192 -27.34 -38.71 22.84
C ASP B 192 -26.92 -39.50 21.59
N GLN B 193 -27.49 -39.15 20.43
CA GLN B 193 -27.16 -39.78 19.15
C GLN B 193 -25.79 -39.37 18.67
N MET B 194 -25.48 -38.10 18.91
CA MET B 194 -24.19 -37.54 18.57
C MET B 194 -23.09 -38.22 19.39
N ARG B 195 -23.45 -38.70 20.59
CA ARG B 195 -22.53 -39.47 21.44
C ARG B 195 -22.11 -40.82 20.87
N GLU B 196 -23.07 -41.65 20.49
CA GLU B 196 -22.82 -42.98 19.91
C GLU B 196 -22.08 -42.90 18.57
N LYS B 197 -22.52 -41.96 17.74
CA LYS B 197 -21.98 -41.70 16.42
C LYS B 197 -20.48 -41.38 16.50
N LEU B 198 -20.13 -40.50 17.43
CA LEU B 198 -18.76 -40.05 17.61
C LEU B 198 -17.89 -41.11 18.25
N GLU B 199 -18.50 -41.93 19.12
CA GLU B 199 -17.79 -43.00 19.83
C GLU B 199 -17.22 -44.01 18.83
N LYS B 200 -18.09 -44.42 17.91
CA LYS B 200 -17.75 -45.31 16.79
C LYS B 200 -16.61 -44.78 15.95
N ARG B 201 -16.77 -43.54 15.49
CA ARG B 201 -15.75 -42.87 14.68
C ARG B 201 -14.41 -42.74 15.41
N ALA B 202 -14.44 -42.47 16.72
CA ALA B 202 -13.20 -42.38 17.51
C ALA B 202 -12.47 -43.69 17.49
N ALA B 203 -13.23 -44.79 17.49
CA ALA B 203 -12.68 -46.14 17.37
C ALA B 203 -12.14 -46.43 15.95
N ALA B 204 -12.88 -45.99 14.93
CA ALA B 204 -12.49 -46.16 13.53
C ALA B 204 -11.14 -45.53 13.13
N ILE B 205 -10.78 -44.41 13.77
CA ILE B 205 -9.53 -43.72 13.48
C ILE B 205 -8.64 -43.69 14.73
N PRO B 206 -7.76 -44.71 14.87
CA PRO B 206 -6.74 -44.78 15.93
C PRO B 206 -5.74 -43.63 15.85
N TRP B 207 -5.00 -43.42 16.94
CA TRP B 207 -4.20 -42.21 17.17
C TRP B 207 -3.22 -41.98 16.07
N SER B 208 -2.46 -43.02 15.73
CA SER B 208 -1.39 -42.89 14.74
C SER B 208 -1.92 -42.67 13.33
N GLN B 209 -3.14 -43.10 13.06
CA GLN B 209 -3.74 -42.86 11.75
C GLN B 209 -4.37 -41.46 11.59
N LYS B 210 -4.52 -40.72 12.68
CA LYS B 210 -5.04 -39.35 12.61
C LYS B 210 -3.97 -38.42 12.02
N ARG B 211 -4.37 -37.56 11.08
CA ARG B 211 -3.49 -36.56 10.49
C ARG B 211 -2.86 -35.68 11.55
N SER B 212 -1.55 -35.45 11.45
CA SER B 212 -0.83 -34.58 12.37
C SER B 212 -0.96 -33.14 11.92
N LEU B 213 -2.21 -32.65 11.86
CA LEU B 213 -2.48 -31.28 11.48
C LEU B 213 -3.49 -30.59 12.40
N GLY B 214 -3.34 -29.28 12.57
CA GLY B 214 -4.35 -28.49 13.28
C GLY B 214 -5.60 -28.38 12.44
N PHE B 215 -6.77 -28.47 13.06
CA PHE B 215 -8.02 -28.42 12.31
C PHE B 215 -9.06 -27.50 12.91
N PHE B 216 -9.61 -26.63 12.06
CA PHE B 216 -10.82 -25.89 12.40
C PHE B 216 -11.71 -25.68 11.17
N ARG B 217 -13.02 -25.68 11.38
CA ARG B 217 -13.99 -25.48 10.32
C ARG B 217 -15.28 -24.88 10.88
N GLY B 218 -15.50 -23.60 10.59
CA GLY B 218 -16.60 -22.84 11.19
C GLY B 218 -16.56 -21.40 10.74
N SER B 219 -17.54 -20.62 11.20
CA SER B 219 -17.71 -19.24 10.72
C SER B 219 -17.05 -18.17 11.60
N ARG B 220 -16.98 -16.94 11.11
CA ARG B 220 -16.34 -15.85 11.85
C ARG B 220 -17.30 -15.19 12.81
N THR B 221 -17.50 -15.83 13.96
CA THR B 221 -18.37 -15.31 15.01
C THR B 221 -17.56 -14.55 16.06
N SER B 222 -16.24 -14.51 15.89
CA SER B 222 -15.35 -13.75 16.77
C SER B 222 -13.98 -13.62 16.12
N ASP B 223 -13.39 -12.43 16.22
CA ASP B 223 -12.09 -12.14 15.61
C ASP B 223 -10.93 -12.89 16.29
N GLU B 224 -11.23 -13.59 17.39
CA GLU B 224 -10.28 -14.50 18.03
C GLU B 224 -9.88 -15.67 17.15
N ARG B 225 -10.72 -15.98 16.16
CA ARG B 225 -10.46 -17.06 15.21
C ARG B 225 -9.52 -16.63 14.09
N ASP B 226 -9.37 -15.32 13.89
CA ASP B 226 -8.57 -14.81 12.77
C ASP B 226 -7.15 -15.37 12.66
N SER B 227 -6.36 -15.29 13.74
CA SER B 227 -4.95 -15.65 13.70
C SER B 227 -4.67 -17.07 13.20
N LEU B 228 -5.53 -18.03 13.55
CA LEU B 228 -5.37 -19.41 13.07
C LEU B 228 -5.60 -19.55 11.57
N ILE B 229 -6.65 -18.89 11.08
CA ILE B 229 -7.03 -18.95 9.67
C ILE B 229 -5.92 -18.39 8.78
N LEU B 230 -5.37 -17.26 9.20
CA LEU B 230 -4.24 -16.63 8.49
C LEU B 230 -3.02 -17.54 8.45
N LEU B 231 -2.68 -18.10 9.60
CA LEU B 231 -1.62 -19.09 9.70
C LEU B 231 -1.88 -20.29 8.76
N SER B 232 -3.14 -20.72 8.68
CA SER B 232 -3.51 -21.81 7.79
C SER B 232 -3.20 -21.49 6.33
N ARG B 233 -3.40 -20.23 5.95
CA ARG B 233 -3.20 -19.80 4.57
C ARG B 233 -1.71 -19.67 4.21
N ARG B 234 -0.90 -19.30 5.20
CA ARG B 234 0.54 -19.18 5.04
C ARG B 234 1.24 -20.55 5.13
N ASN B 235 0.70 -21.44 5.96
CA ASN B 235 1.30 -22.76 6.18
C ASN B 235 0.27 -23.91 6.21
N PRO B 236 -0.31 -24.25 5.05
CA PRO B 236 -1.36 -25.29 4.95
C PRO B 236 -0.94 -26.70 5.43
N GLU B 237 0.36 -27.00 5.38
CA GLU B 237 0.86 -28.30 5.84
C GLU B 237 0.77 -28.45 7.38
N LEU B 238 0.76 -27.32 8.09
CA LEU B 238 0.64 -27.33 9.55
C LEU B 238 -0.79 -27.16 10.06
N VAL B 239 -1.49 -26.12 9.58
CA VAL B 239 -2.84 -25.84 10.05
C VAL B 239 -3.81 -25.86 8.89
N GLU B 240 -4.92 -26.56 9.09
CA GLU B 240 -6.01 -26.65 8.10
C GLU B 240 -7.27 -25.97 8.68
N ALA B 241 -7.27 -24.63 8.62
CA ALA B 241 -8.32 -23.77 9.19
C ALA B 241 -8.92 -22.83 8.15
N GLN B 242 -10.25 -22.83 8.07
CA GLN B 242 -11.00 -22.09 7.03
C GLN B 242 -12.35 -21.61 7.55
N TYR B 243 -12.71 -20.38 7.18
CA TYR B 243 -14.01 -19.83 7.56
C TYR B 243 -15.15 -20.36 6.70
N THR B 244 -16.22 -20.76 7.37
CA THR B 244 -17.51 -21.03 6.70
C THR B 244 -18.38 -19.78 6.69
N LYS B 245 -19.55 -19.92 6.10
CA LYS B 245 -20.50 -18.83 6.02
C LYS B 245 -21.63 -19.11 7.01
N ASN B 246 -21.87 -18.22 7.97
CA ASN B 246 -23.10 -18.31 8.77
C ASN B 246 -24.17 -17.40 8.19
N GLN B 247 -25.41 -17.55 8.66
CA GLN B 247 -26.59 -16.81 8.14
C GLN B 247 -26.54 -15.27 8.28
N GLY B 248 -25.67 -14.78 9.15
CA GLY B 248 -25.50 -13.33 9.36
C GLY B 248 -24.30 -12.73 8.62
N TRP B 249 -23.89 -13.40 7.54
CA TRP B 249 -22.81 -12.92 6.67
C TRP B 249 -23.29 -11.71 5.94
N LYS B 250 -22.45 -10.67 5.89
CA LYS B 250 -22.83 -9.41 5.26
C LYS B 250 -21.78 -8.90 4.27
N SER B 251 -20.57 -9.46 4.29
CA SER B 251 -19.50 -9.03 3.38
C SER B 251 -18.32 -10.00 3.36
N PRO B 252 -17.48 -9.94 2.30
CA PRO B 252 -16.24 -10.72 2.18
C PRO B 252 -15.31 -10.69 3.42
N LYS B 253 -15.36 -9.60 4.19
CA LYS B 253 -14.62 -9.45 5.45
C LYS B 253 -14.90 -10.59 6.45
N ASP B 254 -16.12 -11.14 6.39
CA ASP B 254 -16.56 -12.24 7.27
C ASP B 254 -15.89 -13.58 7.02
N THR B 255 -15.27 -13.74 5.85
CA THR B 255 -14.45 -14.92 5.55
C THR B 255 -13.05 -14.43 5.23
N LEU B 256 -12.73 -13.22 5.69
CA LEU B 256 -11.49 -12.52 5.40
C LEU B 256 -11.10 -12.60 3.92
N ASP B 257 -12.11 -12.37 3.06
CA ASP B 257 -11.91 -12.20 1.62
C ASP B 257 -11.55 -13.49 0.87
N ALA B 258 -11.81 -14.64 1.49
CA ALA B 258 -11.60 -15.94 0.84
C ALA B 258 -12.93 -16.67 0.57
N PRO B 259 -12.94 -17.64 -0.37
CA PRO B 259 -14.19 -18.34 -0.72
C PRO B 259 -14.77 -19.11 0.47
N ALA B 260 -16.11 -19.06 0.60
CA ALA B 260 -16.83 -19.76 1.65
C ALA B 260 -16.47 -21.26 1.67
N ALA B 261 -15.72 -21.66 2.69
CA ALA B 261 -15.37 -23.07 2.88
C ALA B 261 -16.60 -23.91 3.18
N ASP B 262 -16.50 -25.20 2.87
CA ASP B 262 -17.63 -26.11 3.08
C ASP B 262 -17.67 -26.59 4.52
N GLU B 263 -18.88 -26.83 5.01
CA GLU B 263 -19.09 -27.42 6.32
C GLU B 263 -18.50 -28.84 6.35
N VAL B 264 -17.79 -29.15 7.43
CA VAL B 264 -17.31 -30.51 7.68
C VAL B 264 -18.06 -31.11 8.87
N SER B 265 -18.45 -32.38 8.76
CA SER B 265 -19.22 -33.05 9.82
C SER B 265 -18.38 -33.32 11.06
N PHE B 266 -19.06 -33.58 12.18
CA PHE B 266 -18.40 -33.88 13.44
C PHE B 266 -17.57 -35.14 13.35
N GLU B 267 -18.00 -36.06 12.49
CA GLU B 267 -17.28 -37.31 12.29
C GLU B 267 -15.98 -37.11 11.55
N ASP B 268 -15.97 -36.20 10.57
CA ASP B 268 -14.79 -35.95 9.76
C ASP B 268 -13.72 -35.16 10.51
N HIS B 269 -14.11 -34.49 11.59
CA HIS B 269 -13.13 -33.84 12.45
C HIS B 269 -12.18 -34.82 13.07
N CYS B 270 -12.63 -36.04 13.33
CA CYS B 270 -11.83 -37.05 14.04
C CYS B 270 -10.60 -37.60 13.28
N LYS B 271 -10.50 -37.27 12.00
CA LYS B 271 -9.31 -37.64 11.23
C LYS B 271 -8.11 -36.67 11.38
N TYR B 272 -8.19 -35.72 12.30
CA TYR B 272 -7.08 -34.80 12.59
C TYR B 272 -6.70 -34.94 14.05
N LYS B 273 -5.40 -34.94 14.33
CA LYS B 273 -4.92 -35.08 15.69
C LYS B 273 -5.24 -33.86 16.55
N TYR B 274 -5.17 -32.68 15.95
CA TYR B 274 -5.23 -31.45 16.75
C TYR B 274 -6.44 -30.58 16.45
N LEU B 275 -7.31 -30.43 17.44
CA LEU B 275 -8.54 -29.68 17.26
C LEU B 275 -8.61 -28.44 18.13
N PHE B 276 -9.06 -27.34 17.53
CA PHE B 276 -9.06 -26.03 18.17
C PHE B 276 -10.48 -25.56 18.39
N ASN B 277 -10.84 -25.32 19.66
CA ASN B 277 -12.14 -24.75 19.95
C ASN B 277 -12.04 -23.28 20.30
N PHE B 278 -12.94 -22.48 19.74
CA PHE B 278 -12.94 -21.04 19.97
C PHE B 278 -14.31 -20.62 20.45
N ARG B 279 -14.35 -19.58 21.28
CA ARG B 279 -15.60 -18.88 21.56
C ARG B 279 -16.19 -18.28 20.26
N GLY B 280 -17.52 -18.18 20.22
CA GLY B 280 -18.23 -17.46 19.17
C GLY B 280 -18.83 -16.17 19.72
N VAL B 281 -20.15 -15.99 19.53
CA VAL B 281 -20.87 -14.92 20.21
C VAL B 281 -20.65 -15.14 21.70
N ALA B 282 -20.90 -16.38 22.13
CA ALA B 282 -20.69 -16.77 23.51
C ALA B 282 -19.76 -17.99 23.53
N ALA B 283 -20.07 -18.95 24.39
CA ALA B 283 -19.41 -20.24 24.35
C ALA B 283 -19.90 -20.99 23.10
N SER B 284 -19.13 -21.95 22.63
CA SER B 284 -19.48 -22.69 21.41
C SER B 284 -19.87 -24.14 21.67
N PHE B 285 -20.83 -24.62 20.88
CA PHE B 285 -21.31 -25.99 21.01
C PHE B 285 -20.32 -27.03 20.47
N ARG B 286 -19.44 -26.60 19.56
CA ARG B 286 -18.39 -27.46 18.98
C ARG B 286 -17.53 -28.15 20.03
N LEU B 287 -17.09 -27.41 21.05
CA LEU B 287 -16.13 -27.92 22.03
C LEU B 287 -16.39 -29.37 22.41
N LYS B 288 -17.61 -29.62 22.89
CA LYS B 288 -17.94 -30.91 23.47
C LYS B 288 -17.82 -32.04 22.46
N HIS B 289 -18.01 -31.70 21.18
CA HIS B 289 -17.92 -32.67 20.09
C HIS B 289 -16.50 -33.06 19.75
N LEU B 290 -15.57 -32.11 19.89
CA LEU B 290 -14.17 -32.35 19.59
C LEU B 290 -13.54 -33.41 20.50
N PHE B 291 -13.97 -33.46 21.76
CA PHE B 291 -13.39 -34.38 22.74
C PHE B 291 -13.61 -35.83 22.38
N LEU B 292 -14.79 -36.14 21.83
CA LEU B 292 -15.16 -37.53 21.63
C LEU B 292 -14.54 -38.15 20.37
N CYS B 293 -13.83 -37.30 19.61
CA CYS B 293 -13.03 -37.73 18.47
C CYS B 293 -11.74 -38.43 18.92
N LYS B 294 -11.49 -38.40 20.22
CA LYS B 294 -10.23 -38.82 20.81
C LYS B 294 -9.06 -38.11 20.18
N SER B 295 -9.30 -36.88 19.73
CA SER B 295 -8.24 -35.99 19.28
C SER B 295 -7.87 -35.02 20.39
N LEU B 296 -6.69 -34.45 20.30
CA LEU B 296 -6.23 -33.49 21.29
C LEU B 296 -6.89 -32.12 21.08
N VAL B 297 -7.73 -31.73 22.03
CA VAL B 297 -8.42 -30.43 22.00
C VAL B 297 -7.53 -29.25 22.46
N PHE B 298 -7.48 -28.20 21.63
CA PHE B 298 -6.83 -26.95 22.00
C PHE B 298 -7.91 -25.87 22.23
N HIS B 299 -8.20 -25.60 23.49
CA HIS B 299 -9.28 -24.69 23.80
C HIS B 299 -8.79 -23.28 24.01
N VAL B 300 -9.17 -22.37 23.12
CA VAL B 300 -8.71 -20.97 23.10
C VAL B 300 -9.61 -20.05 23.94
N GLY B 301 -9.01 -19.32 24.87
CA GLY B 301 -9.75 -18.42 25.75
C GLY B 301 -10.21 -19.10 27.02
N ASP B 302 -10.15 -18.38 28.14
CA ASP B 302 -10.54 -18.94 29.43
C ASP B 302 -11.71 -18.18 30.03
N GLU B 303 -12.33 -17.31 29.24
CA GLU B 303 -13.45 -16.48 29.67
C GLU B 303 -14.81 -17.18 29.60
N TRP B 304 -15.24 -17.50 28.38
CA TRP B 304 -16.57 -18.02 28.11
C TRP B 304 -16.84 -19.44 28.52
N GLN B 305 -17.90 -19.61 29.33
CA GLN B 305 -18.23 -20.91 29.94
C GLN B 305 -19.59 -21.48 29.53
N GLU B 306 -19.65 -22.80 29.48
CA GLU B 306 -20.90 -23.53 29.69
C GLU B 306 -20.78 -24.19 31.05
N PHE B 307 -21.84 -24.88 31.48
CA PHE B 307 -21.90 -25.40 32.84
C PHE B 307 -20.83 -26.45 33.18
N PHE B 308 -20.55 -27.32 32.22
CA PHE B 308 -19.58 -28.42 32.44
C PHE B 308 -18.11 -28.01 32.46
N TYR B 309 -17.83 -26.86 31.85
CA TYR B 309 -16.48 -26.32 31.66
C TYR B 309 -15.63 -26.27 32.93
N ASP B 310 -16.23 -25.86 34.03
CA ASP B 310 -15.50 -25.65 35.28
C ASP B 310 -14.73 -26.92 35.65
N GLN B 311 -15.34 -28.08 35.41
CA GLN B 311 -14.70 -29.38 35.64
C GLN B 311 -13.73 -29.89 34.56
N LEU B 312 -13.79 -29.29 33.37
CA LEU B 312 -12.74 -29.51 32.39
C LEU B 312 -11.48 -28.73 32.81
N LYS B 313 -10.44 -29.47 33.19
CA LYS B 313 -9.22 -28.85 33.65
C LYS B 313 -8.16 -28.80 32.55
N PRO B 314 -7.60 -27.60 32.32
CA PRO B 314 -6.53 -27.43 31.36
C PRO B 314 -5.29 -28.26 31.75
N TRP B 315 -4.59 -28.74 30.71
CA TRP B 315 -3.45 -29.68 30.81
C TRP B 315 -3.80 -31.11 31.18
N VAL B 316 -4.97 -31.31 31.80
CA VAL B 316 -5.46 -32.67 32.05
C VAL B 316 -6.26 -33.17 30.85
N HIS B 317 -7.25 -32.36 30.48
CA HIS B 317 -8.28 -32.76 29.52
C HIS B 317 -8.12 -32.15 28.17
N TYR B 318 -7.42 -31.01 28.11
CA TYR B 318 -7.22 -30.25 26.86
C TYR B 318 -6.03 -29.30 27.01
N VAL B 319 -5.57 -28.75 25.88
CA VAL B 319 -4.54 -27.70 25.88
C VAL B 319 -5.18 -26.31 25.89
N PRO B 320 -4.92 -25.53 26.93
CA PRO B 320 -5.41 -24.16 26.93
C PRO B 320 -4.50 -23.20 26.14
N LEU B 321 -5.12 -22.30 25.37
CA LEU B 321 -4.42 -21.15 24.82
C LEU B 321 -5.11 -19.86 25.29
N LYS B 322 -4.36 -18.80 25.54
CA LYS B 322 -4.97 -17.51 25.94
C LYS B 322 -5.81 -16.90 24.81
N SER B 323 -6.69 -15.95 25.15
CA SER B 323 -7.46 -15.25 24.14
C SER B 323 -6.50 -14.61 23.15
N TYR B 324 -6.89 -14.58 21.88
CA TYR B 324 -6.07 -13.94 20.84
C TYR B 324 -4.63 -14.47 20.76
N PRO B 325 -4.48 -15.78 20.42
CA PRO B 325 -3.15 -16.37 20.30
C PRO B 325 -2.40 -15.88 19.07
N SER B 326 -1.08 -15.82 19.16
CA SER B 326 -0.25 -15.37 18.04
C SER B 326 0.09 -16.53 17.10
N GLN B 327 0.42 -16.21 15.86
CA GLN B 327 0.86 -17.21 14.90
C GLN B 327 2.04 -18.03 15.48
N GLN B 328 2.84 -17.38 16.33
CA GLN B 328 3.96 -18.03 17.00
C GLN B 328 3.59 -18.94 18.17
N GLU B 329 2.61 -18.53 18.97
CA GLU B 329 2.11 -19.37 20.05
C GLU B 329 1.64 -20.69 19.44
N TYR B 330 0.82 -20.59 18.39
CA TYR B 330 0.34 -21.77 17.67
C TYR B 330 1.45 -22.68 17.18
N GLU B 331 2.43 -22.13 16.47
CA GLU B 331 3.49 -22.94 15.88
C GLU B 331 4.28 -23.70 16.95
N HIS B 332 4.72 -22.95 17.97
CA HIS B 332 5.49 -23.44 19.08
C HIS B 332 4.78 -24.53 19.83
N ILE B 333 3.46 -24.36 20.03
CA ILE B 333 2.66 -25.35 20.76
C ILE B 333 2.29 -26.54 19.85
N LEU B 334 1.99 -26.28 18.60
CA LEU B 334 1.73 -27.34 17.64
C LEU B 334 3.01 -28.14 17.38
N SER B 335 4.16 -27.46 17.37
CA SER B 335 5.45 -28.12 17.20
C SER B 335 5.74 -29.03 18.38
N PHE B 336 5.47 -28.51 19.57
CA PHE B 336 5.74 -29.22 20.81
C PHE B 336 5.01 -30.56 20.86
N PHE B 337 3.74 -30.58 20.44
CA PHE B 337 2.95 -31.81 20.53
C PHE B 337 3.26 -32.81 19.42
N LYS B 338 3.69 -32.31 18.27
CA LYS B 338 4.23 -33.17 17.22
C LYS B 338 5.52 -33.83 17.70
N LYS B 339 6.19 -33.16 18.65
CA LYS B 339 7.45 -33.63 19.22
C LYS B 339 7.27 -34.40 20.53
N ASN B 340 6.07 -34.36 21.10
CA ASN B 340 5.74 -35.15 22.28
C ASN B 340 4.39 -35.80 22.05
N ASP B 341 4.39 -36.83 21.20
CA ASP B 341 3.18 -37.47 20.69
C ASP B 341 2.42 -38.26 21.76
N ALA B 342 3.17 -38.90 22.66
CA ALA B 342 2.60 -39.69 23.73
C ALA B 342 1.85 -38.78 24.68
N LEU B 343 2.44 -37.61 24.90
CA LEU B 343 1.89 -36.60 25.78
C LEU B 343 0.58 -36.09 25.24
N ALA B 344 0.50 -35.96 23.91
CA ALA B 344 -0.73 -35.55 23.28
C ALA B 344 -1.79 -36.62 23.52
N GLN B 345 -1.46 -37.86 23.16
CA GLN B 345 -2.39 -38.99 23.33
C GLN B 345 -2.91 -39.14 24.76
N GLU B 346 -2.08 -38.87 25.75
CA GLU B 346 -2.52 -38.97 27.14
C GLU B 346 -3.59 -37.93 27.44
N ILE B 347 -3.37 -36.70 26.97
CA ILE B 347 -4.33 -35.63 27.21
C ILE B 347 -5.60 -35.85 26.39
N ALA B 348 -5.48 -36.29 25.14
CA ALA B 348 -6.67 -36.56 24.32
C ALA B 348 -7.55 -37.66 24.94
N GLN B 349 -6.91 -38.78 25.29
CA GLN B 349 -7.56 -39.91 25.94
C GLN B 349 -8.31 -39.48 27.18
N ARG B 350 -7.65 -38.69 28.03
CA ARG B 350 -8.30 -38.14 29.23
C ARG B 350 -9.49 -37.28 28.87
N GLY B 351 -9.34 -36.47 27.81
CA GLY B 351 -10.39 -35.56 27.37
C GLY B 351 -11.64 -36.30 26.93
N TYR B 352 -11.45 -37.28 26.06
CA TYR B 352 -12.52 -38.18 25.63
C TYR B 352 -13.21 -38.85 26.84
N ASP B 353 -12.42 -39.45 27.72
CA ASP B 353 -12.95 -40.15 28.90
C ASP B 353 -13.86 -39.30 29.79
N PHE B 354 -13.48 -38.05 30.05
CA PHE B 354 -14.28 -37.14 30.87
C PHE B 354 -15.65 -36.86 30.25
N ILE B 355 -15.64 -36.28 29.05
CA ILE B 355 -16.87 -35.96 28.31
C ILE B 355 -17.70 -37.22 28.15
N TRP B 356 -17.04 -38.36 28.00
CA TRP B 356 -17.75 -39.62 27.88
C TRP B 356 -18.41 -39.99 29.18
N GLU B 357 -17.71 -39.74 30.27
CA GLU B 357 -18.14 -40.15 31.61
C GLU B 357 -19.00 -39.13 32.35
N HIS B 358 -18.77 -37.83 32.11
CA HIS B 358 -19.40 -36.79 32.95
C HIS B 358 -20.16 -35.74 32.18
N LEU B 359 -20.38 -36.00 30.90
CA LEU B 359 -21.37 -35.24 30.16
C LEU B 359 -22.32 -36.17 29.41
N ARG B 360 -22.85 -37.15 30.14
CA ARG B 360 -23.91 -37.99 29.62
C ARG B 360 -25.24 -37.25 29.68
N MET B 361 -26.24 -37.77 28.97
CA MET B 361 -27.61 -37.25 29.07
C MET B 361 -28.12 -37.23 30.51
N LYS B 362 -27.80 -38.27 31.28
CA LYS B 362 -28.14 -38.31 32.70
C LYS B 362 -27.53 -37.14 33.47
N ASP B 363 -26.25 -36.82 33.22
CA ASP B 363 -25.55 -35.67 33.84
C ASP B 363 -26.28 -34.36 33.56
N ILE B 364 -26.89 -34.27 32.38
CA ILE B 364 -27.66 -33.09 31.96
C ILE B 364 -28.96 -32.97 32.77
N LYS B 365 -29.77 -34.03 32.72
CA LYS B 365 -31.04 -34.15 33.42
C LYS B 365 -30.90 -33.88 34.93
N CYS B 366 -29.92 -34.53 35.56
CA CYS B 366 -29.75 -34.40 36.99
C CYS B 366 -29.16 -33.05 37.37
N TYR B 367 -28.37 -32.45 36.49
CA TYR B 367 -27.92 -31.07 36.73
C TYR B 367 -29.12 -30.13 36.67
N TRP B 368 -29.95 -30.29 35.64
CA TRP B 368 -31.20 -29.55 35.58
C TRP B 368 -31.96 -29.75 36.86
N ARG B 369 -31.95 -30.99 37.35
CA ARG B 369 -32.73 -31.33 38.52
C ARG B 369 -32.23 -30.67 39.80
N LYS B 370 -30.93 -30.80 40.07
CA LYS B 370 -30.38 -30.29 41.31
C LYS B 370 -30.48 -28.77 41.34
N LEU B 371 -30.27 -28.17 40.16
CA LEU B 371 -30.31 -26.74 39.97
C LEU B 371 -31.67 -26.20 40.38
N LEU B 372 -32.74 -26.74 39.78
CA LEU B 372 -34.07 -26.24 40.06
C LEU B 372 -34.47 -26.50 41.50
N LYS B 373 -34.03 -27.64 42.03
CA LYS B 373 -34.26 -28.02 43.44
C LYS B 373 -33.66 -27.05 44.41
N ARG B 374 -32.49 -26.52 44.07
CA ARG B 374 -31.76 -25.61 44.94
C ARG B 374 -32.25 -24.16 44.77
N TYR B 375 -32.73 -23.85 43.57
CA TYR B 375 -33.24 -22.50 43.26
C TYR B 375 -34.55 -22.20 43.96
N VAL B 376 -35.42 -23.20 44.06
CA VAL B 376 -36.75 -23.04 44.66
C VAL B 376 -36.65 -22.60 46.11
N LYS B 377 -35.66 -23.15 46.79
CA LYS B 377 -35.42 -22.81 48.19
C LYS B 377 -35.06 -21.34 48.33
N LEU B 378 -34.59 -20.70 47.26
CA LEU B 378 -34.20 -19.30 47.31
C LEU B 378 -35.39 -18.32 47.34
N LEU B 379 -36.53 -18.77 46.85
CA LEU B 379 -37.69 -17.88 46.65
C LEU B 379 -38.35 -17.44 47.97
N GLN B 380 -38.52 -16.12 48.11
CA GLN B 380 -39.09 -15.50 49.31
C GLN B 380 -40.49 -14.91 49.08
N TYR B 381 -41.36 -15.66 48.40
CA TYR B 381 -42.70 -15.21 48.05
C TYR B 381 -43.50 -16.39 47.49
N GLU B 382 -44.83 -16.27 47.49
CA GLU B 382 -45.71 -17.32 46.99
C GLU B 382 -45.96 -17.20 45.48
N VAL B 383 -45.79 -18.30 44.76
CA VAL B 383 -46.04 -18.34 43.30
C VAL B 383 -47.54 -18.31 43.01
N LYS B 384 -47.96 -17.38 42.13
CA LYS B 384 -49.37 -17.25 41.79
C LYS B 384 -49.56 -17.48 40.28
N PRO B 385 -50.74 -17.97 39.87
CA PRO B 385 -50.96 -18.16 38.42
C PRO B 385 -50.98 -16.83 37.68
N GLU B 386 -50.77 -16.89 36.37
CA GLU B 386 -50.76 -15.71 35.52
C GLU B 386 -51.47 -16.11 34.25
N ASP B 387 -52.55 -15.41 33.91
CA ASP B 387 -53.45 -15.86 32.83
C ASP B 387 -52.87 -15.70 31.44
N GLN B 388 -52.13 -14.62 31.22
CA GLN B 388 -51.53 -14.37 29.92
C GLN B 388 -50.52 -15.48 29.54
N LEU B 389 -50.13 -16.30 30.51
CA LEU B 389 -49.19 -17.40 30.29
C LEU B 389 -49.85 -18.56 29.59
N ILE B 390 -49.09 -19.24 28.73
CA ILE B 390 -49.59 -20.38 27.95
C ILE B 390 -49.22 -21.68 28.66
N TYR B 391 -50.11 -22.66 28.58
CA TYR B 391 -49.86 -23.98 29.13
C TYR B 391 -48.87 -24.73 28.24
N ILE B 392 -47.80 -25.23 28.83
CA ILE B 392 -46.79 -26.01 28.08
C ILE B 392 -47.06 -27.51 28.15
N GLY B 393 -47.31 -28.02 29.36
CA GLY B 393 -47.56 -29.46 29.57
C GLY B 393 -47.45 -29.90 31.03
N PRO B 394 -47.27 -31.23 31.25
CA PRO B 394 -47.06 -32.27 30.25
C PRO B 394 -48.29 -33.14 30.04
N ASN C 30 -74.49 -46.50 10.31
CA ASN C 30 -73.65 -45.28 10.47
C ASN C 30 -72.36 -45.35 9.62
N GLU C 31 -71.34 -46.06 10.11
CA GLU C 31 -70.08 -46.21 9.36
C GLU C 31 -70.27 -46.65 7.89
N ASP C 32 -71.25 -47.51 7.63
CA ASP C 32 -71.48 -47.99 6.26
C ASP C 32 -72.04 -46.91 5.34
N GLU C 33 -72.91 -46.06 5.88
CA GLU C 33 -73.43 -44.91 5.12
C GLU C 33 -72.28 -44.06 4.61
N PHE C 34 -71.31 -43.81 5.49
CA PHE C 34 -70.09 -43.14 5.11
C PHE C 34 -69.36 -43.92 4.00
N SER C 35 -69.15 -45.22 4.20
CA SER C 35 -68.46 -46.06 3.22
C SER C 35 -69.03 -45.98 1.81
N PHE C 36 -70.34 -46.20 1.67
CA PHE C 36 -70.95 -46.17 0.35
C PHE C 36 -70.86 -44.76 -0.23
N LYS C 37 -71.16 -43.76 0.60
CA LYS C 37 -71.12 -42.36 0.18
C LYS C 37 -69.78 -41.99 -0.48
N ILE C 38 -68.68 -42.27 0.21
CA ILE C 38 -67.35 -41.99 -0.32
C ILE C 38 -67.06 -42.79 -1.60
N ARG C 39 -67.34 -44.09 -1.51
CA ARG C 39 -67.12 -45.02 -2.62
C ARG C 39 -67.84 -44.63 -3.89
N ARG C 40 -69.11 -44.24 -3.75
CA ARG C 40 -69.94 -43.83 -4.89
C ARG C 40 -69.32 -42.62 -5.58
N GLN C 41 -68.98 -41.62 -4.75
CA GLN C 41 -68.37 -40.37 -5.21
C GLN C 41 -67.06 -40.60 -5.93
N ILE C 42 -66.22 -41.47 -5.37
CA ILE C 42 -65.01 -41.95 -6.02
C ILE C 42 -65.35 -42.61 -7.36
N GLU C 43 -66.41 -43.43 -7.36
CA GLU C 43 -66.78 -44.15 -8.55
C GLU C 43 -67.18 -43.19 -9.66
N LYS C 44 -68.02 -42.22 -9.31
CA LYS C 44 -68.55 -41.28 -10.27
C LYS C 44 -67.47 -40.37 -10.86
N ALA C 45 -66.56 -39.87 -10.01
CA ALA C 45 -65.48 -39.01 -10.49
C ALA C 45 -64.55 -39.76 -11.45
N ASN C 46 -64.21 -40.99 -11.07
CA ASN C 46 -63.26 -41.80 -11.83
C ASN C 46 -63.81 -42.38 -13.15
N ALA C 47 -65.14 -42.46 -13.27
CA ALA C 47 -65.76 -42.79 -14.54
C ALA C 47 -65.74 -41.55 -15.45
N ASP C 48 -66.03 -40.40 -14.85
CA ASP C 48 -66.11 -39.14 -15.58
C ASP C 48 -64.76 -38.48 -15.88
N TYR C 49 -63.69 -38.93 -15.22
CA TYR C 49 -62.36 -38.36 -15.46
C TYR C 49 -61.82 -38.55 -16.89
N LYS C 50 -61.30 -37.46 -17.45
CA LYS C 50 -60.58 -37.47 -18.72
C LYS C 50 -59.37 -36.56 -18.52
N PRO C 51 -58.18 -36.98 -19.00
CA PRO C 51 -56.97 -36.20 -18.67
C PRO C 51 -56.98 -34.81 -19.31
N CYS C 52 -56.14 -33.91 -18.79
CA CYS C 52 -56.13 -32.52 -19.24
C CYS C 52 -55.55 -32.33 -20.64
N SER C 53 -54.83 -33.33 -21.13
CA SER C 53 -54.27 -33.25 -22.48
C SER C 53 -54.34 -34.61 -23.17
N SER C 54 -54.57 -34.59 -24.49
CA SER C 54 -54.61 -35.79 -25.34
C SER C 54 -53.37 -36.67 -25.22
N ASP C 55 -52.20 -36.01 -25.22
CA ASP C 55 -50.94 -36.70 -24.97
C ASP C 55 -50.33 -36.21 -23.64
N PRO C 56 -49.87 -37.16 -22.79
CA PRO C 56 -49.26 -36.85 -21.48
C PRO C 56 -48.12 -35.80 -21.52
N GLN C 57 -47.41 -35.74 -22.64
CA GLN C 57 -46.33 -34.77 -22.81
C GLN C 57 -46.79 -33.34 -23.07
N ASP C 58 -48.09 -33.19 -23.40
CA ASP C 58 -48.76 -31.89 -23.54
C ASP C 58 -47.86 -30.82 -24.19
N SER C 59 -47.50 -31.08 -25.44
CA SER C 59 -46.61 -30.23 -26.21
C SER C 59 -47.23 -28.87 -26.52
N ASP C 60 -48.53 -28.86 -26.86
CA ASP C 60 -49.20 -27.61 -27.23
C ASP C 60 -49.56 -26.73 -26.03
N CYS C 61 -49.12 -27.15 -24.84
CA CYS C 61 -49.38 -26.45 -23.59
C CYS C 61 -50.88 -26.25 -23.38
N SER C 62 -51.64 -27.34 -23.46
CA SER C 62 -53.10 -27.27 -23.39
C SER C 62 -53.74 -27.69 -22.05
N CYS C 63 -52.97 -28.32 -21.17
CA CYS C 63 -53.44 -28.86 -19.89
C CYS C 63 -54.31 -27.92 -19.06
N HIS C 64 -53.83 -26.69 -18.86
CA HIS C 64 -54.54 -25.71 -18.05
C HIS C 64 -55.18 -24.61 -18.86
N ALA C 65 -55.38 -24.86 -20.15
CA ALA C 65 -55.88 -23.85 -21.07
C ALA C 65 -57.29 -23.36 -20.77
N ASN C 66 -58.09 -24.19 -20.10
CA ASN C 66 -59.44 -23.78 -19.72
C ASN C 66 -59.47 -22.62 -18.75
N VAL C 67 -58.43 -22.55 -17.91
CA VAL C 67 -58.31 -21.55 -16.85
C VAL C 67 -58.04 -20.15 -17.44
N LEU C 68 -57.02 -20.04 -18.29
CA LEU C 68 -56.70 -18.76 -18.92
C LEU C 68 -57.82 -18.30 -19.84
N LYS C 69 -58.57 -19.26 -20.39
CA LYS C 69 -59.71 -18.93 -21.25
C LYS C 69 -60.85 -18.25 -20.47
N ARG C 70 -61.29 -18.88 -19.37
CA ARG C 70 -62.33 -18.32 -18.49
C ARG C 70 -61.90 -17.03 -17.81
N ASP C 71 -60.62 -16.91 -17.52
CA ASP C 71 -60.09 -15.69 -16.88
C ASP C 71 -60.07 -14.51 -17.84
N LEU C 72 -59.67 -14.75 -19.09
CA LEU C 72 -59.63 -13.69 -20.09
C LEU C 72 -61.00 -13.40 -20.65
N ALA C 73 -61.94 -14.33 -20.44
CA ALA C 73 -63.24 -14.28 -21.09
C ALA C 73 -63.98 -12.92 -21.04
N PRO C 74 -64.04 -12.26 -19.85
CA PRO C 74 -64.83 -11.02 -19.79
C PRO C 74 -64.29 -9.85 -20.63
N TYR C 75 -63.18 -10.05 -21.33
CA TYR C 75 -62.60 -8.99 -22.17
C TYR C 75 -62.64 -9.25 -23.68
N LYS C 76 -63.12 -10.44 -24.07
CA LYS C 76 -63.14 -10.88 -25.47
C LYS C 76 -63.98 -10.02 -26.42
N SER C 77 -65.19 -9.64 -26.01
CA SER C 77 -66.05 -8.74 -26.82
C SER C 77 -65.54 -7.29 -26.84
N THR C 78 -65.28 -6.76 -25.64
CA THR C 78 -64.88 -5.36 -25.43
C THR C 78 -63.37 -5.16 -25.60
N GLY C 79 -62.58 -6.07 -25.04
CA GLY C 79 -61.14 -5.88 -25.00
C GLY C 79 -60.73 -4.87 -23.95
N VAL C 80 -59.50 -4.36 -24.07
CA VAL C 80 -58.87 -3.52 -23.05
C VAL C 80 -58.43 -2.16 -23.60
N THR C 81 -59.02 -1.09 -23.06
CA THR C 81 -58.65 0.28 -23.43
C THR C 81 -57.50 0.78 -22.55
N ARG C 82 -56.84 1.85 -23.00
CA ARG C 82 -55.85 2.53 -22.17
C ARG C 82 -56.52 2.99 -20.87
N GLN C 83 -57.82 3.26 -20.93
CA GLN C 83 -58.59 3.66 -19.75
C GLN C 83 -58.63 2.59 -18.65
N MET C 84 -59.15 1.42 -18.99
CA MET C 84 -59.23 0.31 -18.04
C MET C 84 -57.89 0.06 -17.36
N ILE C 85 -56.79 0.11 -18.11
CA ILE C 85 -55.43 -0.07 -17.57
C ILE C 85 -55.08 0.95 -16.47
N GLU C 86 -55.10 2.24 -16.78
CA GLU C 86 -54.81 3.29 -15.79
C GLU C 86 -55.81 3.22 -14.63
N SER C 87 -57.06 2.90 -14.97
CA SER C 87 -58.12 2.66 -14.00
C SER C 87 -57.76 1.51 -13.06
N SER C 88 -57.07 0.50 -13.60
CA SER C 88 -56.66 -0.67 -12.83
C SER C 88 -55.34 -0.50 -12.08
N ALA C 89 -54.49 0.43 -12.55
CA ALA C 89 -53.10 0.58 -12.09
C ALA C 89 -52.92 0.61 -10.57
N ARG C 90 -53.98 0.98 -9.85
CA ARG C 90 -53.95 1.09 -8.39
C ARG C 90 -53.84 -0.25 -7.64
N TYR C 91 -54.29 -1.33 -8.27
CA TYR C 91 -54.41 -2.62 -7.61
C TYR C 91 -53.18 -3.52 -7.76
N GLY C 92 -52.05 -2.96 -8.20
CA GLY C 92 -50.83 -3.75 -8.36
C GLY C 92 -49.63 -3.05 -8.99
N THR C 93 -48.59 -3.84 -9.27
CA THR C 93 -47.32 -3.38 -9.87
C THR C 93 -47.45 -3.22 -11.39
N LYS C 94 -47.14 -2.03 -11.92
CA LYS C 94 -47.23 -1.79 -13.37
C LYS C 94 -46.05 -2.40 -14.09
N TYR C 95 -46.34 -3.39 -14.94
CA TYR C 95 -45.38 -3.90 -15.90
C TYR C 95 -45.76 -3.45 -17.30
N LYS C 96 -44.74 -3.15 -18.09
CA LYS C 96 -44.92 -2.73 -19.46
C LYS C 96 -43.80 -3.34 -20.31
N ILE C 97 -44.18 -4.25 -21.19
CA ILE C 97 -43.28 -4.76 -22.22
C ILE C 97 -43.37 -3.80 -23.40
N TYR C 98 -42.23 -3.20 -23.77
CA TYR C 98 -42.17 -2.20 -24.83
C TYR C 98 -40.93 -2.39 -25.68
N GLY C 99 -41.13 -2.73 -26.95
CA GLY C 99 -40.03 -3.01 -27.88
C GLY C 99 -39.09 -4.09 -27.40
N HIS C 100 -39.68 -5.17 -26.88
CA HIS C 100 -38.94 -6.26 -26.23
C HIS C 100 -37.95 -5.81 -25.20
N ARG C 101 -38.42 -4.95 -24.30
CA ARG C 101 -37.69 -4.56 -23.11
C ARG C 101 -38.72 -4.45 -21.99
N LEU C 102 -38.33 -4.88 -20.79
CA LEU C 102 -39.25 -4.96 -19.67
C LEU C 102 -39.17 -3.70 -18.81
N TYR C 103 -40.33 -3.06 -18.62
CA TYR C 103 -40.45 -1.82 -17.86
C TYR C 103 -41.44 -2.02 -16.71
N ARG C 104 -41.17 -1.38 -15.58
CA ARG C 104 -41.92 -1.64 -14.35
C ARG C 104 -41.93 -0.42 -13.38
N ASP C 105 -43.03 -0.26 -12.65
CA ASP C 105 -43.06 0.69 -11.55
C ASP C 105 -41.76 0.58 -10.74
N ALA C 106 -41.15 1.73 -10.46
CA ALA C 106 -39.93 1.78 -9.64
C ALA C 106 -40.17 1.08 -8.29
N ASN C 107 -41.33 1.35 -7.71
CA ASN C 107 -41.78 0.72 -6.47
C ASN C 107 -42.43 -0.65 -6.70
N CYS C 108 -41.75 -1.70 -6.28
CA CYS C 108 -42.39 -3.00 -6.09
C CYS C 108 -42.64 -3.23 -4.59
N MET C 109 -43.91 -3.43 -4.25
CA MET C 109 -44.31 -3.63 -2.86
C MET C 109 -43.54 -4.82 -2.27
N PHE C 110 -43.44 -5.90 -3.03
CA PHE C 110 -42.74 -7.10 -2.55
C PHE C 110 -41.57 -7.52 -3.46
N PRO C 111 -40.38 -6.91 -3.26
CA PRO C 111 -39.19 -7.04 -4.11
C PRO C 111 -38.86 -8.48 -4.49
N ALA C 112 -38.95 -9.37 -3.51
CA ALA C 112 -38.66 -10.79 -3.68
C ALA C 112 -39.61 -11.45 -4.68
N ARG C 113 -40.87 -11.03 -4.65
CA ARG C 113 -41.93 -11.61 -5.47
C ARG C 113 -41.76 -11.10 -6.90
N CYS C 114 -41.47 -9.82 -7.06
CA CYS C 114 -41.23 -9.23 -8.38
C CYS C 114 -40.09 -9.95 -9.12
N GLU C 115 -39.02 -10.27 -8.41
CA GLU C 115 -37.89 -11.02 -8.99
C GLU C 115 -38.36 -12.40 -9.46
N GLY C 116 -39.28 -12.99 -8.71
CA GLY C 116 -39.87 -14.28 -9.05
C GLY C 116 -40.65 -14.17 -10.34
N ILE C 117 -41.44 -13.10 -10.46
CA ILE C 117 -42.26 -12.84 -11.65
C ILE C 117 -41.36 -12.53 -12.87
N GLU C 118 -40.41 -11.62 -12.66
CA GLU C 118 -39.49 -11.21 -13.72
C GLU C 118 -38.68 -12.39 -14.27
N HIS C 119 -38.53 -13.45 -13.47
CA HIS C 119 -37.84 -14.65 -13.94
C HIS C 119 -38.57 -15.28 -15.09
N PHE C 120 -39.89 -15.11 -15.12
CA PHE C 120 -40.71 -15.72 -16.18
C PHE C 120 -41.00 -14.79 -17.35
N LEU C 121 -41.17 -13.50 -17.09
CA LEU C 121 -41.36 -12.50 -18.15
C LEU C 121 -40.10 -12.27 -18.99
N LEU C 122 -38.97 -11.97 -18.33
CA LEU C 122 -37.73 -11.61 -19.05
C LEU C 122 -37.37 -12.52 -20.23
N PRO C 123 -37.58 -13.86 -20.12
CA PRO C 123 -37.33 -14.74 -21.26
C PRO C 123 -38.31 -14.56 -22.42
N LEU C 124 -39.58 -14.26 -22.12
CA LEU C 124 -40.63 -14.17 -23.16
C LEU C 124 -40.65 -12.84 -23.90
N VAL C 125 -40.07 -11.81 -23.27
CA VAL C 125 -40.05 -10.43 -23.77
C VAL C 125 -39.46 -10.36 -25.17
N ALA C 126 -38.39 -11.14 -25.37
CA ALA C 126 -37.67 -11.22 -26.65
C ALA C 126 -38.56 -11.57 -27.86
N THR C 127 -39.63 -12.35 -27.65
CA THR C 127 -40.53 -12.79 -28.74
C THR C 127 -41.98 -12.31 -28.61
N LEU C 128 -42.20 -11.33 -27.76
CA LEU C 128 -43.56 -10.88 -27.46
C LEU C 128 -43.88 -9.47 -27.97
N PRO C 129 -45.17 -9.22 -28.30
CA PRO C 129 -45.62 -7.85 -28.62
C PRO C 129 -45.66 -6.95 -27.39
N ASP C 130 -45.87 -5.65 -27.62
CA ASP C 130 -46.04 -4.69 -26.54
C ASP C 130 -47.31 -4.98 -25.74
N MET C 131 -47.29 -4.62 -24.46
CA MET C 131 -48.45 -4.80 -23.58
C MET C 131 -48.28 -4.10 -22.22
N ASP C 132 -49.42 -3.76 -21.61
CA ASP C 132 -49.48 -3.21 -20.26
C ASP C 132 -50.07 -4.26 -19.33
N LEU C 133 -49.34 -4.59 -18.27
CA LEU C 133 -49.77 -5.58 -17.30
C LEU C 133 -49.82 -4.97 -15.91
N ILE C 134 -51.00 -4.98 -15.30
CA ILE C 134 -51.10 -4.62 -13.88
C ILE C 134 -51.08 -5.91 -13.06
N ILE C 135 -49.90 -6.23 -12.54
CA ILE C 135 -49.67 -7.47 -11.83
C ILE C 135 -49.66 -7.26 -10.32
N ASN C 136 -50.61 -7.90 -9.64
CA ASN C 136 -50.73 -7.84 -8.19
C ASN C 136 -49.81 -8.83 -7.51
N THR C 137 -48.89 -8.34 -6.67
CA THR C 137 -47.99 -9.21 -5.89
C THR C 137 -48.47 -9.49 -4.46
N ARG C 138 -49.59 -8.91 -4.05
CA ARG C 138 -50.14 -9.21 -2.72
C ARG C 138 -50.78 -10.61 -2.72
N ASP C 139 -51.09 -11.12 -1.53
CA ASP C 139 -51.73 -12.43 -1.41
C ASP C 139 -53.17 -12.39 -1.91
N TYR C 140 -53.92 -11.37 -1.48
CA TYR C 140 -55.35 -11.29 -1.73
C TYR C 140 -55.68 -10.64 -3.06
N PRO C 141 -56.70 -11.18 -3.78
CA PRO C 141 -57.21 -10.59 -5.03
C PRO C 141 -57.70 -9.14 -4.86
N GLN C 142 -57.88 -8.42 -5.97
CA GLN C 142 -58.15 -6.98 -5.93
C GLN C 142 -59.51 -6.55 -6.51
N LEU C 143 -60.06 -7.35 -7.42
CA LEU C 143 -61.21 -6.93 -8.18
C LEU C 143 -62.45 -7.73 -7.80
N ASN C 144 -63.11 -7.27 -6.75
CA ASN C 144 -64.37 -7.86 -6.36
C ASN C 144 -65.48 -7.62 -7.39
N ALA C 145 -66.06 -8.69 -7.93
CA ALA C 145 -67.13 -8.55 -8.94
C ALA C 145 -68.44 -7.95 -8.40
N ALA C 146 -68.61 -7.92 -7.07
CA ALA C 146 -69.80 -7.32 -6.45
C ALA C 146 -69.84 -5.80 -6.67
N TRP C 147 -68.72 -5.12 -6.42
CA TRP C 147 -68.54 -3.75 -6.87
C TRP C 147 -68.53 -3.77 -8.37
N GLY C 148 -68.66 -2.61 -9.00
CA GLY C 148 -68.67 -2.57 -10.45
C GLY C 148 -67.82 -1.44 -10.98
N ASN C 149 -67.72 -1.38 -12.32
CA ASN C 149 -67.02 -0.29 -13.02
C ASN C 149 -65.53 -0.12 -12.68
N ALA C 150 -65.25 0.42 -11.49
CA ALA C 150 -63.87 0.74 -11.07
C ALA C 150 -62.98 -0.50 -10.88
N ALA C 151 -63.59 -1.64 -10.56
CA ALA C 151 -62.84 -2.89 -10.46
C ALA C 151 -63.15 -3.79 -11.67
N GLY C 152 -63.02 -3.22 -12.87
CA GLY C 152 -63.26 -3.95 -14.12
C GLY C 152 -62.03 -4.71 -14.57
N GLY C 153 -60.86 -4.18 -14.21
CA GLY C 153 -59.59 -4.78 -14.56
C GLY C 153 -59.03 -4.38 -15.92
N PRO C 154 -58.12 -5.19 -16.46
CA PRO C 154 -57.72 -6.47 -15.93
C PRO C 154 -56.52 -6.34 -14.98
N VAL C 155 -56.55 -7.13 -13.91
CA VAL C 155 -55.43 -7.18 -12.94
C VAL C 155 -54.99 -8.63 -12.78
N PHE C 156 -53.69 -8.86 -12.84
CA PHE C 156 -53.13 -10.20 -12.70
C PHE C 156 -52.86 -10.54 -11.23
N SER C 157 -53.49 -11.60 -10.73
CA SER C 157 -53.25 -12.10 -9.37
C SER C 157 -52.98 -13.61 -9.35
N PHE C 158 -52.31 -14.09 -8.30
CA PHE C 158 -51.89 -15.51 -8.23
C PHE C 158 -53.01 -16.44 -7.75
N SER C 159 -53.90 -15.90 -6.92
CA SER C 159 -55.00 -16.68 -6.37
C SER C 159 -56.32 -15.92 -6.39
N LYS C 160 -57.42 -16.62 -6.70
CA LYS C 160 -58.75 -16.00 -6.76
C LYS C 160 -59.94 -16.98 -6.58
N THR C 161 -61.11 -16.42 -6.31
CA THR C 161 -62.35 -17.20 -6.32
C THR C 161 -63.26 -16.63 -7.39
N LYS C 162 -64.45 -17.23 -7.54
CA LYS C 162 -65.45 -16.80 -8.51
C LYS C 162 -65.88 -15.35 -8.29
N GLU C 163 -65.62 -14.85 -7.09
CA GLU C 163 -65.94 -13.46 -6.73
C GLU C 163 -65.10 -12.44 -7.50
N TYR C 164 -63.89 -12.82 -7.87
CA TYR C 164 -62.90 -11.86 -8.32
C TYR C 164 -62.57 -11.94 -9.80
N ARG C 165 -62.32 -10.79 -10.41
CA ARG C 165 -62.10 -10.71 -11.85
C ARG C 165 -60.61 -10.88 -12.17
N ASP C 166 -59.79 -10.97 -11.12
CA ASP C 166 -58.34 -11.12 -11.28
C ASP C 166 -57.97 -12.25 -12.24
N ILE C 167 -57.11 -11.93 -13.21
CA ILE C 167 -56.57 -12.94 -14.13
C ILE C 167 -55.46 -13.71 -13.43
N MET C 168 -55.58 -15.04 -13.40
CA MET C 168 -54.57 -15.89 -12.77
C MET C 168 -53.25 -16.02 -13.56
N TYR C 169 -52.15 -15.76 -12.85
CA TYR C 169 -50.78 -16.09 -13.29
C TYR C 169 -50.08 -17.03 -12.29
N PRO C 170 -49.03 -17.75 -12.73
CA PRO C 170 -48.32 -18.62 -11.78
C PRO C 170 -47.60 -17.81 -10.70
N ALA C 171 -47.89 -18.09 -9.43
CA ALA C 171 -47.24 -17.38 -8.31
C ALA C 171 -45.73 -17.34 -8.45
N TRP C 172 -45.15 -16.21 -8.05
CA TRP C 172 -43.70 -15.97 -8.06
C TRP C 172 -42.89 -17.11 -7.50
N THR C 173 -43.47 -17.75 -6.49
CA THR C 173 -42.76 -18.72 -5.66
C THR C 173 -42.26 -19.93 -6.43
N PHE C 174 -42.71 -20.11 -7.68
CA PHE C 174 -42.19 -21.15 -8.58
C PHE C 174 -40.70 -20.90 -8.82
N TRP C 175 -40.28 -19.64 -8.70
CA TRP C 175 -38.87 -19.31 -8.74
C TRP C 175 -38.31 -18.72 -7.49
N ALA C 176 -39.04 -17.79 -6.86
CA ALA C 176 -38.60 -17.12 -5.64
C ALA C 176 -39.70 -16.22 -5.02
N GLY C 177 -39.47 -15.73 -3.81
CA GLY C 177 -40.38 -14.76 -3.18
C GLY C 177 -41.48 -15.30 -2.29
N GLY C 178 -41.63 -16.63 -2.25
CA GLY C 178 -42.58 -17.29 -1.36
C GLY C 178 -42.14 -17.12 0.07
N PRO C 179 -43.04 -17.36 1.05
CA PRO C 179 -42.78 -17.27 2.50
C PRO C 179 -41.36 -17.65 2.96
N ALA C 180 -40.77 -16.78 3.77
CA ALA C 180 -39.47 -17.07 4.36
C ALA C 180 -39.67 -17.77 5.71
N THR C 181 -38.80 -18.73 6.01
CA THR C 181 -38.86 -19.51 7.25
C THR C 181 -37.44 -19.95 7.59
N LYS C 182 -37.29 -20.63 8.72
CA LYS C 182 -35.96 -21.08 9.16
C LYS C 182 -35.30 -22.02 8.16
N LEU C 183 -36.09 -22.84 7.47
CA LEU C 183 -35.56 -23.76 6.47
C LEU C 183 -35.37 -23.13 5.07
N HIS C 184 -36.18 -22.12 4.76
CA HIS C 184 -36.04 -21.38 3.51
C HIS C 184 -35.97 -19.91 3.86
N PRO C 185 -34.78 -19.44 4.28
CA PRO C 185 -34.69 -18.07 4.81
C PRO C 185 -34.74 -17.00 3.73
N ARG C 186 -34.33 -17.36 2.52
CA ARG C 186 -34.50 -16.47 1.38
C ARG C 186 -35.84 -16.75 0.71
N GLY C 187 -36.76 -17.37 1.46
CA GLY C 187 -38.11 -17.69 0.98
C GLY C 187 -38.21 -18.96 0.15
N ILE C 188 -39.32 -19.66 0.29
CA ILE C 188 -39.54 -20.87 -0.51
C ILE C 188 -39.61 -20.50 -1.99
N GLY C 189 -38.99 -21.32 -2.83
CA GLY C 189 -38.92 -21.09 -4.27
C GLY C 189 -38.31 -22.28 -5.00
N ARG C 190 -37.70 -22.03 -6.16
CA ARG C 190 -37.01 -23.07 -6.94
C ARG C 190 -37.79 -24.39 -7.02
N TRP C 191 -39.00 -24.30 -7.57
CA TRP C 191 -39.85 -25.46 -7.79
C TRP C 191 -39.11 -26.50 -8.59
N ASP C 192 -38.17 -26.06 -9.42
CA ASP C 192 -37.35 -26.98 -10.22
C ASP C 192 -36.50 -27.91 -9.38
N GLN C 193 -35.89 -27.38 -8.32
CA GLN C 193 -35.03 -28.17 -7.45
C GLN C 193 -35.86 -28.94 -6.45
N MET C 194 -36.92 -28.30 -5.94
CA MET C 194 -37.80 -28.89 -4.93
C MET C 194 -38.49 -30.13 -5.49
N ARG C 195 -38.73 -30.11 -6.79
CA ARG C 195 -39.32 -31.25 -7.50
C ARG C 195 -38.44 -32.51 -7.42
N GLU C 196 -37.15 -32.35 -7.66
CA GLU C 196 -36.16 -33.43 -7.50
C GLU C 196 -36.06 -33.91 -6.04
N LYS C 197 -36.03 -32.93 -5.12
CA LYS C 197 -35.94 -33.19 -3.69
C LYS C 197 -37.02 -34.15 -3.16
N LEU C 198 -38.28 -33.95 -3.57
CA LEU C 198 -39.43 -34.74 -3.06
C LEU C 198 -39.60 -36.09 -3.76
N GLU C 199 -39.46 -36.09 -5.09
CA GLU C 199 -39.49 -37.31 -5.92
C GLU C 199 -38.54 -38.37 -5.34
N LYS C 200 -37.36 -37.93 -4.91
CA LYS C 200 -36.40 -38.81 -4.23
C LYS C 200 -36.95 -39.32 -2.89
N ARG C 201 -37.43 -38.39 -2.06
CA ARG C 201 -38.01 -38.72 -0.74
C ARG C 201 -39.26 -39.62 -0.87
N ALA C 202 -40.11 -39.36 -1.86
CA ALA C 202 -41.26 -40.23 -2.12
C ALA C 202 -40.85 -41.67 -2.43
N ALA C 203 -39.74 -41.84 -3.15
CA ALA C 203 -39.24 -43.19 -3.45
C ALA C 203 -38.67 -43.85 -2.20
N ALA C 204 -38.06 -43.05 -1.34
CA ALA C 204 -37.42 -43.53 -0.12
C ALA C 204 -38.41 -44.00 0.95
N ILE C 205 -39.52 -43.27 1.11
CA ILE C 205 -40.58 -43.70 2.03
C ILE C 205 -41.74 -44.33 1.26
N PRO C 206 -41.71 -45.66 1.07
CA PRO C 206 -42.79 -46.39 0.41
C PRO C 206 -44.11 -46.24 1.18
N TRP C 207 -45.23 -46.39 0.50
CA TRP C 207 -46.56 -46.18 1.10
C TRP C 207 -46.77 -46.91 2.39
N SER C 208 -46.37 -48.17 2.44
CA SER C 208 -46.58 -48.99 3.64
C SER C 208 -45.71 -48.57 4.83
N GLN C 209 -44.53 -48.01 4.56
CA GLN C 209 -43.68 -47.44 5.61
C GLN C 209 -44.18 -46.07 6.12
N LYS C 210 -45.13 -45.47 5.41
CA LYS C 210 -45.68 -44.18 5.83
C LYS C 210 -46.56 -44.33 7.06
N ARG C 211 -46.35 -43.48 8.06
CA ARG C 211 -47.13 -43.49 9.31
C ARG C 211 -48.61 -43.28 9.02
N SER C 212 -49.46 -44.07 9.69
CA SER C 212 -50.92 -43.98 9.51
C SER C 212 -51.53 -42.89 10.40
N LEU C 213 -51.14 -41.65 10.16
CA LEU C 213 -51.62 -40.49 10.91
C LEU C 213 -51.80 -39.26 10.05
N GLY C 214 -52.84 -38.48 10.39
CA GLY C 214 -53.06 -37.20 9.75
C GLY C 214 -51.94 -36.27 10.17
N PHE C 215 -51.38 -35.55 9.21
CA PHE C 215 -50.31 -34.62 9.52
C PHE C 215 -50.46 -33.23 8.91
N PHE C 216 -50.20 -32.22 9.74
CA PHE C 216 -50.17 -30.82 9.31
C PHE C 216 -49.21 -30.04 10.20
N ARG C 217 -48.58 -29.03 9.60
CA ARG C 217 -47.74 -28.10 10.33
C ARG C 217 -47.72 -26.80 9.55
N GLY C 218 -48.29 -25.76 10.14
CA GLY C 218 -48.38 -24.46 9.51
C GLY C 218 -48.93 -23.45 10.49
N SER C 219 -48.96 -22.18 10.08
CA SER C 219 -49.39 -21.08 10.94
C SER C 219 -50.87 -20.75 10.81
N ARG C 220 -51.39 -19.96 11.75
CA ARG C 220 -52.81 -19.65 11.73
C ARG C 220 -53.09 -18.47 10.81
N THR C 221 -53.35 -18.77 9.55
CA THR C 221 -53.67 -17.76 8.56
C THR C 221 -55.17 -17.76 8.22
N SER C 222 -55.89 -18.76 8.74
CA SER C 222 -57.33 -18.90 8.56
C SER C 222 -57.88 -19.82 9.63
N ASP C 223 -59.01 -19.44 10.21
CA ASP C 223 -59.66 -20.27 11.23
C ASP C 223 -60.23 -21.58 10.67
N GLU C 224 -60.09 -21.81 9.36
CA GLU C 224 -60.41 -23.10 8.76
C GLU C 224 -59.47 -24.21 9.27
N ARG C 225 -58.34 -23.81 9.85
CA ARG C 225 -57.34 -24.74 10.38
C ARG C 225 -57.56 -25.14 11.84
N ASP C 226 -58.44 -24.42 12.54
CA ASP C 226 -58.68 -24.69 13.96
C ASP C 226 -59.13 -26.12 14.23
N SER C 227 -60.19 -26.57 13.56
CA SER C 227 -60.76 -27.90 13.82
C SER C 227 -59.76 -29.07 13.74
N LEU C 228 -58.81 -29.00 12.81
CA LEU C 228 -57.81 -30.05 12.66
C LEU C 228 -56.78 -30.05 13.77
N ILE C 229 -56.27 -28.89 14.14
CA ILE C 229 -55.33 -28.80 15.27
C ILE C 229 -56.03 -29.20 16.59
N LEU C 230 -57.24 -28.69 16.82
CA LEU C 230 -57.98 -29.04 18.03
C LEU C 230 -58.22 -30.55 18.08
N LEU C 231 -58.52 -31.16 16.93
CA LEU C 231 -58.60 -32.61 16.84
C LEU C 231 -57.30 -33.28 17.27
N SER C 232 -56.17 -32.70 16.88
CA SER C 232 -54.86 -33.25 17.20
C SER C 232 -54.61 -33.31 18.71
N ARG C 233 -55.02 -32.27 19.42
CA ARG C 233 -54.81 -32.20 20.88
C ARG C 233 -55.69 -33.20 21.62
N ARG C 234 -56.86 -33.47 21.05
CA ARG C 234 -57.82 -34.37 21.67
C ARG C 234 -57.49 -35.83 21.32
N ASN C 235 -56.89 -36.04 20.15
CA ASN C 235 -56.54 -37.39 19.68
C ASN C 235 -55.26 -37.44 18.83
N PRO C 236 -54.09 -37.29 19.48
CA PRO C 236 -52.78 -37.23 18.82
C PRO C 236 -52.43 -38.54 18.14
N GLU C 237 -53.00 -39.63 18.64
CA GLU C 237 -52.87 -40.92 17.98
C GLU C 237 -53.57 -40.94 16.63
N LEU C 238 -54.48 -39.99 16.39
CA LEU C 238 -55.12 -39.86 15.07
C LEU C 238 -54.47 -38.78 14.21
N VAL C 239 -54.45 -37.56 14.71
CA VAL C 239 -53.92 -36.45 13.92
C VAL C 239 -52.74 -35.82 14.66
N GLU C 240 -51.64 -35.61 13.94
CA GLU C 240 -50.49 -34.88 14.43
C GLU C 240 -50.46 -33.48 13.77
N ALA C 241 -51.17 -32.54 14.36
CA ALA C 241 -51.32 -31.23 13.76
C ALA C 241 -51.11 -30.12 14.80
N GLN C 242 -50.28 -29.14 14.41
CA GLN C 242 -49.91 -28.02 15.27
C GLN C 242 -49.73 -26.75 14.48
N TYR C 243 -50.03 -25.63 15.14
CA TYR C 243 -49.76 -24.30 14.61
C TYR C 243 -48.31 -23.93 14.86
N THR C 244 -47.71 -23.26 13.88
CA THR C 244 -46.38 -22.70 14.06
C THR C 244 -46.53 -21.21 14.30
N LYS C 245 -45.40 -20.50 14.26
CA LYS C 245 -45.37 -19.06 14.44
C LYS C 245 -45.09 -18.45 13.06
N ASN C 246 -45.95 -17.57 12.58
CA ASN C 246 -45.60 -16.75 11.40
C ASN C 246 -45.20 -15.34 11.82
N GLN C 247 -44.91 -14.48 10.84
CA GLN C 247 -44.41 -13.12 11.13
C GLN C 247 -45.48 -12.13 11.57
N GLY C 248 -46.74 -12.42 11.24
CA GLY C 248 -47.84 -11.58 11.67
C GLY C 248 -48.26 -11.88 13.10
N TRP C 249 -47.38 -12.56 13.84
CA TRP C 249 -47.70 -12.99 15.20
C TRP C 249 -47.86 -11.84 16.15
N LYS C 250 -49.00 -11.79 16.84
CA LYS C 250 -49.31 -10.75 17.82
C LYS C 250 -49.70 -11.27 19.22
N SER C 251 -50.48 -12.35 19.28
CA SER C 251 -51.00 -12.84 20.58
C SER C 251 -51.11 -14.38 20.66
N PRO C 252 -51.29 -14.93 21.88
CA PRO C 252 -51.47 -16.40 22.06
C PRO C 252 -52.67 -16.98 21.29
N LYS C 253 -53.66 -16.14 21.01
CA LYS C 253 -54.82 -16.48 20.18
C LYS C 253 -54.36 -17.00 18.80
N ASP C 254 -53.18 -16.58 18.37
CA ASP C 254 -52.64 -16.97 17.06
C ASP C 254 -52.21 -18.44 16.96
N THR C 255 -52.17 -19.14 18.09
CA THR C 255 -51.88 -20.59 18.13
C THR C 255 -52.90 -21.28 19.03
N LEU C 256 -54.08 -20.69 19.15
CA LEU C 256 -55.10 -21.09 20.13
C LEU C 256 -54.52 -21.43 21.51
N ASP C 257 -53.60 -20.58 21.99
CA ASP C 257 -53.00 -20.66 23.33
C ASP C 257 -52.09 -21.86 23.60
N ALA C 258 -51.53 -22.42 22.53
CA ALA C 258 -50.60 -23.54 22.65
C ALA C 258 -49.21 -23.09 22.23
N PRO C 259 -48.16 -23.76 22.78
CA PRO C 259 -46.78 -23.41 22.47
C PRO C 259 -46.54 -23.53 20.98
N ALA C 260 -45.97 -22.49 20.38
CA ALA C 260 -45.71 -22.50 18.94
C ALA C 260 -44.74 -23.62 18.56
N ALA C 261 -45.20 -24.52 17.70
CA ALA C 261 -44.39 -25.64 17.24
C ALA C 261 -43.26 -25.25 16.27
N ASP C 262 -42.35 -26.17 16.01
CA ASP C 262 -41.27 -25.99 15.03
C ASP C 262 -41.70 -26.20 13.59
N GLU C 263 -40.97 -25.54 12.69
CA GLU C 263 -41.16 -25.70 11.27
C GLU C 263 -40.69 -27.11 10.91
N VAL C 264 -41.44 -27.81 10.06
CA VAL C 264 -41.02 -29.11 9.55
C VAL C 264 -40.92 -29.07 8.02
N SER C 265 -39.84 -29.64 7.50
CA SER C 265 -39.52 -29.60 6.07
C SER C 265 -40.51 -30.35 5.18
N PHE C 266 -40.52 -29.97 3.91
CA PHE C 266 -41.40 -30.57 2.91
C PHE C 266 -41.07 -32.02 2.72
N GLU C 267 -39.79 -32.34 2.90
CA GLU C 267 -39.32 -33.71 2.79
C GLU C 267 -39.79 -34.58 3.94
N ASP C 268 -39.80 -34.01 5.15
CA ASP C 268 -40.25 -34.75 6.34
C ASP C 268 -41.77 -34.98 6.36
N HIS C 269 -42.52 -34.19 5.57
CA HIS C 269 -43.96 -34.38 5.40
C HIS C 269 -44.26 -35.76 4.87
N CYS C 270 -43.38 -36.25 4.00
CA CYS C 270 -43.65 -37.47 3.24
C CYS C 270 -43.70 -38.78 4.04
N LYS C 271 -43.34 -38.75 5.32
CA LYS C 271 -43.46 -39.96 6.15
C LYS C 271 -44.88 -40.23 6.66
N TYR C 272 -45.78 -39.30 6.43
CA TYR C 272 -47.17 -39.46 6.85
C TYR C 272 -48.05 -39.76 5.65
N LYS C 273 -48.96 -40.73 5.82
CA LYS C 273 -49.93 -41.14 4.81
C LYS C 273 -50.90 -40.04 4.41
N TYR C 274 -51.43 -39.34 5.43
CA TYR C 274 -52.59 -38.47 5.27
C TYR C 274 -52.23 -37.03 5.56
N LEU C 275 -52.13 -36.24 4.50
CA LEU C 275 -51.66 -34.86 4.58
C LEU C 275 -52.71 -33.83 4.18
N PHE C 276 -52.84 -32.78 4.99
CA PHE C 276 -53.93 -31.81 4.87
C PHE C 276 -53.50 -30.46 4.29
N ASN C 277 -54.35 -29.91 3.42
CA ASN C 277 -54.11 -28.61 2.88
C ASN C 277 -55.33 -27.70 3.04
N PHE C 278 -55.10 -26.54 3.65
CA PHE C 278 -56.14 -25.53 3.85
C PHE C 278 -55.71 -24.27 3.10
N ARG C 279 -56.66 -23.36 2.91
CA ARG C 279 -56.36 -22.03 2.41
C ARG C 279 -55.61 -21.25 3.49
N GLY C 280 -54.96 -20.16 3.09
CA GLY C 280 -54.32 -19.23 4.04
C GLY C 280 -55.01 -17.88 3.94
N VAL C 281 -54.22 -16.84 3.68
CA VAL C 281 -54.73 -15.54 3.27
C VAL C 281 -55.55 -15.81 2.03
N ALA C 282 -54.91 -16.43 1.05
CA ALA C 282 -55.58 -16.90 -0.16
C ALA C 282 -55.39 -18.43 -0.29
N ALA C 283 -55.24 -18.94 -1.51
CA ALA C 283 -54.81 -20.33 -1.70
C ALA C 283 -53.35 -20.53 -1.22
N SER C 284 -52.98 -21.74 -0.86
CA SER C 284 -51.71 -22.00 -0.18
C SER C 284 -50.65 -22.68 -1.05
N PHE C 285 -49.40 -22.23 -0.91
CA PHE C 285 -48.29 -22.81 -1.65
C PHE C 285 -47.99 -24.26 -1.25
N ARG C 286 -48.55 -24.68 -0.10
CA ARG C 286 -48.34 -26.03 0.44
C ARG C 286 -48.82 -27.13 -0.49
N LEU C 287 -50.06 -26.98 -0.99
CA LEU C 287 -50.75 -28.02 -1.78
C LEU C 287 -49.82 -28.77 -2.70
N LYS C 288 -49.20 -28.04 -3.63
CA LYS C 288 -48.39 -28.62 -4.70
C LYS C 288 -47.29 -29.56 -4.21
N HIS C 289 -46.73 -29.28 -3.04
CA HIS C 289 -45.66 -30.10 -2.50
C HIS C 289 -46.18 -31.36 -1.92
N LEU C 290 -47.40 -31.30 -1.42
CA LEU C 290 -47.98 -32.38 -0.63
C LEU C 290 -48.19 -33.61 -1.50
N PHE C 291 -48.52 -33.37 -2.76
CA PHE C 291 -48.67 -34.42 -3.75
C PHE C 291 -47.34 -35.13 -4.01
N LEU C 292 -46.25 -34.36 -4.10
CA LEU C 292 -44.97 -34.95 -4.46
C LEU C 292 -44.37 -35.83 -3.38
N CYS C 293 -45.19 -36.16 -2.38
CA CYS C 293 -44.77 -37.07 -1.33
C CYS C 293 -45.37 -38.46 -1.54
N LYS C 294 -46.24 -38.59 -2.55
CA LYS C 294 -47.08 -39.79 -2.73
C LYS C 294 -47.89 -40.16 -1.47
N SER C 295 -48.26 -39.12 -0.71
CA SER C 295 -49.20 -39.27 0.40
C SER C 295 -50.59 -38.87 -0.07
N LEU C 296 -51.61 -39.32 0.64
CA LEU C 296 -52.98 -38.97 0.31
C LEU C 296 -53.30 -37.55 0.77
N VAL C 297 -53.47 -36.66 -0.20
CA VAL C 297 -53.76 -35.26 0.06
C VAL C 297 -55.24 -35.04 0.38
N PHE C 298 -55.49 -34.40 1.52
CA PHE C 298 -56.83 -33.94 1.92
C PHE C 298 -56.88 -32.43 1.73
N HIS C 299 -57.58 -31.96 0.71
CA HIS C 299 -57.64 -30.53 0.39
C HIS C 299 -58.91 -29.92 0.90
N VAL C 300 -58.77 -28.93 1.79
CA VAL C 300 -59.95 -28.29 2.38
C VAL C 300 -60.41 -27.00 1.69
N GLY C 301 -61.69 -26.98 1.30
CA GLY C 301 -62.30 -25.79 0.71
C GLY C 301 -62.25 -25.84 -0.80
N ASP C 302 -63.30 -25.32 -1.43
CA ASP C 302 -63.39 -25.27 -2.90
C ASP C 302 -63.44 -23.85 -3.45
N GLU C 303 -63.13 -22.88 -2.60
CA GLU C 303 -63.11 -21.49 -3.05
C GLU C 303 -61.76 -21.10 -3.63
N TRP C 304 -60.69 -21.21 -2.83
CA TRP C 304 -59.41 -20.62 -3.18
C TRP C 304 -58.59 -21.37 -4.18
N GLN C 305 -58.25 -20.69 -5.28
CA GLN C 305 -57.65 -21.28 -6.49
C GLN C 305 -56.26 -20.76 -6.85
N GLU C 306 -55.45 -21.64 -7.42
CA GLU C 306 -54.29 -21.26 -8.22
C GLU C 306 -54.63 -21.73 -9.62
N PHE C 307 -53.79 -21.40 -10.60
CA PHE C 307 -54.11 -21.74 -11.99
C PHE C 307 -54.29 -23.25 -12.27
N PHE C 308 -53.50 -24.09 -11.58
CA PHE C 308 -53.53 -25.55 -11.79
C PHE C 308 -54.62 -26.31 -10.99
N TYR C 309 -55.40 -25.57 -10.20
CA TYR C 309 -56.48 -26.16 -9.40
C TYR C 309 -57.67 -26.71 -10.21
N ASP C 310 -58.16 -25.94 -11.19
CA ASP C 310 -59.23 -26.40 -12.10
C ASP C 310 -59.06 -27.84 -12.59
N GLN C 311 -57.85 -28.20 -13.02
CA GLN C 311 -57.56 -29.53 -13.55
C GLN C 311 -57.29 -30.58 -12.48
N LEU C 312 -57.08 -30.13 -11.25
CA LEU C 312 -56.98 -31.03 -10.12
C LEU C 312 -58.40 -31.47 -9.75
N LYS C 313 -58.69 -32.75 -9.97
CA LYS C 313 -60.03 -33.27 -9.78
C LYS C 313 -60.14 -34.09 -8.51
N PRO C 314 -61.13 -33.75 -7.64
CA PRO C 314 -61.51 -34.47 -6.41
C PRO C 314 -61.74 -35.96 -6.62
N TRP C 315 -61.31 -36.78 -5.66
CA TRP C 315 -61.48 -38.25 -5.71
C TRP C 315 -60.58 -39.01 -6.66
N VAL C 316 -60.22 -38.37 -7.77
CA VAL C 316 -59.19 -38.90 -8.67
C VAL C 316 -57.81 -38.56 -8.12
N HIS C 317 -57.62 -37.29 -7.75
CA HIS C 317 -56.30 -36.79 -7.38
C HIS C 317 -56.15 -36.47 -5.92
N TYR C 318 -57.25 -36.15 -5.25
CA TYR C 318 -57.20 -35.80 -3.82
C TYR C 318 -58.53 -36.06 -3.11
N VAL C 319 -58.49 -36.05 -1.78
CA VAL C 319 -59.74 -36.12 -1.01
C VAL C 319 -60.25 -34.70 -0.78
N PRO C 320 -61.46 -34.39 -1.27
CA PRO C 320 -62.05 -33.10 -0.93
C PRO C 320 -62.73 -33.11 0.44
N LEU C 321 -62.57 -32.03 1.19
CA LEU C 321 -63.35 -31.79 2.39
C LEU C 321 -63.91 -30.37 2.40
N LYS C 322 -65.19 -30.22 2.76
CA LYS C 322 -65.83 -28.89 2.83
C LYS C 322 -65.10 -27.96 3.80
N SER C 323 -65.10 -26.65 3.50
CA SER C 323 -64.53 -25.65 4.39
C SER C 323 -65.12 -25.73 5.79
N TYR C 324 -64.32 -25.35 6.79
CA TYR C 324 -64.63 -25.56 8.22
C TYR C 324 -65.11 -26.99 8.53
N PRO C 325 -64.21 -27.97 8.36
CA PRO C 325 -64.57 -29.38 8.56
C PRO C 325 -64.70 -29.69 10.05
N SER C 326 -65.58 -30.61 10.41
CA SER C 326 -65.74 -30.97 11.82
C SER C 326 -64.76 -32.03 12.28
N GLN C 327 -64.57 -32.09 13.59
CA GLN C 327 -63.76 -33.14 14.20
C GLN C 327 -64.34 -34.52 13.90
N GLN C 328 -65.66 -34.65 13.91
CA GLN C 328 -66.27 -35.91 13.57
C GLN C 328 -66.26 -36.17 12.07
N GLU C 329 -66.19 -35.11 11.25
CA GLU C 329 -66.02 -35.31 9.82
C GLU C 329 -64.68 -35.97 9.60
N TYR C 330 -63.63 -35.36 10.16
CA TYR C 330 -62.25 -35.84 10.03
C TYR C 330 -62.09 -37.31 10.40
N GLU C 331 -62.50 -37.67 11.60
CA GLU C 331 -62.38 -39.03 12.10
C GLU C 331 -63.02 -40.01 11.12
N HIS C 332 -64.24 -39.68 10.68
CA HIS C 332 -65.00 -40.51 9.78
C HIS C 332 -64.28 -40.78 8.50
N ILE C 333 -63.51 -39.79 8.04
CA ILE C 333 -62.87 -39.91 6.74
C ILE C 333 -61.54 -40.61 6.85
N LEU C 334 -60.80 -40.28 7.91
CA LEU C 334 -59.51 -40.90 8.15
C LEU C 334 -59.66 -42.38 8.51
N SER C 335 -60.64 -42.67 9.36
CA SER C 335 -60.95 -44.06 9.69
C SER C 335 -61.37 -44.85 8.45
N PHE C 336 -62.13 -44.21 7.54
CA PHE C 336 -62.53 -44.86 6.29
C PHE C 336 -61.32 -45.24 5.44
N PHE C 337 -60.38 -44.29 5.31
CA PHE C 337 -59.22 -44.46 4.42
C PHE C 337 -58.12 -45.36 5.00
N LYS C 338 -57.95 -45.27 6.32
CA LYS C 338 -57.09 -46.21 7.07
C LYS C 338 -57.55 -47.64 6.91
N LYS C 339 -58.87 -47.79 6.64
CA LYS C 339 -59.56 -49.08 6.43
C LYS C 339 -59.77 -49.42 4.95
N ASN C 340 -59.47 -48.46 4.07
CA ASN C 340 -59.47 -48.71 2.63
C ASN C 340 -58.12 -48.35 2.03
N ASP C 341 -57.14 -49.17 2.39
CA ASP C 341 -55.73 -48.83 2.23
C ASP C 341 -55.23 -48.77 0.79
N ALA C 342 -55.76 -49.66 -0.05
CA ALA C 342 -55.46 -49.68 -1.48
C ALA C 342 -56.03 -48.44 -2.16
N LEU C 343 -57.28 -48.12 -1.81
CA LEU C 343 -58.02 -47.01 -2.38
C LEU C 343 -57.31 -45.68 -2.09
N ALA C 344 -56.72 -45.58 -0.91
CA ALA C 344 -55.91 -44.43 -0.57
C ALA C 344 -54.71 -44.35 -1.52
N GLN C 345 -53.96 -45.45 -1.61
CA GLN C 345 -52.76 -45.54 -2.45
C GLN C 345 -53.04 -45.12 -3.90
N GLU C 346 -54.22 -45.47 -4.41
CA GLU C 346 -54.56 -45.21 -5.80
C GLU C 346 -54.72 -43.72 -6.04
N ILE C 347 -55.48 -43.06 -5.15
CA ILE C 347 -55.70 -41.62 -5.19
C ILE C 347 -54.41 -40.87 -4.94
N ALA C 348 -53.66 -41.32 -3.94
CA ALA C 348 -52.37 -40.72 -3.62
C ALA C 348 -51.45 -40.72 -4.83
N GLN C 349 -51.40 -41.86 -5.54
CA GLN C 349 -50.56 -42.02 -6.73
C GLN C 349 -50.93 -41.03 -7.87
N ARG C 350 -52.19 -41.10 -8.31
CA ARG C 350 -52.69 -40.30 -9.45
C ARG C 350 -52.44 -38.79 -9.26
N GLY C 351 -52.68 -38.31 -8.04
CA GLY C 351 -52.40 -36.94 -7.63
C GLY C 351 -50.95 -36.58 -7.83
N TYR C 352 -50.03 -37.42 -7.33
CA TYR C 352 -48.59 -37.24 -7.56
C TYR C 352 -48.31 -37.23 -9.05
N ASP C 353 -48.86 -38.22 -9.76
CA ASP C 353 -48.62 -38.35 -11.19
C ASP C 353 -49.07 -37.10 -11.91
N PHE C 354 -50.18 -36.52 -11.47
CA PHE C 354 -50.64 -35.29 -12.12
C PHE C 354 -49.65 -34.14 -11.99
N ILE C 355 -49.23 -33.86 -10.76
CA ILE C 355 -48.32 -32.74 -10.48
C ILE C 355 -46.96 -32.96 -11.16
N TRP C 356 -46.51 -34.20 -11.14
CA TRP C 356 -45.22 -34.57 -11.73
C TRP C 356 -45.24 -34.37 -13.24
N GLU C 357 -46.37 -34.72 -13.85
CA GLU C 357 -46.53 -34.67 -15.31
C GLU C 357 -47.02 -33.33 -15.86
N HIS C 358 -47.84 -32.63 -15.08
CA HIS C 358 -48.53 -31.44 -15.58
C HIS C 358 -48.16 -30.13 -14.89
N LEU C 359 -47.31 -30.19 -13.86
CA LEU C 359 -46.81 -28.98 -13.17
C LEU C 359 -45.27 -28.93 -13.11
N ARG C 360 -44.66 -29.23 -14.26
CA ARG C 360 -43.23 -29.02 -14.46
C ARG C 360 -42.95 -27.53 -14.71
N MET C 361 -41.68 -27.16 -14.61
CA MET C 361 -41.27 -25.78 -14.92
C MET C 361 -41.67 -25.39 -16.34
N LYS C 362 -41.57 -26.35 -17.26
CA LYS C 362 -42.05 -26.20 -18.63
C LYS C 362 -43.52 -25.79 -18.67
N ASP C 363 -44.33 -26.44 -17.84
CA ASP C 363 -45.76 -26.15 -17.73
C ASP C 363 -46.06 -24.77 -17.12
N ILE C 364 -45.23 -24.33 -16.16
CA ILE C 364 -45.28 -22.94 -15.64
C ILE C 364 -44.95 -21.91 -16.72
N LYS C 365 -43.80 -22.13 -17.36
CA LYS C 365 -43.28 -21.24 -18.39
C LYS C 365 -44.19 -21.06 -19.60
N CYS C 366 -44.66 -22.17 -20.19
CA CYS C 366 -45.54 -22.11 -21.35
C CYS C 366 -46.91 -21.52 -21.03
N TYR C 367 -47.40 -21.72 -19.81
CA TYR C 367 -48.65 -21.06 -19.38
C TYR C 367 -48.47 -19.55 -19.37
N TRP C 368 -47.38 -19.07 -18.77
CA TRP C 368 -47.04 -17.64 -18.78
C TRP C 368 -47.15 -17.05 -20.17
N ARG C 369 -46.53 -17.76 -21.11
CA ARG C 369 -46.44 -17.36 -22.52
C ARG C 369 -47.80 -17.29 -23.20
N LYS C 370 -48.55 -18.40 -23.14
CA LYS C 370 -49.86 -18.50 -23.75
C LYS C 370 -50.83 -17.44 -23.20
N LEU C 371 -50.82 -17.27 -21.87
CA LEU C 371 -51.63 -16.26 -21.19
C LEU C 371 -51.38 -14.88 -21.77
N LEU C 372 -50.11 -14.47 -21.82
CA LEU C 372 -49.76 -13.14 -22.30
C LEU C 372 -50.11 -12.88 -23.77
N LYS C 373 -49.87 -13.88 -24.63
CA LYS C 373 -50.13 -13.77 -26.07
C LYS C 373 -51.62 -13.64 -26.36
N ARG C 374 -52.40 -14.36 -25.57
CA ARG C 374 -53.85 -14.30 -25.67
C ARG C 374 -54.37 -13.00 -25.01
N TYR C 375 -53.55 -12.39 -24.16
CA TYR C 375 -53.93 -11.17 -23.43
C TYR C 375 -53.72 -9.93 -24.28
N VAL C 376 -52.53 -9.82 -24.88
CA VAL C 376 -52.18 -8.69 -25.76
C VAL C 376 -53.22 -8.46 -26.86
N LYS C 377 -53.83 -9.54 -27.34
CA LYS C 377 -54.84 -9.49 -28.40
C LYS C 377 -56.06 -8.62 -28.06
N LEU C 378 -56.36 -8.54 -26.77
CA LEU C 378 -57.52 -7.79 -26.29
C LEU C 378 -57.25 -6.30 -26.28
N LEU C 379 -55.97 -5.92 -26.26
CA LEU C 379 -55.54 -4.52 -26.28
C LEU C 379 -56.05 -3.75 -27.50
N GLN C 380 -56.96 -2.80 -27.21
CA GLN C 380 -57.61 -1.97 -28.23
C GLN C 380 -56.86 -0.66 -28.49
N TYR C 381 -55.63 -0.57 -27.97
CA TYR C 381 -54.84 0.66 -28.04
C TYR C 381 -53.38 0.38 -28.41
N GLU C 382 -52.63 1.46 -28.63
CA GLU C 382 -51.20 1.38 -28.91
C GLU C 382 -50.40 1.74 -27.66
N VAL C 383 -49.41 0.91 -27.35
CA VAL C 383 -48.58 1.08 -26.16
C VAL C 383 -47.55 2.18 -26.40
N LYS C 384 -47.38 3.05 -25.40
CA LYS C 384 -46.46 4.18 -25.48
C LYS C 384 -45.47 4.10 -24.31
N PRO C 385 -44.18 4.45 -24.55
CA PRO C 385 -43.26 4.36 -23.42
C PRO C 385 -43.61 5.42 -22.36
N GLU C 386 -43.20 5.18 -21.12
CA GLU C 386 -43.48 6.08 -20.00
C GLU C 386 -42.18 6.23 -19.22
N ASP C 387 -41.68 7.44 -19.09
CA ASP C 387 -40.35 7.67 -18.49
C ASP C 387 -40.17 7.30 -17.01
N GLN C 388 -41.19 7.54 -16.18
CA GLN C 388 -41.06 7.21 -14.75
C GLN C 388 -40.88 5.70 -14.50
N LEU C 389 -41.18 4.89 -15.50
CA LEU C 389 -40.97 3.44 -15.40
C LEU C 389 -39.48 3.08 -15.49
N ILE C 390 -39.04 2.08 -14.73
CA ILE C 390 -37.64 1.71 -14.76
C ILE C 390 -37.42 0.50 -15.66
N TYR C 391 -36.31 0.52 -16.38
CA TYR C 391 -35.93 -0.57 -17.27
C TYR C 391 -35.42 -1.74 -16.42
N ILE C 392 -36.01 -2.92 -16.63
CA ILE C 392 -35.64 -4.13 -15.87
C ILE C 392 -34.63 -4.99 -16.64
N GLY C 393 -34.98 -5.34 -17.88
CA GLY C 393 -34.10 -6.16 -18.71
C GLY C 393 -34.65 -6.47 -20.08
N PRO C 394 -34.16 -7.56 -20.72
CA PRO C 394 -33.01 -8.36 -20.25
C PRO C 394 -31.67 -7.78 -20.72
N ASN D 30 62.19 40.90 8.06
CA ASN D 30 61.60 39.78 8.84
C ASN D 30 60.06 39.75 8.75
N GLU D 31 59.41 40.57 9.58
CA GLU D 31 57.96 40.70 9.59
C GLU D 31 57.41 41.20 8.25
N ASP D 32 58.07 42.19 7.65
CA ASP D 32 57.66 42.69 6.32
C ASP D 32 57.79 41.60 5.26
N GLU D 33 58.77 40.70 5.45
CA GLU D 33 58.90 39.51 4.59
C GLU D 33 57.63 38.73 4.69
N PHE D 34 57.24 38.49 5.94
CA PHE D 34 56.05 37.72 6.24
C PHE D 34 54.80 38.40 5.65
N SER D 35 54.61 39.67 5.99
CA SER D 35 53.45 40.43 5.52
C SER D 35 53.18 40.40 4.00
N PHE D 36 54.18 40.77 3.20
CA PHE D 36 53.98 40.77 1.74
C PHE D 36 53.72 39.36 1.25
N LYS D 37 54.47 38.39 1.79
CA LYS D 37 54.31 36.99 1.40
C LYS D 37 52.84 36.57 1.45
N ILE D 38 52.19 36.88 2.57
CA ILE D 38 50.77 36.61 2.75
C ILE D 38 49.93 37.47 1.79
N ARG D 39 50.16 38.78 1.80
CA ARG D 39 49.40 39.68 0.93
C ARG D 39 49.50 39.31 -0.54
N ARG D 40 50.67 38.85 -0.98
CA ARG D 40 50.86 38.39 -2.37
C ARG D 40 49.93 37.19 -2.61
N GLN D 41 49.95 36.25 -1.67
CA GLN D 41 49.18 35.03 -1.80
C GLN D 41 47.68 35.32 -1.76
N ILE D 42 47.28 36.28 -0.94
CA ILE D 42 45.89 36.74 -0.88
C ILE D 42 45.49 37.48 -2.16
N GLU D 43 46.32 38.44 -2.58
CA GLU D 43 46.11 39.15 -3.85
C GLU D 43 45.93 38.20 -5.01
N LYS D 44 46.88 37.26 -5.14
CA LYS D 44 46.94 36.33 -6.26
C LYS D 44 45.72 35.40 -6.28
N ALA D 45 45.37 34.86 -5.11
CA ALA D 45 44.15 34.04 -4.97
C ALA D 45 42.89 34.80 -5.44
N ASN D 46 42.82 36.08 -5.09
CA ASN D 46 41.62 36.87 -5.33
C ASN D 46 41.45 37.44 -6.73
N ALA D 47 42.56 37.64 -7.46
CA ALA D 47 42.51 37.86 -8.92
C ALA D 47 42.05 36.56 -9.63
N ASP D 48 42.58 35.44 -9.15
CA ASP D 48 42.34 34.14 -9.76
C ASP D 48 41.01 33.50 -9.42
N TYR D 49 40.33 34.03 -8.41
CA TYR D 49 39.08 33.43 -7.97
C TYR D 49 37.98 33.49 -9.03
N LYS D 50 37.41 32.34 -9.35
CA LYS D 50 36.17 32.30 -10.11
C LYS D 50 35.12 31.48 -9.34
N PRO D 51 33.92 32.07 -9.10
CA PRO D 51 32.78 31.43 -8.44
C PRO D 51 32.44 30.04 -9.00
N CYS D 52 31.96 29.16 -8.12
CA CYS D 52 31.70 27.77 -8.49
C CYS D 52 30.47 27.64 -9.41
N SER D 53 29.65 28.68 -9.47
CA SER D 53 28.48 28.67 -10.34
C SER D 53 28.22 30.07 -10.87
N SER D 54 27.70 30.15 -12.09
CA SER D 54 27.39 31.42 -12.76
C SER D 54 26.30 32.18 -12.03
N ASP D 55 25.23 31.48 -11.67
CA ASP D 55 24.20 32.05 -10.81
C ASP D 55 24.38 31.52 -9.39
N PRO D 56 24.25 32.40 -8.37
CA PRO D 56 24.39 32.03 -6.97
C PRO D 56 23.47 30.89 -6.49
N GLN D 57 22.28 30.76 -7.09
CA GLN D 57 21.36 29.65 -6.76
C GLN D 57 21.77 28.29 -7.32
N ASP D 58 22.67 28.30 -8.31
CA ASP D 58 23.29 27.09 -8.85
C ASP D 58 22.22 26.07 -9.27
N SER D 59 21.39 26.46 -10.24
CA SER D 59 20.21 25.68 -10.61
C SER D 59 20.57 24.32 -11.21
N ASP D 60 21.73 24.26 -11.86
CA ASP D 60 22.20 23.03 -12.52
C ASP D 60 23.05 22.14 -11.61
N CYS D 61 23.13 22.47 -10.32
CA CYS D 61 23.93 21.72 -9.31
C CYS D 61 25.36 21.43 -9.81
N SER D 62 26.05 22.49 -10.23
CA SER D 62 27.33 22.38 -10.89
C SER D 62 28.53 22.77 -10.01
N CYS D 63 28.25 23.21 -8.79
CA CYS D 63 29.25 23.87 -7.94
C CYS D 63 30.51 23.05 -7.63
N HIS D 64 30.33 21.80 -7.20
CA HIS D 64 31.47 20.93 -6.90
C HIS D 64 31.60 19.87 -7.95
N ALA D 65 31.35 20.25 -9.20
CA ALA D 65 31.22 19.31 -10.31
C ALA D 65 32.56 18.73 -10.67
N ASN D 66 33.61 19.49 -10.38
CA ASN D 66 34.96 19.11 -10.75
C ASN D 66 35.39 17.83 -10.08
N VAL D 67 34.84 17.62 -8.89
CA VAL D 67 35.22 16.52 -8.02
C VAL D 67 34.67 15.18 -8.51
N LEU D 68 33.34 15.09 -8.65
CA LEU D 68 32.72 13.84 -9.06
C LEU D 68 33.16 13.46 -10.47
N LYS D 69 33.56 14.45 -11.27
CA LYS D 69 34.07 14.15 -12.60
C LYS D 69 35.42 13.47 -12.49
N ARG D 70 36.31 14.04 -11.68
CA ARG D 70 37.62 13.45 -11.40
C ARG D 70 37.57 12.10 -10.66
N ASP D 71 36.62 11.95 -9.74
CA ASP D 71 36.45 10.69 -9.02
C ASP D 71 35.98 9.57 -9.97
N LEU D 72 35.18 9.95 -10.96
CA LEU D 72 34.59 9.00 -11.89
C LEU D 72 35.41 8.89 -13.18
N ALA D 73 36.52 9.64 -13.24
CA ALA D 73 37.38 9.67 -14.43
C ALA D 73 38.07 8.32 -14.78
N PRO D 74 38.84 7.75 -13.82
CA PRO D 74 39.54 6.47 -14.03
C PRO D 74 38.67 5.29 -14.49
N TYR D 75 37.36 5.47 -14.54
CA TYR D 75 36.47 4.37 -14.92
C TYR D 75 35.76 4.63 -16.25
N LYS D 76 35.84 5.88 -16.72
CA LYS D 76 35.11 6.30 -17.91
C LYS D 76 35.40 5.47 -19.17
N SER D 77 36.65 5.03 -19.35
CA SER D 77 37.02 4.20 -20.49
C SER D 77 36.49 2.75 -20.45
N THR D 78 36.67 2.06 -19.32
CA THR D 78 36.28 0.64 -19.19
C THR D 78 34.95 0.44 -18.46
N GLY D 79 34.63 1.40 -17.59
CA GLY D 79 33.41 1.32 -16.78
C GLY D 79 33.51 0.30 -15.67
N VAL D 80 32.35 -0.15 -15.22
CA VAL D 80 32.29 -0.98 -14.04
C VAL D 80 31.74 -2.35 -14.43
N THR D 81 32.55 -3.37 -14.24
CA THR D 81 32.13 -4.74 -14.56
C THR D 81 31.58 -5.43 -13.31
N ARG D 82 30.91 -6.57 -13.49
CA ARG D 82 30.40 -7.32 -12.35
C ARG D 82 31.55 -7.76 -11.43
N GLN D 83 32.73 -8.00 -12.02
CA GLN D 83 33.89 -8.43 -11.22
C GLN D 83 34.37 -7.37 -10.25
N MET D 84 34.69 -6.18 -10.77
CA MET D 84 35.15 -5.05 -9.96
C MET D 84 34.24 -4.85 -8.76
N ILE D 85 32.94 -4.95 -8.99
CA ILE D 85 31.92 -4.85 -7.96
C ILE D 85 32.11 -5.90 -6.86
N GLU D 86 32.05 -7.17 -7.25
CA GLU D 86 32.19 -8.28 -6.31
C GLU D 86 33.57 -8.25 -5.68
N SER D 87 34.58 -7.86 -6.47
CA SER D 87 35.93 -7.65 -5.98
C SER D 87 35.99 -6.52 -4.94
N SER D 88 35.23 -5.45 -5.18
CA SER D 88 35.24 -4.27 -4.32
C SER D 88 34.43 -4.41 -3.04
N ALA D 89 33.60 -5.45 -2.98
CA ALA D 89 32.65 -5.64 -1.90
C ALA D 89 33.29 -5.74 -0.52
N ARG D 90 34.55 -6.15 -0.48
CA ARG D 90 35.27 -6.33 0.78
C ARG D 90 35.58 -5.00 1.47
N TYR D 91 35.49 -3.91 0.73
CA TYR D 91 35.89 -2.61 1.25
C TYR D 91 34.74 -1.78 1.82
N GLY D 92 33.51 -2.15 1.50
CA GLY D 92 32.37 -1.32 1.90
C GLY D 92 31.05 -2.02 2.14
N THR D 93 30.01 -1.22 2.39
CA THR D 93 28.65 -1.69 2.62
C THR D 93 27.91 -1.69 1.30
N LYS D 94 27.58 -2.89 0.83
CA LYS D 94 27.01 -3.13 -0.50
C LYS D 94 25.56 -2.66 -0.57
N TYR D 95 25.35 -1.51 -1.20
CA TYR D 95 24.01 -0.94 -1.47
C TYR D 95 23.59 -1.20 -2.90
N LYS D 96 22.37 -1.68 -3.08
CA LYS D 96 21.88 -1.92 -4.42
C LYS D 96 20.50 -1.30 -4.58
N ILE D 97 20.36 -0.48 -5.62
CA ILE D 97 19.05 -0.05 -6.09
C ILE D 97 18.59 -1.06 -7.14
N TYR D 98 17.43 -1.67 -6.90
CA TYR D 98 16.86 -2.63 -7.85
C TYR D 98 15.35 -2.45 -7.98
N GLY D 99 14.94 -2.03 -9.17
CA GLY D 99 13.54 -1.75 -9.45
C GLY D 99 12.97 -0.73 -8.49
N HIS D 100 13.76 0.28 -8.18
CA HIS D 100 13.41 1.30 -7.21
C HIS D 100 13.01 0.72 -5.88
N ARG D 101 13.81 -0.24 -5.45
CA ARG D 101 13.81 -0.69 -4.07
C ARG D 101 15.26 -0.73 -3.66
N LEU D 102 15.52 -0.43 -2.39
CA LEU D 102 16.87 -0.39 -1.90
C LEU D 102 17.17 -1.68 -1.13
N TYR D 103 18.30 -2.28 -1.47
CA TYR D 103 18.78 -3.50 -0.81
C TYR D 103 20.19 -3.25 -0.29
N ARG D 104 20.57 -3.95 0.77
CA ARG D 104 21.81 -3.67 1.49
C ARG D 104 22.27 -4.89 2.29
N ASP D 105 23.58 -5.06 2.38
CA ASP D 105 24.16 -5.98 3.35
C ASP D 105 23.47 -5.84 4.69
N ALA D 106 23.10 -6.98 5.26
CA ALA D 106 22.45 -7.01 6.55
C ALA D 106 23.32 -6.36 7.62
N ASN D 107 24.61 -6.70 7.63
CA ASN D 107 25.54 -6.13 8.59
C ASN D 107 25.98 -4.75 8.15
N CYS D 108 25.66 -3.74 8.96
CA CYS D 108 26.31 -2.45 8.82
C CYS D 108 27.26 -2.21 10.00
N MET D 109 28.55 -2.07 9.69
CA MET D 109 29.58 -1.83 10.69
C MET D 109 29.17 -0.75 11.69
N PHE D 110 28.60 0.35 11.17
CA PHE D 110 28.15 1.48 11.99
C PHE D 110 26.69 1.85 11.64
N PRO D 111 25.73 1.13 12.23
CA PRO D 111 24.33 1.24 11.80
C PRO D 111 23.82 2.67 11.75
N ALA D 112 24.37 3.57 12.58
CA ALA D 112 23.94 4.98 12.63
C ALA D 112 24.34 5.76 11.37
N ARG D 113 25.57 5.57 10.95
CA ARG D 113 26.08 6.17 9.72
C ARG D 113 25.31 5.65 8.51
N CYS D 114 24.83 4.41 8.58
CA CYS D 114 24.02 3.81 7.52
C CYS D 114 22.68 4.52 7.31
N GLU D 115 21.92 4.75 8.38
CA GLU D 115 20.67 5.51 8.28
C GLU D 115 20.90 6.90 7.71
N GLY D 116 22.09 7.45 7.96
CA GLY D 116 22.48 8.77 7.46
C GLY D 116 22.59 8.80 5.94
N ILE D 117 23.35 7.86 5.39
CA ILE D 117 23.49 7.68 3.94
C ILE D 117 22.16 7.37 3.29
N GLU D 118 21.42 6.43 3.90
CA GLU D 118 20.12 5.99 3.39
C GLU D 118 19.09 7.13 3.36
N HIS D 119 19.20 8.10 4.27
CA HIS D 119 18.26 9.23 4.29
C HIS D 119 18.28 10.05 3.03
N PHE D 120 19.45 10.15 2.41
CA PHE D 120 19.61 10.88 1.16
C PHE D 120 19.34 9.96 -0.04
N LEU D 121 19.70 8.68 0.12
CA LEU D 121 19.50 7.67 -0.91
C LEU D 121 18.02 7.37 -1.18
N LEU D 122 17.26 7.05 -0.13
CA LEU D 122 15.88 6.59 -0.23
C LEU D 122 14.95 7.43 -1.14
N PRO D 123 14.91 8.75 -0.92
CA PRO D 123 14.07 9.56 -1.81
C PRO D 123 14.52 9.57 -3.28
N LEU D 124 15.78 9.20 -3.55
CA LEU D 124 16.28 9.16 -4.93
C LEU D 124 16.02 7.83 -5.66
N VAL D 125 15.97 6.75 -4.89
CA VAL D 125 15.72 5.38 -5.38
C VAL D 125 14.40 5.28 -6.16
N ALA D 126 13.36 5.90 -5.62
CA ALA D 126 12.06 6.01 -6.30
C ALA D 126 12.16 6.47 -7.77
N THR D 127 13.27 7.10 -8.17
CA THR D 127 13.38 7.62 -9.54
C THR D 127 14.70 7.32 -10.25
N LEU D 128 15.51 6.42 -9.69
CA LEU D 128 16.83 6.09 -10.26
C LEU D 128 16.88 4.67 -10.90
N PRO D 129 17.75 4.47 -11.92
CA PRO D 129 17.97 3.14 -12.54
C PRO D 129 18.65 2.16 -11.60
N ASP D 130 18.61 0.88 -11.90
CA ASP D 130 19.22 -0.12 -11.01
C ASP D 130 20.75 0.00 -11.03
N MET D 131 21.40 -0.27 -9.90
CA MET D 131 22.89 -0.18 -9.76
C MET D 131 23.47 -0.92 -8.55
N ASP D 132 24.78 -1.15 -8.55
CA ASP D 132 25.47 -1.74 -7.39
C ASP D 132 26.48 -0.78 -6.77
N LEU D 133 26.25 -0.40 -5.51
CA LEU D 133 27.11 0.59 -4.85
C LEU D 133 27.86 0.00 -3.67
N ILE D 134 29.18 0.11 -3.74
CA ILE D 134 30.01 -0.24 -2.59
C ILE D 134 30.36 1.06 -1.87
N ILE D 135 29.68 1.28 -0.74
CA ILE D 135 29.85 2.48 0.06
C ILE D 135 30.56 2.14 1.38
N ASN D 136 31.70 2.78 1.60
CA ASN D 136 32.46 2.63 2.83
C ASN D 136 31.93 3.59 3.91
N THR D 137 31.47 3.03 5.03
CA THR D 137 30.99 3.86 6.16
C THR D 137 32.11 4.13 7.13
N ARG D 138 33.28 3.54 6.90
CA ARG D 138 34.44 3.81 7.75
C ARG D 138 34.98 5.23 7.52
N ASP D 139 35.84 5.67 8.42
CA ASP D 139 36.45 6.97 8.31
C ASP D 139 37.48 6.96 7.19
N TYR D 140 38.33 5.95 7.23
CA TYR D 140 39.51 5.89 6.39
C TYR D 140 39.18 5.29 5.02
N PRO D 141 39.70 5.90 3.95
CA PRO D 141 39.61 5.33 2.61
C PRO D 141 40.17 3.90 2.49
N GLN D 142 39.83 3.25 1.38
CA GLN D 142 40.07 1.84 1.24
C GLN D 142 40.86 1.51 -0.03
N LEU D 143 40.71 2.33 -1.07
CA LEU D 143 41.33 2.06 -2.37
C LEU D 143 42.67 2.76 -2.52
N ASN D 144 43.71 2.17 -1.94
CA ASN D 144 45.05 2.70 -2.09
C ASN D 144 45.57 2.52 -3.51
N ALA D 145 45.91 3.63 -4.15
CA ALA D 145 46.30 3.63 -5.56
C ALA D 145 47.68 3.03 -5.79
N ALA D 146 48.50 2.99 -4.74
CA ALA D 146 49.84 2.41 -4.82
C ALA D 146 49.76 0.89 -5.03
N TRP D 147 48.89 0.21 -4.27
CA TRP D 147 48.54 -1.17 -4.59
C TRP D 147 47.87 -1.17 -5.94
N GLY D 148 47.82 -2.32 -6.59
CA GLY D 148 47.18 -2.39 -7.90
C GLY D 148 46.24 -3.56 -8.03
N ASN D 149 45.39 -3.48 -9.06
CA ASN D 149 44.48 -4.59 -9.45
C ASN D 149 43.44 -4.95 -8.38
N ALA D 150 43.90 -5.27 -7.17
CA ALA D 150 43.04 -5.65 -6.04
C ALA D 150 42.15 -4.48 -5.56
N ALA D 151 42.66 -3.26 -5.70
CA ALA D 151 41.97 -2.08 -5.18
C ALA D 151 41.64 -1.05 -6.28
N GLY D 152 41.08 -1.55 -7.37
CA GLY D 152 40.67 -0.70 -8.50
C GLY D 152 39.32 -0.04 -8.30
N GLY D 153 38.48 -0.63 -7.46
CA GLY D 153 37.16 -0.07 -7.17
C GLY D 153 36.07 -0.44 -8.15
N PRO D 154 35.07 0.43 -8.32
CA PRO D 154 34.92 1.72 -7.62
C PRO D 154 34.39 1.58 -6.19
N VAL D 155 34.95 2.33 -5.26
CA VAL D 155 34.40 2.33 -3.90
C VAL D 155 34.15 3.74 -3.37
N PHE D 156 33.02 3.91 -2.69
CA PHE D 156 32.59 5.20 -2.18
C PHE D 156 32.95 5.42 -0.70
N SER D 157 33.75 6.45 -0.44
CA SER D 157 34.04 6.89 0.92
C SER D 157 33.80 8.40 1.06
N PHE D 158 33.68 8.89 2.29
CA PHE D 158 33.41 10.30 2.52
C PHE D 158 34.66 11.17 2.46
N SER D 159 35.83 10.57 2.72
CA SER D 159 37.08 11.34 2.75
C SER D 159 38.27 10.62 2.08
N LYS D 160 39.06 11.38 1.32
CA LYS D 160 40.22 10.82 0.59
C LYS D 160 41.42 11.78 0.44
N THR D 161 42.55 11.24 -0.03
CA THR D 161 43.68 12.03 -0.49
C THR D 161 43.94 11.60 -1.93
N LYS D 162 44.98 12.14 -2.55
CA LYS D 162 45.34 11.81 -3.94
C LYS D 162 45.76 10.34 -4.06
N GLU D 163 46.21 9.78 -2.95
CA GLU D 163 46.59 8.37 -2.89
C GLU D 163 45.46 7.38 -3.16
N TYR D 164 44.22 7.74 -2.86
CA TYR D 164 43.13 6.77 -2.91
C TYR D 164 42.16 6.99 -4.06
N ARG D 165 41.60 5.90 -4.57
CA ARG D 165 40.67 5.95 -5.68
C ARG D 165 39.20 6.03 -5.24
N ASP D 166 38.97 6.00 -3.93
CA ASP D 166 37.60 6.13 -3.39
C ASP D 166 36.84 7.32 -3.98
N ILE D 167 35.63 7.09 -4.47
CA ILE D 167 34.78 8.17 -4.95
C ILE D 167 34.08 8.83 -3.77
N MET D 168 34.13 10.16 -3.75
CA MET D 168 33.66 10.94 -2.59
C MET D 168 32.14 11.15 -2.56
N TYR D 169 31.57 10.98 -1.38
CA TYR D 169 30.15 11.20 -1.17
C TYR D 169 29.92 12.07 0.07
N PRO D 170 28.77 12.78 0.12
CA PRO D 170 28.47 13.61 1.29
C PRO D 170 28.33 12.75 2.52
N ALA D 171 29.14 13.02 3.54
CA ALA D 171 29.14 12.25 4.77
C ALA D 171 27.75 12.06 5.40
N TRP D 172 27.60 10.94 6.09
CA TRP D 172 26.39 10.58 6.85
C TRP D 172 25.96 11.69 7.78
N THR D 173 26.94 12.40 8.34
CA THR D 173 26.71 13.40 9.40
C THR D 173 25.86 14.60 8.97
N PHE D 174 25.67 14.81 7.68
CA PHE D 174 24.71 15.85 7.26
C PHE D 174 23.29 15.52 7.75
N TRP D 175 23.08 14.28 8.19
CA TRP D 175 21.81 13.83 8.74
C TRP D 175 21.90 13.10 10.06
N ALA D 176 22.79 12.11 10.18
CA ALA D 176 22.95 11.32 11.40
C ALA D 176 24.25 10.50 11.41
N GLY D 177 24.70 10.09 12.59
CA GLY D 177 25.81 9.14 12.70
C GLY D 177 27.21 9.72 12.88
N GLY D 178 27.31 11.04 12.94
CA GLY D 178 28.57 11.72 13.27
C GLY D 178 28.93 11.46 14.72
N PRO D 179 30.14 11.84 15.15
CA PRO D 179 30.61 11.43 16.48
C PRO D 179 29.64 11.80 17.59
N ALA D 180 29.48 10.89 18.57
CA ALA D 180 28.60 11.11 19.72
C ALA D 180 29.38 11.69 20.90
N THR D 181 28.88 12.81 21.41
CA THR D 181 29.51 13.50 22.52
C THR D 181 28.44 13.89 23.53
N LYS D 182 28.84 14.51 24.65
CA LYS D 182 27.86 14.92 25.68
C LYS D 182 26.78 15.85 25.13
N LEU D 183 27.15 16.73 24.20
CA LEU D 183 26.24 17.72 23.62
C LEU D 183 25.41 17.19 22.44
N HIS D 184 26.01 16.25 21.69
CA HIS D 184 25.31 15.53 20.62
C HIS D 184 25.35 14.05 20.92
N PRO D 185 24.45 13.58 21.80
CA PRO D 185 24.54 12.20 22.31
C PRO D 185 24.17 11.15 21.27
N ARG D 186 23.31 11.53 20.33
CA ARG D 186 22.93 10.66 19.22
C ARG D 186 23.93 10.72 18.05
N GLY D 187 25.07 11.35 18.30
CA GLY D 187 26.01 11.70 17.24
C GLY D 187 25.59 12.98 16.54
N ILE D 188 26.56 13.87 16.35
CA ILE D 188 26.34 15.12 15.61
C ILE D 188 25.68 14.84 14.25
N GLY D 189 24.53 15.50 14.02
CA GLY D 189 23.76 15.34 12.79
C GLY D 189 22.97 16.58 12.43
N ARG D 190 22.03 16.42 11.51
CA ARG D 190 21.05 17.47 11.13
C ARG D 190 21.63 18.85 10.82
N TRP D 191 22.28 18.94 9.66
CA TRP D 191 22.93 20.16 9.17
C TRP D 191 21.95 21.27 8.93
N ASP D 192 20.82 20.92 8.30
CA ASP D 192 19.70 21.87 8.08
C ASP D 192 19.35 22.71 9.30
N GLN D 193 19.45 22.10 10.48
CA GLN D 193 19.09 22.75 11.74
C GLN D 193 20.26 23.53 12.31
N MET D 194 21.40 22.86 12.40
CA MET D 194 22.66 23.42 12.87
C MET D 194 23.04 24.67 12.07
N ARG D 195 22.69 24.68 10.79
CA ARG D 195 22.89 25.85 9.91
C ARG D 195 22.17 27.10 10.40
N GLU D 196 20.89 26.95 10.73
CA GLU D 196 20.10 28.04 11.27
C GLU D 196 20.60 28.46 12.65
N LYS D 197 21.03 27.47 13.43
CA LYS D 197 21.50 27.69 14.80
C LYS D 197 22.74 28.59 14.82
N LEU D 198 23.70 28.28 13.94
CA LEU D 198 24.98 29.00 13.89
C LEU D 198 24.83 30.35 13.20
N GLU D 199 23.97 30.40 12.18
CA GLU D 199 23.66 31.63 11.45
C GLU D 199 23.22 32.68 12.44
N LYS D 200 22.37 32.25 13.37
CA LYS D 200 21.80 33.09 14.41
C LYS D 200 22.90 33.58 15.34
N ARG D 201 23.69 32.64 15.85
CA ARG D 201 24.76 32.96 16.77
C ARG D 201 25.81 33.84 16.08
N ALA D 202 26.04 33.63 14.78
CA ALA D 202 26.99 34.48 14.05
C ALA D 202 26.49 35.92 14.00
N ALA D 203 25.17 36.07 13.88
CA ALA D 203 24.51 37.37 13.88
C ALA D 203 24.59 38.06 15.23
N ALA D 204 24.49 37.27 16.29
CA ALA D 204 24.52 37.80 17.65
C ALA D 204 25.90 38.33 18.08
N ILE D 205 26.98 37.71 17.61
CA ILE D 205 28.34 38.08 18.00
C ILE D 205 29.07 38.70 16.80
N PRO D 206 29.05 40.04 16.68
CA PRO D 206 29.70 40.73 15.55
C PRO D 206 31.22 40.54 15.62
N TRP D 207 31.90 40.63 14.47
CA TRP D 207 33.36 40.40 14.38
C TRP D 207 34.16 41.04 15.48
N SER D 208 33.87 42.31 15.73
CA SER D 208 34.55 43.13 16.74
C SER D 208 34.48 42.59 18.17
N GLN D 209 33.39 41.90 18.50
CA GLN D 209 33.15 41.39 19.87
C GLN D 209 33.66 39.96 20.13
N LYS D 210 34.10 39.25 19.08
CA LYS D 210 34.77 37.98 19.27
C LYS D 210 36.15 38.28 19.83
N ARG D 211 36.58 37.49 20.81
CA ARG D 211 37.92 37.59 21.39
C ARG D 211 39.02 37.38 20.36
N SER D 212 40.12 38.12 20.50
CA SER D 212 41.24 38.00 19.59
C SER D 212 42.16 36.89 20.04
N LEU D 213 41.64 35.67 20.04
CA LEU D 213 42.41 34.47 20.36
C LEU D 213 42.27 33.38 19.31
N GLY D 214 43.31 32.58 19.17
CA GLY D 214 43.22 31.34 18.41
C GLY D 214 42.38 30.37 19.22
N PHE D 215 41.63 29.50 18.55
CA PHE D 215 40.76 28.58 19.27
C PHE D 215 40.60 27.18 18.69
N PHE D 216 40.83 26.19 19.54
CA PHE D 216 40.56 24.79 19.22
C PHE D 216 40.13 24.00 20.45
N ARG D 217 39.22 23.04 20.24
CA ARG D 217 38.68 22.18 21.30
C ARG D 217 38.15 20.85 20.76
N GLY D 218 38.99 19.82 20.86
CA GLY D 218 38.65 18.47 20.42
C GLY D 218 39.73 17.47 20.82
N SER D 219 39.57 16.23 20.37
CA SER D 219 40.40 15.10 20.81
C SER D 219 41.64 14.80 19.93
N ARG D 220 42.52 13.94 20.44
CA ARG D 220 43.81 13.65 19.80
C ARG D 220 43.74 12.49 18.76
N THR D 221 43.14 12.79 17.61
CA THR D 221 42.94 11.85 16.51
C THR D 221 44.05 11.97 15.42
N SER D 222 45.04 12.81 15.70
CA SER D 222 46.22 12.99 14.85
C SER D 222 47.20 13.84 15.62
N ASP D 223 48.48 13.51 15.56
CA ASP D 223 49.51 14.34 16.21
C ASP D 223 49.68 15.75 15.56
N GLU D 224 48.98 15.98 14.45
CA GLU D 224 49.03 17.26 13.76
C GLU D 224 48.43 18.37 14.63
N ARG D 225 47.83 17.96 15.75
CA ARG D 225 47.18 18.88 16.70
C ARG D 225 48.09 19.31 17.84
N ASP D 226 49.10 18.49 18.11
CA ASP D 226 50.02 18.73 19.22
C ASP D 226 50.62 20.14 19.23
N SER D 227 51.26 20.53 18.13
CA SER D 227 51.91 21.83 18.04
C SER D 227 51.01 22.98 18.51
N LEU D 228 49.70 22.84 18.29
CA LEU D 228 48.76 23.89 18.72
C LEU D 228 48.49 23.90 20.21
N ILE D 229 48.19 22.74 20.78
CA ILE D 229 47.89 22.66 22.20
C ILE D 229 49.10 23.07 23.06
N LEU D 230 50.30 22.65 22.67
CA LEU D 230 51.52 23.06 23.37
C LEU D 230 51.71 24.58 23.33
N LEU D 231 51.54 25.19 22.16
CA LEU D 231 51.60 26.66 22.04
C LEU D 231 50.57 27.32 22.97
N SER D 232 49.42 26.68 23.10
CA SER D 232 48.38 27.18 23.96
C SER D 232 48.77 27.21 25.44
N ARG D 233 49.49 26.18 25.90
CA ARG D 233 49.96 26.17 27.31
C ARG D 233 51.12 27.15 27.58
N ARG D 234 51.99 27.34 26.59
CA ARG D 234 53.09 28.30 26.65
C ARG D 234 52.62 29.78 26.51
N ASN D 235 51.52 30.01 25.77
CA ASN D 235 51.01 31.36 25.53
C ASN D 235 49.46 31.47 25.44
N PRO D 236 48.78 31.42 26.59
CA PRO D 236 47.30 31.47 26.67
C PRO D 236 46.67 32.76 26.14
N GLU D 237 47.37 33.87 26.22
CA GLU D 237 46.85 35.13 25.69
C GLU D 237 46.73 35.15 24.16
N LEU D 238 47.44 34.26 23.49
CA LEU D 238 47.34 34.12 22.05
C LEU D 238 46.36 32.99 21.69
N VAL D 239 46.57 31.84 22.30
CA VAL D 239 45.96 30.60 21.81
C VAL D 239 45.22 29.91 22.94
N GLU D 240 43.95 29.57 22.71
CA GLU D 240 43.16 28.79 23.65
C GLU D 240 42.77 27.45 23.02
N ALA D 241 43.67 26.49 23.17
CA ALA D 241 43.51 25.17 22.58
C ALA D 241 43.82 24.08 23.61
N GLN D 242 42.91 23.11 23.70
CA GLN D 242 42.96 22.01 24.67
C GLN D 242 42.43 20.68 24.11
N TYR D 243 43.10 19.57 24.48
CA TYR D 243 42.62 18.24 24.11
C TYR D 243 41.48 17.79 25.01
N THR D 244 40.42 17.27 24.39
CA THR D 244 39.33 16.58 25.08
C THR D 244 39.57 15.07 25.12
N LYS D 245 38.55 14.36 25.61
CA LYS D 245 38.54 12.90 25.69
C LYS D 245 37.67 12.34 24.57
N ASN D 246 38.26 11.57 23.65
CA ASN D 246 37.49 10.72 22.73
C ASN D 246 37.34 9.36 23.37
N GLN D 247 36.43 8.55 22.82
CA GLN D 247 36.17 7.22 23.37
C GLN D 247 37.29 6.18 23.16
N GLY D 248 38.27 6.48 22.31
CA GLY D 248 39.39 5.56 22.07
C GLY D 248 40.62 5.86 22.91
N TRP D 249 40.41 6.40 24.10
CA TRP D 249 41.51 6.86 24.97
C TRP D 249 42.25 5.71 25.60
N LYS D 250 43.58 5.81 25.63
CA LYS D 250 44.44 4.74 26.20
C LYS D 250 45.35 5.22 27.38
N SER D 251 46.14 6.27 27.14
CA SER D 251 47.03 6.84 28.17
C SER D 251 47.06 8.39 28.14
N PRO D 252 47.40 9.03 29.29
CA PRO D 252 47.47 10.49 29.34
C PRO D 252 48.29 11.13 28.20
N LYS D 253 49.03 10.31 27.43
CA LYS D 253 49.68 10.79 26.20
C LYS D 253 48.62 11.28 25.20
N ASP D 254 47.40 10.71 25.32
CA ASP D 254 46.23 11.12 24.51
C ASP D 254 45.73 12.54 24.75
N THR D 255 46.13 13.13 25.88
CA THR D 255 45.82 14.53 26.17
C THR D 255 47.11 15.30 26.47
N LEU D 256 48.21 14.81 25.88
CA LEU D 256 49.57 15.29 26.12
C LEU D 256 49.87 15.54 27.61
N ASP D 257 49.52 14.55 28.44
CA ASP D 257 49.91 14.44 29.86
C ASP D 257 49.21 15.42 30.81
N ALA D 258 47.99 15.83 30.45
CA ALA D 258 47.25 16.85 31.21
C ALA D 258 45.78 16.44 31.38
N PRO D 259 45.06 17.05 32.36
CA PRO D 259 43.63 16.74 32.64
C PRO D 259 42.68 16.92 31.45
N ALA D 260 41.68 16.05 31.33
CA ALA D 260 40.77 16.08 30.16
C ALA D 260 39.89 17.32 30.10
N ALA D 261 39.94 18.05 28.98
CA ALA D 261 39.13 19.27 28.84
C ALA D 261 37.68 18.88 28.64
N ASP D 262 36.77 19.81 28.96
CA ASP D 262 35.36 19.65 28.63
C ASP D 262 35.12 20.06 27.19
N GLU D 263 34.04 19.50 26.64
CA GLU D 263 33.60 19.80 25.30
C GLU D 263 32.94 21.19 25.26
N VAL D 264 33.00 21.83 24.09
CA VAL D 264 32.37 23.13 23.87
C VAL D 264 31.48 23.01 22.62
N SER D 265 30.28 23.58 22.70
CA SER D 265 29.34 23.54 21.57
C SER D 265 29.82 24.38 20.39
N PHE D 266 29.24 24.12 19.22
CA PHE D 266 29.63 24.80 18.00
C PHE D 266 29.33 26.29 18.05
N GLU D 267 28.25 26.63 18.74
CA GLU D 267 27.84 28.02 18.91
C GLU D 267 28.87 28.79 19.73
N ASP D 268 29.48 28.13 20.71
CA ASP D 268 30.41 28.83 21.59
C ASP D 268 31.79 29.01 20.95
N HIS D 269 32.05 28.26 19.88
CA HIS D 269 33.20 28.52 19.01
C HIS D 269 33.17 29.92 18.46
N CYS D 270 31.96 30.44 18.24
CA CYS D 270 31.76 31.68 17.48
C CYS D 270 32.20 32.96 18.15
N LYS D 271 32.56 32.89 19.43
CA LYS D 271 33.01 34.07 20.13
C LYS D 271 34.52 34.28 20.09
N TYR D 272 35.21 33.51 19.25
CA TYR D 272 36.65 33.69 19.05
C TYR D 272 36.90 34.00 17.60
N LYS D 273 37.82 34.93 17.37
CA LYS D 273 38.10 35.43 16.02
C LYS D 273 38.75 34.36 15.14
N TYR D 274 39.56 33.52 15.77
CA TYR D 274 40.47 32.67 15.03
C TYR D 274 40.23 31.19 15.33
N LEU D 275 39.64 30.47 14.38
CA LEU D 275 39.31 29.06 14.60
C LEU D 275 40.14 28.11 13.76
N PHE D 276 40.74 27.14 14.45
CA PHE D 276 41.61 26.12 13.82
C PHE D 276 40.85 24.84 13.47
N ASN D 277 41.33 24.15 12.43
CA ASN D 277 40.79 22.84 12.06
C ASN D 277 41.94 21.91 11.60
N PHE D 278 41.92 20.68 12.12
CA PHE D 278 42.91 19.67 11.79
C PHE D 278 42.23 18.43 11.21
N ARG D 279 42.95 17.71 10.35
CA ARG D 279 42.52 16.37 9.95
C ARG D 279 42.53 15.48 11.17
N GLY D 280 41.66 14.48 11.18
CA GLY D 280 41.66 13.45 12.22
C GLY D 280 42.09 12.11 11.64
N VAL D 281 41.27 11.09 11.90
CA VAL D 281 41.42 9.80 11.24
C VAL D 281 41.45 10.08 9.74
N ALA D 282 40.47 10.87 9.30
CA ALA D 282 40.43 11.41 7.95
C ALA D 282 39.99 12.86 8.08
N ALA D 283 39.18 13.32 7.11
CA ALA D 283 38.56 14.64 7.17
C ALA D 283 37.71 14.79 8.41
N SER D 284 37.83 15.95 9.06
CA SER D 284 37.06 16.26 10.26
C SER D 284 35.78 17.07 9.94
N PHE D 285 34.66 16.69 10.56
CA PHE D 285 33.38 17.34 10.30
C PHE D 285 33.32 18.78 10.80
N ARG D 286 34.27 19.14 11.66
CA ARG D 286 34.32 20.44 12.33
C ARG D 286 34.31 21.58 11.32
N LEU D 287 35.06 21.41 10.25
CA LEU D 287 35.31 22.49 9.29
C LEU D 287 34.05 23.27 8.92
N LYS D 288 33.05 22.57 8.40
CA LYS D 288 31.84 23.23 7.90
C LYS D 288 31.15 24.11 8.95
N HIS D 289 31.36 23.77 10.22
CA HIS D 289 30.72 24.48 11.33
C HIS D 289 31.43 25.75 11.71
N LEU D 290 32.76 25.74 11.64
CA LEU D 290 33.56 26.90 12.02
C LEU D 290 33.34 28.09 11.09
N PHE D 291 33.12 27.83 9.80
CA PHE D 291 32.84 28.89 8.83
C PHE D 291 31.57 29.65 9.17
N LEU D 292 30.56 28.92 9.65
CA LEU D 292 29.26 29.52 9.91
C LEU D 292 29.24 30.37 11.16
N CYS D 293 30.37 30.42 11.84
CA CYS D 293 30.61 31.28 12.99
C CYS D 293 30.99 32.71 12.59
N LYS D 294 31.26 32.90 11.30
CA LYS D 294 31.83 34.16 10.77
C LYS D 294 33.15 34.55 11.46
N SER D 295 33.93 33.54 11.83
CA SER D 295 35.30 33.74 12.34
C SER D 295 36.29 33.39 11.24
N LEU D 296 37.56 33.75 11.47
CA LEU D 296 38.61 33.39 10.53
C LEU D 296 39.05 31.94 10.73
N VAL D 297 38.85 31.12 9.70
CA VAL D 297 39.14 29.69 9.79
C VAL D 297 40.57 29.34 9.36
N PHE D 298 41.34 28.73 10.26
CA PHE D 298 42.69 28.26 9.96
C PHE D 298 42.67 26.75 9.73
N HIS D 299 42.82 26.33 8.48
CA HIS D 299 42.70 24.93 8.16
C HIS D 299 44.04 24.29 7.94
N VAL D 300 44.33 23.25 8.70
CA VAL D 300 45.65 22.61 8.60
C VAL D 300 45.61 21.34 7.74
N GLY D 301 46.60 21.25 6.85
CA GLY D 301 46.63 20.21 5.84
C GLY D 301 45.87 20.61 4.59
N ASP D 302 46.45 20.28 3.44
CA ASP D 302 45.73 20.35 2.18
C ASP D 302 45.62 18.91 1.68
N GLU D 303 45.71 17.97 2.61
CA GLU D 303 45.65 16.58 2.23
C GLU D 303 44.23 16.00 2.26
N TRP D 304 43.67 15.87 3.45
CA TRP D 304 42.38 15.19 3.64
C TRP D 304 41.18 15.99 3.18
N GLN D 305 40.44 15.39 2.26
CA GLN D 305 39.35 16.06 1.55
C GLN D 305 37.97 15.57 1.98
N GLU D 306 37.00 16.47 2.07
CA GLU D 306 35.61 16.05 1.93
C GLU D 306 35.21 16.47 0.53
N PHE D 307 34.01 16.12 0.11
CA PHE D 307 33.61 16.41 -1.27
C PHE D 307 33.62 17.91 -1.61
N PHE D 308 33.34 18.74 -0.60
CA PHE D 308 33.14 20.16 -0.81
C PHE D 308 34.38 21.03 -0.65
N TYR D 309 35.47 20.44 -0.17
CA TYR D 309 36.73 21.16 0.07
C TYR D 309 37.31 21.80 -1.20
N ASP D 310 37.19 21.09 -2.31
CA ASP D 310 37.74 21.52 -3.60
C ASP D 310 37.45 22.98 -3.94
N GLN D 311 36.21 23.40 -3.76
CA GLN D 311 35.79 24.77 -4.06
C GLN D 311 36.05 25.77 -2.92
N LEU D 312 36.44 25.26 -1.74
CA LEU D 312 36.92 26.13 -0.68
C LEU D 312 38.33 26.52 -1.05
N LYS D 313 38.52 27.77 -1.47
CA LYS D 313 39.82 28.23 -1.96
C LYS D 313 40.61 28.97 -0.89
N PRO D 314 41.85 28.51 -0.61
CA PRO D 314 42.73 29.09 0.40
C PRO D 314 42.99 30.56 0.12
N TRP D 315 42.95 31.37 1.19
CA TRP D 315 43.11 32.83 1.14
C TRP D 315 41.90 33.62 0.70
N VAL D 316 41.00 32.97 -0.04
CA VAL D 316 39.71 33.55 -0.35
C VAL D 316 38.79 33.24 0.82
N HIS D 317 38.77 31.95 1.20
CA HIS D 317 37.78 31.43 2.17
C HIS D 317 38.33 31.12 3.54
N TYR D 318 39.61 30.79 3.61
CA TYR D 318 40.28 30.40 4.86
C TYR D 318 41.79 30.67 4.83
N VAL D 319 42.43 30.47 5.98
CA VAL D 319 43.89 30.56 6.07
C VAL D 319 44.50 29.16 6.00
N PRO D 320 45.30 28.88 4.97
CA PRO D 320 45.85 27.56 4.92
C PRO D 320 47.17 27.45 5.69
N LEU D 321 47.33 26.35 6.41
CA LEU D 321 48.59 26.01 7.07
C LEU D 321 49.09 24.65 6.60
N LYS D 322 50.40 24.51 6.44
CA LYS D 322 50.98 23.22 6.05
C LYS D 322 50.76 22.19 7.16
N SER D 323 50.82 20.92 6.76
CA SER D 323 50.78 19.80 7.70
C SER D 323 51.83 20.03 8.76
N TYR D 324 51.52 19.71 10.02
CA TYR D 324 52.46 19.84 11.15
C TYR D 324 53.07 21.24 11.32
N PRO D 325 52.23 22.22 11.70
CA PRO D 325 52.68 23.61 11.81
C PRO D 325 53.54 23.83 13.06
N SER D 326 54.49 24.75 13.02
CA SER D 326 55.22 25.09 14.23
C SER D 326 54.48 26.18 14.97
N GLN D 327 54.79 26.31 16.27
CA GLN D 327 54.30 27.40 17.10
C GLN D 327 54.67 28.75 16.47
N GLN D 328 55.87 28.82 15.92
CA GLN D 328 56.33 30.03 15.24
C GLN D 328 55.62 30.21 13.89
N GLU D 329 55.14 29.10 13.31
CA GLU D 329 54.23 29.20 12.19
C GLU D 329 52.99 29.93 12.70
N TYR D 330 52.41 29.42 13.78
CA TYR D 330 51.20 30.01 14.34
C TYR D 330 51.38 31.47 14.68
N GLU D 331 52.46 31.76 15.39
CA GLU D 331 52.66 33.09 15.91
C GLU D 331 52.71 34.16 14.82
N HIS D 332 53.42 33.90 13.73
CA HIS D 332 53.50 34.83 12.60
C HIS D 332 52.15 35.07 11.97
N ILE D 333 51.33 34.02 11.91
CA ILE D 333 50.04 34.08 11.21
C ILE D 333 49.00 34.76 12.07
N LEU D 334 49.10 34.54 13.38
CA LEU D 334 48.17 35.14 14.35
C LEU D 334 48.39 36.63 14.57
N SER D 335 49.63 37.00 14.91
CA SER D 335 50.05 38.39 14.93
C SER D 335 49.77 39.11 13.60
N PHE D 336 50.02 38.45 12.46
CA PHE D 336 49.79 39.08 11.14
C PHE D 336 48.33 39.47 10.94
N PHE D 337 47.44 38.55 11.31
CA PHE D 337 46.01 38.73 11.12
C PHE D 337 45.41 39.64 12.18
N LYS D 338 45.96 39.57 13.39
CA LYS D 338 45.63 40.54 14.42
C LYS D 338 46.09 41.95 14.04
N LYS D 339 47.13 42.05 13.21
CA LYS D 339 47.58 43.33 12.72
C LYS D 339 46.90 43.71 11.38
N ASN D 340 46.11 42.79 10.84
CA ASN D 340 45.34 43.08 9.64
C ASN D 340 43.90 42.64 9.79
N ASP D 341 43.22 43.32 10.70
CA ASP D 341 41.86 43.02 11.06
C ASP D 341 40.85 43.18 9.91
N ALA D 342 41.13 44.11 8.99
CA ALA D 342 40.31 44.37 7.80
C ALA D 342 40.32 43.19 6.87
N LEU D 343 41.55 42.74 6.61
CA LEU D 343 41.88 41.60 5.77
C LEU D 343 41.28 40.31 6.35
N ALA D 344 41.40 40.14 7.66
CA ALA D 344 40.85 38.98 8.37
C ALA D 344 39.34 38.87 8.14
N GLN D 345 38.62 39.94 8.43
CA GLN D 345 37.16 39.94 8.37
C GLN D 345 36.63 39.62 6.97
N GLU D 346 37.31 40.15 5.94
CA GLU D 346 36.97 39.89 4.54
C GLU D 346 37.03 38.39 4.21
N ILE D 347 38.13 37.77 4.62
CA ILE D 347 38.30 36.32 4.48
C ILE D 347 37.25 35.57 5.29
N ALA D 348 36.98 36.05 6.50
CA ALA D 348 36.00 35.41 7.37
C ALA D 348 34.64 35.45 6.71
N GLN D 349 34.28 36.63 6.22
CA GLN D 349 33.01 36.86 5.57
C GLN D 349 32.81 35.92 4.36
N ARG D 350 33.80 35.90 3.46
CA ARG D 350 33.70 35.14 2.21
C ARG D 350 33.46 33.65 2.44
N GLY D 351 34.19 33.10 3.42
CA GLY D 351 34.06 31.71 3.82
C GLY D 351 32.66 31.43 4.29
N TYR D 352 32.13 32.32 5.12
CA TYR D 352 30.79 32.16 5.66
C TYR D 352 29.73 32.10 4.56
N ASP D 353 29.80 33.04 3.62
CA ASP D 353 28.85 33.05 2.49
C ASP D 353 28.97 31.80 1.64
N PHE D 354 30.20 31.39 1.34
CA PHE D 354 30.45 30.19 0.54
C PHE D 354 29.76 28.98 1.17
N ILE D 355 30.00 28.79 2.46
CA ILE D 355 29.44 27.66 3.18
C ILE D 355 27.93 27.87 3.29
N TRP D 356 27.53 29.13 3.46
CA TRP D 356 26.11 29.47 3.51
C TRP D 356 25.40 29.23 2.21
N GLU D 357 26.04 29.62 1.12
CA GLU D 357 25.44 29.59 -0.22
C GLU D 357 25.63 28.27 -0.95
N HIS D 358 26.75 27.60 -0.70
CA HIS D 358 27.11 26.40 -1.48
C HIS D 358 27.24 25.13 -0.67
N LEU D 359 26.84 25.19 0.60
CA LEU D 359 26.70 23.97 1.39
C LEU D 359 25.35 23.92 2.11
N ARG D 360 24.30 24.19 1.34
CA ARG D 360 22.93 23.98 1.75
C ARG D 360 22.61 22.49 1.68
N MET D 361 21.57 22.08 2.40
CA MET D 361 21.07 20.70 2.30
C MET D 361 20.75 20.40 0.85
N LYS D 362 20.30 21.43 0.14
CA LYS D 362 20.02 21.36 -1.27
C LYS D 362 21.24 20.91 -2.05
N ASP D 363 22.42 21.43 -1.67
CA ASP D 363 23.69 21.07 -2.33
C ASP D 363 24.11 19.63 -2.04
N ILE D 364 23.91 19.20 -0.79
CA ILE D 364 24.12 17.80 -0.39
C ILE D 364 23.27 16.83 -1.21
N LYS D 365 21.98 17.14 -1.36
CA LYS D 365 21.02 16.27 -2.02
C LYS D 365 21.30 16.13 -3.52
N CYS D 366 21.42 17.26 -4.20
CA CYS D 366 21.58 17.26 -5.66
C CYS D 366 22.95 16.71 -6.10
N TYR D 367 23.99 16.89 -5.28
CA TYR D 367 25.28 16.25 -5.49
C TYR D 367 25.14 14.72 -5.45
N TRP D 368 24.57 14.21 -4.36
CA TRP D 368 24.24 12.79 -4.21
C TRP D 368 23.54 12.30 -5.43
N ARG D 369 22.49 13.03 -5.84
CA ARG D 369 21.70 12.67 -7.01
C ARG D 369 22.57 12.61 -8.27
N LYS D 370 23.42 13.61 -8.46
CA LYS D 370 24.22 13.73 -9.68
C LYS D 370 25.24 12.61 -9.77
N LEU D 371 25.95 12.42 -8.66
CA LEU D 371 27.01 11.42 -8.55
C LEU D 371 26.51 10.07 -9.06
N LEU D 372 25.33 9.66 -8.60
CA LEU D 372 24.80 8.35 -8.94
C LEU D 372 24.39 8.29 -10.41
N LYS D 373 23.79 9.36 -10.91
CA LYS D 373 23.25 9.35 -12.27
C LYS D 373 24.35 9.28 -13.34
N ARG D 374 25.50 9.82 -12.98
CA ARG D 374 26.69 9.79 -13.81
C ARG D 374 27.47 8.46 -13.63
N TYR D 375 27.44 7.92 -12.41
CA TYR D 375 28.06 6.63 -12.10
C TYR D 375 27.29 5.47 -12.73
N VAL D 376 25.97 5.53 -12.68
CA VAL D 376 25.13 4.47 -13.26
C VAL D 376 25.47 4.21 -14.72
N LYS D 377 25.95 5.24 -15.40
CA LYS D 377 26.29 5.12 -16.81
C LYS D 377 27.50 4.24 -17.08
N LEU D 378 28.42 4.17 -16.13
CA LEU D 378 29.63 3.35 -16.28
C LEU D 378 29.36 1.83 -16.20
N LEU D 379 28.22 1.46 -15.63
CA LEU D 379 27.90 0.03 -15.42
C LEU D 379 27.70 -0.73 -16.73
N GLN D 380 28.56 -1.72 -16.96
CA GLN D 380 28.51 -2.53 -18.19
C GLN D 380 27.85 -3.88 -17.93
N TYR D 381 26.86 -3.90 -17.03
CA TYR D 381 26.23 -5.13 -16.59
C TYR D 381 24.81 -4.90 -16.05
N GLU D 382 24.00 -5.95 -16.06
CA GLU D 382 22.62 -5.89 -15.55
C GLU D 382 22.58 -6.29 -14.09
N VAL D 383 22.07 -5.39 -13.26
CA VAL D 383 22.03 -5.63 -11.83
C VAL D 383 20.91 -6.63 -11.49
N LYS D 384 21.26 -7.73 -10.82
CA LYS D 384 20.28 -8.75 -10.41
C LYS D 384 20.17 -8.71 -8.90
N PRO D 385 18.95 -8.96 -8.36
CA PRO D 385 18.81 -8.99 -6.90
C PRO D 385 19.54 -10.18 -6.28
N GLU D 386 19.66 -10.16 -4.95
CA GLU D 386 20.33 -11.22 -4.21
C GLU D 386 19.57 -11.42 -2.91
N ASP D 387 19.16 -12.65 -2.62
CA ASP D 387 18.26 -12.94 -1.50
C ASP D 387 18.81 -12.59 -0.10
N GLN D 388 20.12 -12.75 0.11
CA GLN D 388 20.73 -12.48 1.42
C GLN D 388 20.65 -11.01 1.84
N LEU D 389 20.47 -10.14 0.84
CA LEU D 389 20.21 -8.71 1.05
C LEU D 389 18.87 -8.44 1.74
N ILE D 390 18.90 -7.47 2.65
CA ILE D 390 17.70 -6.99 3.34
C ILE D 390 17.13 -5.82 2.57
N TYR D 391 15.81 -5.78 2.47
CA TYR D 391 15.09 -4.63 1.92
C TYR D 391 15.15 -3.45 2.90
N ILE D 392 15.53 -2.30 2.36
CA ILE D 392 15.70 -1.08 3.15
C ILE D 392 14.45 -0.20 3.13
N GLY D 393 13.99 0.11 1.93
CA GLY D 393 12.82 0.95 1.73
C GLY D 393 12.68 1.35 0.28
N PRO D 394 11.62 2.13 -0.04
CA PRO D 394 10.71 2.75 0.95
C PRO D 394 9.51 1.89 1.34
N ASN E 30 49.23 7.42 13.01
CA ASN E 30 50.39 8.20 13.54
C ASN E 30 51.67 8.03 12.71
N GLU E 31 52.56 7.11 13.10
CA GLU E 31 53.81 6.87 12.35
C GLU E 31 53.55 6.48 10.89
N ASP E 32 52.52 5.66 10.68
CA ASP E 32 52.33 4.98 9.42
C ASP E 32 51.90 5.89 8.30
N GLU E 33 51.03 6.84 8.63
CA GLU E 33 50.41 7.69 7.65
C GLU E 33 51.48 8.57 7.03
N PHE E 34 52.31 9.13 7.90
CA PHE E 34 53.44 9.95 7.49
C PHE E 34 54.39 9.16 6.58
N SER E 35 54.87 8.01 7.06
CA SER E 35 55.83 7.17 6.30
C SER E 35 55.43 6.98 4.84
N PHE E 36 54.17 6.64 4.61
CA PHE E 36 53.66 6.59 3.26
C PHE E 36 53.72 7.96 2.53
N LYS E 37 53.19 9.02 3.16
CA LYS E 37 53.08 10.35 2.52
C LYS E 37 54.42 10.76 1.94
N ILE E 38 55.47 10.63 2.73
CA ILE E 38 56.82 10.96 2.29
C ILE E 38 57.18 10.12 1.06
N ARG E 39 56.81 8.85 1.08
CA ARG E 39 57.20 7.92 0.01
C ARG E 39 56.51 8.24 -1.30
N ARG E 40 55.20 8.49 -1.24
CA ARG E 40 54.43 8.93 -2.40
C ARG E 40 55.03 10.19 -3.01
N GLN E 41 55.28 11.19 -2.18
CA GLN E 41 55.93 12.44 -2.59
C GLN E 41 57.27 12.18 -3.29
N ILE E 42 58.04 11.23 -2.74
CA ILE E 42 59.33 10.85 -3.33
C ILE E 42 59.13 10.15 -4.69
N GLU E 43 58.19 9.21 -4.71
CA GLU E 43 57.87 8.47 -5.94
C GLU E 43 57.48 9.43 -7.06
N LYS E 44 56.56 10.35 -6.76
CA LYS E 44 56.04 11.28 -7.76
C LYS E 44 57.11 12.26 -8.24
N ALA E 45 57.88 12.81 -7.30
CA ALA E 45 58.94 13.77 -7.62
C ALA E 45 60.03 13.19 -8.54
N ASN E 46 60.55 12.00 -8.21
CA ASN E 46 61.60 11.35 -9.00
C ASN E 46 61.14 10.85 -10.38
N ALA E 47 59.83 10.72 -10.55
CA ALA E 47 59.20 10.25 -11.80
C ALA E 47 59.14 11.34 -12.86
N ASP E 48 58.62 12.50 -12.47
CA ASP E 48 58.52 13.64 -13.38
C ASP E 48 59.85 14.35 -13.56
N TYR E 49 60.84 14.01 -12.73
CA TYR E 49 62.14 14.66 -12.75
C TYR E 49 62.88 14.44 -14.06
N LYS E 50 63.32 15.55 -14.64
CA LYS E 50 64.13 15.54 -15.87
C LYS E 50 65.38 16.38 -15.65
N PRO E 51 66.56 15.85 -16.06
CA PRO E 51 67.88 16.45 -15.77
C PRO E 51 67.97 17.87 -16.32
N CYS E 52 68.74 18.73 -15.65
CA CYS E 52 68.78 20.18 -15.95
C CYS E 52 69.36 20.53 -17.32
N SER E 53 70.15 19.59 -17.85
CA SER E 53 70.68 19.65 -19.20
C SER E 53 70.58 18.25 -19.81
N SER E 54 70.50 18.21 -21.15
CA SER E 54 70.41 16.96 -21.91
C SER E 54 71.63 16.05 -21.71
N ASP E 55 72.82 16.63 -21.81
CA ASP E 55 74.07 15.92 -21.55
C ASP E 55 74.67 16.36 -20.20
N PRO E 56 75.33 15.42 -19.48
CA PRO E 56 75.91 15.71 -18.16
C PRO E 56 76.88 16.89 -18.09
N GLN E 57 77.56 17.20 -19.20
CA GLN E 57 78.57 18.27 -19.23
C GLN E 57 78.01 19.69 -19.35
N ASP E 58 76.78 19.80 -19.86
CA ASP E 58 76.13 21.09 -20.06
C ASP E 58 77.01 22.07 -20.85
N SER E 59 77.32 21.71 -22.10
CA SER E 59 78.21 22.50 -22.97
C SER E 59 77.69 23.92 -23.27
N ASP E 60 76.38 24.03 -23.45
CA ASP E 60 75.74 25.29 -23.84
C ASP E 60 75.35 26.18 -22.65
N CYS E 61 75.73 25.77 -21.43
CA CYS E 61 75.38 26.50 -20.19
C CYS E 61 73.88 26.71 -20.05
N SER E 62 73.11 25.63 -20.12
CA SER E 62 71.66 25.70 -20.10
C SER E 62 71.04 25.32 -18.76
N CYS E 63 71.87 24.80 -17.84
CA CYS E 63 71.35 24.15 -16.63
C CYS E 63 70.56 25.11 -15.76
N HIS E 64 71.11 26.31 -15.54
CA HIS E 64 70.48 27.30 -14.68
C HIS E 64 69.85 28.42 -15.45
N ALA E 65 70.01 28.39 -16.78
CA ALA E 65 69.46 29.40 -17.69
C ALA E 65 67.98 29.78 -17.48
N ASN E 66 67.20 28.89 -16.85
CA ASN E 66 65.79 29.17 -16.56
C ASN E 66 65.60 30.33 -15.58
N VAL E 67 66.51 30.42 -14.62
CA VAL E 67 66.53 31.45 -13.60
C VAL E 67 66.71 32.85 -14.19
N LEU E 68 67.72 33.01 -15.06
CA LEU E 68 68.04 34.34 -15.62
C LEU E 68 66.98 34.87 -16.58
N LYS E 69 66.38 33.97 -17.36
CA LYS E 69 65.26 34.28 -18.23
C LYS E 69 64.10 34.90 -17.43
N ARG E 70 63.75 34.25 -16.31
CA ARG E 70 62.69 34.73 -15.44
C ARG E 70 63.04 36.01 -14.70
N ASP E 71 64.32 36.18 -14.36
CA ASP E 71 64.76 37.41 -13.69
C ASP E 71 64.73 38.62 -14.62
N LEU E 72 65.09 38.40 -15.88
CA LEU E 72 65.14 39.47 -16.88
C LEU E 72 63.84 39.59 -17.67
N ALA E 73 62.93 38.63 -17.47
CA ALA E 73 61.63 38.61 -18.10
C ALA E 73 60.85 39.93 -17.93
N PRO E 74 60.82 40.50 -16.71
CA PRO E 74 60.03 41.73 -16.55
C PRO E 74 60.59 42.94 -17.32
N TYR E 75 61.71 42.75 -18.03
CA TYR E 75 62.33 43.83 -18.77
C TYR E 75 62.38 43.60 -20.29
N LYS E 76 61.75 42.52 -20.76
CA LYS E 76 61.78 42.12 -22.17
C LYS E 76 61.00 43.06 -23.12
N SER E 77 59.73 43.32 -22.82
CA SER E 77 58.87 44.13 -23.69
C SER E 77 59.32 45.60 -23.82
N THR E 78 59.77 46.17 -22.70
CA THR E 78 60.10 47.60 -22.61
C THR E 78 61.60 47.92 -22.62
N GLY E 79 62.40 47.05 -22.03
CA GLY E 79 63.85 47.27 -21.99
C GLY E 79 64.25 48.11 -20.80
N VAL E 80 65.55 48.40 -20.71
CA VAL E 80 66.17 49.13 -19.59
C VAL E 80 66.63 50.52 -20.06
N THR E 81 66.03 51.57 -19.49
CA THR E 81 66.32 52.95 -19.90
C THR E 81 67.45 53.55 -19.06
N ARG E 82 68.11 54.59 -19.57
CA ARG E 82 69.13 55.32 -18.80
C ARG E 82 68.50 55.86 -17.52
N GLN E 83 67.22 56.21 -17.61
CA GLN E 83 66.46 56.60 -16.43
C GLN E 83 66.43 55.48 -15.37
N MET E 84 66.03 54.28 -15.78
CA MET E 84 65.97 53.11 -14.90
C MET E 84 67.29 52.87 -14.15
N ILE E 85 68.40 52.91 -14.87
CA ILE E 85 69.73 52.74 -14.27
C ILE E 85 70.06 53.86 -13.26
N GLU E 86 70.01 55.12 -13.71
CA GLU E 86 70.22 56.30 -12.84
C GLU E 86 69.40 56.25 -11.55
N SER E 87 68.15 55.80 -11.68
CA SER E 87 67.22 55.72 -10.56
C SER E 87 67.61 54.63 -9.58
N SER E 88 67.94 53.46 -10.11
CA SER E 88 68.24 52.28 -9.31
C SER E 88 69.58 52.37 -8.61
N ALA E 89 70.35 53.43 -8.90
CA ALA E 89 71.72 53.60 -8.39
C ALA E 89 71.82 53.60 -6.86
N ARG E 90 70.73 54.01 -6.22
CA ARG E 90 70.68 54.14 -4.75
C ARG E 90 70.76 52.81 -3.98
N TYR E 91 70.51 51.69 -4.66
CA TYR E 91 70.37 50.39 -3.99
C TYR E 91 71.65 49.52 -3.95
N GLY E 92 72.76 50.01 -4.49
CA GLY E 92 73.99 49.23 -4.51
C GLY E 92 75.13 49.92 -5.19
N THR E 93 76.13 49.13 -5.61
CA THR E 93 77.39 49.59 -6.17
C THR E 93 77.42 49.70 -7.70
N LYS E 94 77.78 50.87 -8.23
CA LYS E 94 77.79 51.08 -9.68
C LYS E 94 79.02 50.46 -10.37
N TYR E 95 78.74 49.45 -11.19
CA TYR E 95 79.77 48.91 -12.05
C TYR E 95 79.48 49.36 -13.47
N LYS E 96 80.54 49.51 -14.23
CA LYS E 96 80.44 49.96 -15.61
C LYS E 96 81.44 49.21 -16.48
N ILE E 97 80.95 48.63 -17.56
CA ILE E 97 81.80 48.08 -18.60
C ILE E 97 81.75 49.04 -19.78
N TYR E 98 82.90 49.65 -20.08
CA TYR E 98 83.02 50.58 -21.19
C TYR E 98 84.32 50.36 -21.95
N GLY E 99 84.21 49.95 -23.21
CA GLY E 99 85.37 49.68 -24.05
C GLY E 99 86.28 48.59 -23.51
N HIS E 100 85.67 47.50 -23.06
CA HIS E 100 86.38 46.37 -22.46
C HIS E 100 87.32 46.78 -21.36
N ARG E 101 86.83 47.65 -20.47
CA ARG E 101 87.53 48.03 -19.24
C ARG E 101 86.49 48.23 -18.14
N LEU E 102 86.76 47.69 -16.96
CA LEU E 102 85.82 47.75 -15.84
C LEU E 102 85.99 48.96 -14.91
N TYR E 103 84.92 49.74 -14.79
CA TYR E 103 84.93 50.87 -13.88
C TYR E 103 83.93 50.62 -12.76
N ARG E 104 84.29 51.01 -11.55
CA ARG E 104 83.40 50.83 -10.42
C ARG E 104 83.32 52.05 -9.51
N ASP E 105 82.18 52.20 -8.84
CA ASP E 105 81.99 53.16 -7.75
C ASP E 105 83.20 53.22 -6.85
N ALA E 106 83.64 54.43 -6.51
CA ALA E 106 84.84 54.61 -5.71
C ALA E 106 84.70 53.88 -4.37
N ASN E 107 83.49 53.96 -3.81
CA ASN E 107 83.18 53.35 -2.52
C ASN E 107 82.43 52.03 -2.72
N CYS E 108 83.04 50.94 -2.25
CA CYS E 108 82.37 49.64 -2.21
C CYS E 108 81.98 49.33 -0.76
N MET E 109 80.67 49.19 -0.54
CA MET E 109 80.14 48.93 0.80
C MET E 109 80.85 47.77 1.49
N PHE E 110 81.10 46.66 0.77
CA PHE E 110 81.85 45.51 1.31
C PHE E 110 83.03 45.12 0.41
N PRO E 111 84.19 45.75 0.59
CA PRO E 111 85.34 45.64 -0.33
C PRO E 111 85.69 44.20 -0.70
N ALA E 112 85.56 43.31 0.30
CA ALA E 112 85.80 41.87 0.16
C ALA E 112 84.85 41.22 -0.85
N ARG E 113 83.59 41.61 -0.80
CA ARG E 113 82.61 41.08 -1.73
C ARG E 113 82.82 41.60 -3.13
N CYS E 114 83.27 42.85 -3.24
CA CYS E 114 83.63 43.38 -4.54
C CYS E 114 84.71 42.55 -5.22
N GLU E 115 85.68 42.08 -4.42
CA GLU E 115 86.82 41.33 -4.90
C GLU E 115 86.39 39.97 -5.43
N GLY E 116 85.47 39.34 -4.71
CA GLY E 116 84.81 38.12 -5.16
C GLY E 116 84.10 38.33 -6.49
N ILE E 117 83.39 39.45 -6.59
CA ILE E 117 82.66 39.83 -7.81
C ILE E 117 83.59 40.12 -8.99
N GLU E 118 84.62 40.92 -8.74
CA GLU E 118 85.51 41.40 -9.80
C GLU E 118 86.33 40.29 -10.41
N HIS E 119 86.62 39.27 -9.60
CA HIS E 119 87.29 38.05 -10.07
C HIS E 119 86.56 37.39 -11.21
N PHE E 120 85.24 37.42 -11.17
CA PHE E 120 84.44 36.84 -12.23
C PHE E 120 84.17 37.83 -13.33
N LEU E 121 84.17 39.12 -12.99
CA LEU E 121 83.85 40.17 -13.96
C LEU E 121 84.99 40.41 -14.94
N LEU E 122 86.18 40.64 -14.41
CA LEU E 122 87.37 41.00 -15.20
C LEU E 122 87.66 40.14 -16.44
N PRO E 123 87.69 38.79 -16.30
CA PRO E 123 88.08 38.00 -17.45
C PRO E 123 87.08 38.06 -18.61
N LEU E 124 85.85 38.49 -18.32
CA LEU E 124 84.78 38.61 -19.33
C LEU E 124 84.76 39.97 -20.04
N VAL E 125 85.34 40.98 -19.40
CA VAL E 125 85.30 42.35 -19.89
C VAL E 125 85.92 42.48 -21.29
N ALA E 126 86.97 41.71 -21.57
CA ALA E 126 87.59 41.67 -22.89
C ALA E 126 86.59 41.30 -24.01
N THR E 127 85.52 40.58 -23.65
CA THR E 127 84.54 40.10 -24.65
C THR E 127 83.07 40.48 -24.39
N LEU E 128 82.84 41.41 -23.47
CA LEU E 128 81.49 41.86 -23.13
C LEU E 128 81.16 43.27 -23.64
N PRO E 129 79.91 43.49 -24.08
CA PRO E 129 79.53 44.80 -24.60
C PRO E 129 79.42 45.81 -23.47
N ASP E 130 79.42 47.10 -23.80
CA ASP E 130 79.26 48.15 -22.78
C ASP E 130 77.98 47.96 -21.96
N MET E 131 78.12 48.06 -20.64
CA MET E 131 76.97 47.97 -19.73
C MET E 131 77.15 48.71 -18.41
N ASP E 132 76.00 49.11 -17.85
CA ASP E 132 75.90 49.70 -16.53
C ASP E 132 75.19 48.69 -15.65
N LEU E 133 75.85 48.29 -14.57
CA LEU E 133 75.28 47.34 -13.64
C LEU E 133 75.18 47.96 -12.27
N ILE E 134 73.98 47.91 -11.69
CA ILE E 134 73.79 48.22 -10.28
C ILE E 134 73.80 46.91 -9.52
N ILE E 135 74.96 46.59 -8.97
CA ILE E 135 75.16 45.33 -8.27
C ILE E 135 75.18 45.55 -6.75
N ASN E 136 74.20 44.93 -6.09
CA ASN E 136 74.04 44.99 -4.63
C ASN E 136 74.84 43.91 -3.92
N THR E 137 75.69 44.35 -2.98
CA THR E 137 76.60 43.46 -2.25
C THR E 137 76.17 43.23 -0.81
N ARG E 138 75.04 43.83 -0.42
CA ARG E 138 74.45 43.58 0.90
C ARG E 138 73.88 42.17 0.91
N ASP E 139 73.53 41.68 2.10
CA ASP E 139 72.86 40.40 2.23
C ASP E 139 71.46 40.45 1.63
N TYR E 140 70.70 41.47 2.00
CA TYR E 140 69.29 41.47 1.68
C TYR E 140 68.99 42.16 0.34
N PRO E 141 68.03 41.60 -0.43
CA PRO E 141 67.52 42.23 -1.66
C PRO E 141 66.91 43.62 -1.42
N GLN E 142 66.62 44.30 -2.52
CA GLN E 142 66.31 45.72 -2.47
C GLN E 142 64.99 46.03 -3.14
N LEU E 143 64.70 45.32 -4.22
CA LEU E 143 63.60 45.66 -5.12
C LEU E 143 62.30 44.97 -4.74
N ASN E 144 61.66 45.50 -3.72
CA ASN E 144 60.41 44.94 -3.26
C ASN E 144 59.29 45.21 -4.27
N ALA E 145 58.71 44.15 -4.82
CA ALA E 145 57.66 44.28 -5.84
C ALA E 145 56.36 44.98 -5.37
N ALA E 146 56.16 45.06 -4.05
CA ALA E 146 54.97 45.70 -3.48
C ALA E 146 55.00 47.19 -3.73
N TRP E 147 56.14 47.81 -3.43
CA TRP E 147 56.43 49.16 -3.88
C TRP E 147 56.42 49.15 -5.38
N GLY E 148 56.28 50.32 -5.99
CA GLY E 148 56.24 50.40 -7.44
C GLY E 148 56.89 51.67 -7.96
N ASN E 149 57.18 51.68 -9.26
CA ASN E 149 57.87 52.79 -9.93
C ASN E 149 59.35 52.91 -9.52
N ALA E 150 59.62 53.57 -8.39
CA ALA E 150 61.01 53.85 -7.97
C ALA E 150 61.85 52.59 -7.69
N ALA E 151 61.22 51.45 -7.43
CA ALA E 151 61.98 50.22 -7.21
C ALA E 151 61.84 49.23 -8.39
N GLY E 152 61.97 49.73 -9.62
CA GLY E 152 61.75 48.89 -10.80
C GLY E 152 62.94 48.08 -11.26
N GLY E 153 64.14 48.51 -10.84
CA GLY E 153 65.39 47.91 -11.29
C GLY E 153 66.00 48.54 -12.54
N PRO E 154 67.03 47.90 -13.13
CA PRO E 154 67.55 46.60 -12.69
C PRO E 154 68.53 46.71 -11.53
N VAL E 155 68.39 45.82 -10.57
CA VAL E 155 69.41 45.70 -9.54
C VAL E 155 69.76 44.23 -9.41
N PHE E 156 71.07 43.95 -9.25
CA PHE E 156 71.58 42.60 -9.11
C PHE E 156 71.79 42.30 -7.64
N SER E 157 71.20 41.21 -7.14
CA SER E 157 71.41 40.75 -5.75
C SER E 157 71.65 39.25 -5.73
N PHE E 158 72.38 38.76 -4.73
CA PHE E 158 72.78 37.35 -4.70
C PHE E 158 71.65 36.44 -4.20
N SER E 159 70.69 37.01 -3.47
CA SER E 159 69.59 36.21 -2.91
C SER E 159 68.22 36.91 -2.96
N LYS E 160 67.20 36.16 -3.38
CA LYS E 160 65.84 36.72 -3.51
C LYS E 160 64.66 35.76 -3.23
N THR E 161 63.45 36.34 -3.23
CA THR E 161 62.20 35.60 -3.12
C THR E 161 61.22 36.15 -4.15
N LYS E 162 60.03 35.55 -4.22
CA LYS E 162 58.99 36.04 -5.13
C LYS E 162 58.51 37.46 -4.84
N GLU E 163 58.79 37.97 -3.64
CA GLU E 163 58.58 39.38 -3.33
C GLU E 163 59.46 40.32 -4.19
N TYR E 164 60.63 39.85 -4.62
CA TYR E 164 61.69 40.75 -5.12
C TYR E 164 62.00 40.73 -6.61
N ARG E 165 62.32 41.92 -7.13
CA ARG E 165 62.62 42.16 -8.56
C ARG E 165 64.11 42.03 -8.89
N ASP E 166 64.92 41.86 -7.84
CA ASP E 166 66.38 41.79 -7.94
C ASP E 166 66.85 40.70 -8.89
N ILE E 167 67.88 41.00 -9.67
CA ILE E 167 68.46 40.03 -10.58
C ILE E 167 69.54 39.27 -9.84
N MET E 168 69.36 37.97 -9.72
CA MET E 168 70.28 37.13 -8.98
C MET E 168 71.57 36.87 -9.75
N TYR E 169 72.69 37.18 -9.10
CA TYR E 169 74.00 36.81 -9.61
C TYR E 169 74.60 35.76 -8.69
N PRO E 170 75.56 34.93 -9.19
CA PRO E 170 76.20 33.95 -8.32
C PRO E 170 77.10 34.68 -7.34
N ALA E 171 77.01 34.29 -6.07
CA ALA E 171 77.61 35.04 -4.98
C ALA E 171 79.13 35.26 -5.10
N TRP E 172 79.58 36.34 -4.44
CA TRP E 172 81.00 36.65 -4.32
C TRP E 172 81.77 35.54 -3.69
N THR E 173 81.15 34.83 -2.76
CA THR E 173 81.83 33.84 -1.92
C THR E 173 82.37 32.63 -2.69
N PHE E 174 81.88 32.44 -3.91
CA PHE E 174 82.38 31.40 -4.82
C PHE E 174 83.89 31.54 -5.06
N TRP E 175 84.40 32.74 -4.78
CA TRP E 175 85.83 33.05 -4.88
C TRP E 175 86.44 33.68 -3.65
N ALA E 176 85.67 34.49 -2.92
CA ALA E 176 86.18 35.21 -1.74
C ALA E 176 85.14 36.13 -1.09
N GLY E 177 85.35 36.45 0.19
CA GLY E 177 84.60 37.54 0.85
C GLY E 177 83.30 37.16 1.52
N GLY E 178 83.10 35.86 1.75
CA GLY E 178 81.97 35.39 2.54
C GLY E 178 82.23 35.62 4.01
N PRO E 179 81.34 35.15 4.89
CA PRO E 179 81.47 35.39 6.33
C PRO E 179 82.86 35.03 6.85
N ALA E 180 83.37 35.86 7.76
CA ALA E 180 84.66 35.61 8.38
C ALA E 180 84.49 34.87 9.69
N THR E 181 85.15 33.71 9.79
CA THR E 181 85.21 32.92 11.03
C THR E 181 86.64 32.61 11.44
N LYS E 182 86.75 31.89 12.56
CA LYS E 182 88.03 31.42 13.07
C LYS E 182 88.76 30.50 12.08
N LEU E 183 88.03 29.58 11.47
CA LEU E 183 88.61 28.67 10.49
C LEU E 183 88.79 29.33 9.12
N HIS E 184 88.10 30.46 8.92
CA HIS E 184 88.21 31.24 7.67
C HIS E 184 88.23 32.70 7.98
N PRO E 185 89.34 33.21 8.55
CA PRO E 185 89.53 34.62 8.90
C PRO E 185 89.44 35.61 7.72
N ARG E 186 89.90 35.20 6.54
CA ARG E 186 89.77 36.00 5.32
C ARG E 186 88.37 35.86 4.70
N GLY E 187 87.50 35.14 5.41
CA GLY E 187 86.16 34.85 4.94
C GLY E 187 86.16 33.62 4.08
N ILE E 188 85.19 32.73 4.31
CA ILE E 188 85.00 31.57 3.48
C ILE E 188 84.90 31.92 1.99
N GLY E 189 85.70 31.24 1.17
CA GLY E 189 85.69 31.48 -0.27
C GLY E 189 86.19 30.28 -1.01
N ARG E 190 86.90 30.54 -2.11
CA ARG E 190 87.61 29.52 -2.88
C ARG E 190 86.81 28.22 -3.00
N TRP E 191 85.62 28.31 -3.58
CA TRP E 191 84.78 27.14 -3.82
C TRP E 191 85.52 26.06 -4.56
N ASP E 192 86.45 26.45 -5.43
CA ASP E 192 87.27 25.49 -6.17
C ASP E 192 88.13 24.60 -5.27
N GLN E 193 88.75 25.19 -4.25
CA GLN E 193 89.56 24.44 -3.31
C GLN E 193 88.71 23.66 -2.33
N MET E 194 87.57 24.26 -1.99
CA MET E 194 86.59 23.64 -1.12
C MET E 194 85.99 22.38 -1.75
N ARG E 195 85.80 22.44 -3.07
CA ARG E 195 85.29 21.31 -3.84
C ARG E 195 86.19 20.10 -3.73
N GLU E 196 87.50 20.31 -3.83
CA GLU E 196 88.47 19.21 -3.69
C GLU E 196 88.54 18.73 -2.25
N LYS E 197 88.50 19.68 -1.32
CA LYS E 197 88.50 19.41 0.11
C LYS E 197 87.34 18.49 0.56
N LEU E 198 86.12 18.83 0.13
CA LEU E 198 84.90 18.09 0.50
C LEU E 198 84.76 16.75 -0.22
N GLU E 199 85.12 16.74 -1.50
CA GLU E 199 85.13 15.54 -2.34
C GLU E 199 85.98 14.43 -1.70
N LYS E 200 87.18 14.77 -1.25
CA LYS E 200 88.07 13.85 -0.52
C LYS E 200 87.43 13.34 0.76
N ARG E 201 86.92 14.27 1.57
CA ARG E 201 86.29 13.94 2.85
C ARG E 201 85.03 13.09 2.64
N ALA E 202 84.25 13.41 1.61
CA ALA E 202 83.06 12.64 1.29
C ALA E 202 83.36 11.16 1.03
N ALA E 203 84.52 10.87 0.44
CA ALA E 203 84.97 9.48 0.23
C ALA E 203 85.53 8.84 1.51
N ALA E 204 86.43 9.56 2.19
CA ALA E 204 87.08 9.11 3.42
C ALA E 204 86.08 8.62 4.49
N ILE E 205 84.86 9.16 4.45
CA ILE E 205 83.77 8.77 5.36
C ILE E 205 82.55 8.28 4.60
N PRO E 206 82.49 6.95 4.31
CA PRO E 206 81.34 6.22 3.75
C PRO E 206 80.06 6.35 4.57
N TRP E 207 78.93 5.99 3.96
CA TRP E 207 77.59 6.19 4.52
C TRP E 207 77.33 5.61 5.89
N SER E 208 77.55 4.30 6.03
CA SER E 208 77.28 3.58 7.28
C SER E 208 78.14 4.08 8.45
N GLN E 209 79.30 4.65 8.13
CA GLN E 209 80.19 5.25 9.13
C GLN E 209 79.69 6.60 9.64
N LYS E 210 78.75 7.21 8.94
CA LYS E 210 78.28 8.52 9.38
C LYS E 210 77.34 8.36 10.56
N ARG E 211 77.55 9.15 11.61
CA ARG E 211 76.67 9.17 12.78
C ARG E 211 75.21 9.47 12.38
N SER E 212 74.25 8.74 12.95
CA SER E 212 72.83 8.87 12.59
C SER E 212 72.08 9.92 13.41
N LEU E 213 72.45 11.18 13.23
CA LEU E 213 71.93 12.27 14.04
C LEU E 213 71.84 13.50 13.14
N GLY E 214 70.81 14.30 13.35
CA GLY E 214 70.75 15.63 12.75
C GLY E 214 71.89 16.52 13.26
N PHE E 215 72.53 17.23 12.34
CA PHE E 215 73.60 18.14 12.73
C PHE E 215 73.33 19.57 12.31
N PHE E 216 73.65 20.50 13.19
CA PHE E 216 73.64 21.89 12.83
C PHE E 216 74.75 22.59 13.61
N ARG E 217 75.45 23.49 12.93
CA ARG E 217 76.31 24.45 13.59
C ARG E 217 76.29 25.77 12.81
N GLY E 218 75.49 26.70 13.32
CA GLY E 218 75.45 28.06 12.79
C GLY E 218 75.04 29.03 13.88
N SER E 219 74.91 30.31 13.52
CA SER E 219 74.47 31.30 14.48
C SER E 219 72.97 31.51 14.34
N ARG E 220 72.40 32.27 15.27
CA ARG E 220 70.99 32.60 15.15
C ARG E 220 70.84 33.81 14.22
N THR E 221 70.91 33.52 12.92
CA THR E 221 70.69 34.51 11.88
C THR E 221 69.24 34.45 11.38
N SER E 222 68.48 33.48 11.89
CA SER E 222 67.04 33.46 11.72
C SER E 222 66.44 32.71 12.87
N ASP E 223 65.21 33.06 13.25
CA ASP E 223 64.56 32.35 14.35
C ASP E 223 63.92 31.03 13.89
N GLU E 224 63.84 30.83 12.58
CA GLU E 224 63.41 29.55 12.00
C GLU E 224 64.30 28.37 12.42
N ARG E 225 65.49 28.69 12.91
CA ARG E 225 66.48 27.72 13.32
C ARG E 225 66.21 27.23 14.75
N ASP E 226 65.54 28.07 15.54
CA ASP E 226 65.32 27.85 16.98
C ASP E 226 64.88 26.45 17.39
N SER E 227 63.72 26.02 16.90
CA SER E 227 63.15 24.73 17.30
C SER E 227 64.09 23.51 17.17
N LEU E 228 64.92 23.46 16.12
CA LEU E 228 65.89 22.36 15.95
C LEU E 228 66.94 22.36 17.06
N ILE E 229 67.38 23.55 17.43
CA ILE E 229 68.35 23.68 18.50
C ILE E 229 67.65 23.28 19.79
N LEU E 230 66.41 23.74 19.96
CA LEU E 230 65.63 23.45 21.16
C LEU E 230 65.44 21.96 21.33
N LEU E 231 65.11 21.28 20.23
CA LEU E 231 64.99 19.83 20.21
C LEU E 231 66.31 19.16 20.58
N SER E 232 67.39 19.67 20.02
CA SER E 232 68.72 19.18 20.31
C SER E 232 69.06 19.24 21.81
N ARG E 233 68.66 20.34 22.46
CA ARG E 233 68.86 20.57 23.92
C ARG E 233 68.11 19.53 24.74
N ARG E 234 66.99 19.08 24.18
CA ARG E 234 66.08 18.17 24.83
C ARG E 234 66.43 16.71 24.56
N ASN E 235 66.82 16.44 23.32
CA ASN E 235 67.13 15.09 22.79
C ASN E 235 68.43 15.06 21.95
N PRO E 236 69.60 15.15 22.62
CA PRO E 236 70.88 15.28 21.91
C PRO E 236 71.22 14.02 21.16
N GLU E 237 70.60 12.93 21.57
CA GLU E 237 70.83 11.63 20.95
C GLU E 237 70.18 11.57 19.56
N LEU E 238 69.20 12.44 19.31
CA LEU E 238 68.64 12.57 17.96
C LEU E 238 69.27 13.68 17.12
N VAL E 239 69.41 14.88 17.70
CA VAL E 239 69.98 16.04 16.98
C VAL E 239 71.07 16.73 17.80
N GLU E 240 72.20 16.96 17.14
CA GLU E 240 73.29 17.77 17.68
C GLU E 240 73.27 19.17 17.02
N ALA E 241 72.43 20.05 17.55
CA ALA E 241 72.25 21.40 17.02
C ALA E 241 72.57 22.48 18.06
N GLN E 242 73.44 23.41 17.71
CA GLN E 242 73.89 24.42 18.67
C GLN E 242 74.17 25.76 18.00
N TYR E 243 73.92 26.85 18.72
CA TYR E 243 74.17 28.18 18.18
C TYR E 243 75.60 28.67 18.41
N THR E 244 76.15 29.35 17.41
CA THR E 244 77.44 29.99 17.56
C THR E 244 77.26 31.50 17.84
N LYS E 245 78.38 32.23 17.88
CA LYS E 245 78.39 33.68 18.12
C LYS E 245 78.76 34.39 16.81
N ASN E 246 78.05 35.44 16.42
CA ASN E 246 78.44 36.21 15.20
C ASN E 246 78.87 37.65 15.47
N GLN E 247 79.56 38.26 14.50
CA GLN E 247 80.04 39.65 14.61
C GLN E 247 78.93 40.69 14.84
N GLY E 248 77.67 40.24 14.83
CA GLY E 248 76.53 41.12 15.12
C GLY E 248 75.84 40.78 16.44
N TRP E 249 76.55 40.05 17.30
CA TRP E 249 76.05 39.65 18.62
C TRP E 249 75.85 40.85 19.50
N LYS E 250 74.68 40.91 20.13
CA LYS E 250 74.33 42.01 21.03
C LYS E 250 74.04 41.54 22.45
N SER E 251 73.28 40.45 22.58
CA SER E 251 72.87 39.92 23.89
C SER E 251 72.85 38.38 23.92
N PRO E 252 72.89 37.76 25.13
CA PRO E 252 72.95 36.28 25.22
C PRO E 252 71.71 35.59 24.64
N LYS E 253 70.63 36.36 24.52
CA LYS E 253 69.42 35.91 23.85
C LYS E 253 69.71 35.45 22.41
N ASP E 254 70.82 35.97 21.84
CA ASP E 254 71.33 35.61 20.50
C ASP E 254 71.72 34.13 20.33
N THR E 255 71.92 33.44 21.45
CA THR E 255 72.13 31.99 21.41
C THR E 255 71.13 31.34 22.33
N LEU E 256 70.04 32.05 22.62
CA LEU E 256 69.00 31.63 23.59
C LEU E 256 69.58 31.17 24.93
N ASP E 257 70.47 32.00 25.48
CA ASP E 257 71.03 31.84 26.84
C ASP E 257 71.81 30.54 27.14
N ALA E 258 72.27 29.84 26.09
CA ALA E 258 73.27 28.77 26.24
C ALA E 258 74.60 29.28 25.68
N PRO E 259 75.73 28.60 26.00
CA PRO E 259 77.00 29.24 25.62
C PRO E 259 77.24 29.16 24.13
N ALA E 260 77.89 30.17 23.56
CA ALA E 260 78.21 30.19 22.14
C ALA E 260 79.13 29.00 21.88
N ALA E 261 78.61 28.03 21.12
CA ALA E 261 79.34 26.83 20.75
C ALA E 261 80.47 27.11 19.77
N ASP E 262 81.34 26.12 19.58
CA ASP E 262 82.48 26.29 18.69
C ASP E 262 82.18 26.07 17.21
N GLU E 263 82.90 26.81 16.37
CA GLU E 263 82.81 26.65 14.92
C GLU E 263 83.22 25.21 14.57
N VAL E 264 82.38 24.54 13.77
CA VAL E 264 82.70 23.22 13.24
C VAL E 264 82.90 23.29 11.72
N SER E 265 84.04 22.77 11.27
CA SER E 265 84.48 22.86 9.88
C SER E 265 83.56 22.10 8.93
N PHE E 266 83.52 22.53 7.67
CA PHE E 266 82.71 21.91 6.63
C PHE E 266 83.09 20.45 6.41
N GLU E 267 84.36 20.13 6.63
CA GLU E 267 84.83 18.75 6.57
C GLU E 267 84.26 17.87 7.68
N ASP E 268 84.16 18.42 8.90
CA ASP E 268 83.70 17.65 10.06
C ASP E 268 82.20 17.44 10.05
N HIS E 269 81.49 18.27 9.29
CA HIS E 269 80.04 18.16 9.11
C HIS E 269 79.71 16.81 8.53
N CYS E 270 80.59 16.32 7.66
CA CYS E 270 80.37 15.06 6.93
C CYS E 270 80.33 13.78 7.79
N LYS E 271 80.71 13.86 9.07
CA LYS E 271 80.57 12.68 9.93
C LYS E 271 79.13 12.44 10.42
N TYR E 272 78.20 13.31 10.02
CA TYR E 272 76.79 13.16 10.41
C TYR E 272 75.93 12.88 9.18
N LYS E 273 75.00 11.94 9.34
CA LYS E 273 74.11 11.53 8.25
C LYS E 273 73.13 12.61 7.83
N TYR E 274 72.61 13.38 8.79
CA TYR E 274 71.59 14.39 8.48
C TYR E 274 72.03 15.81 8.75
N LEU E 275 72.11 16.58 7.67
CA LEU E 275 72.60 17.95 7.70
C LEU E 275 71.51 18.92 7.28
N PHE E 276 71.31 19.94 8.11
CA PHE E 276 70.23 20.89 7.95
C PHE E 276 70.73 22.23 7.49
N ASN E 277 69.95 22.86 6.62
CA ASN E 277 70.22 24.21 6.13
C ASN E 277 68.97 25.06 6.35
N PHE E 278 69.18 26.27 6.88
CA PHE E 278 68.10 27.26 7.06
C PHE E 278 68.50 28.58 6.44
N ARG E 279 67.50 29.43 6.20
CA ARG E 279 67.76 30.81 5.79
C ARG E 279 68.41 31.54 6.96
N GLY E 280 69.18 32.57 6.65
CA GLY E 280 69.66 33.51 7.64
C GLY E 280 69.05 34.84 7.29
N VAL E 281 69.91 35.85 7.11
CA VAL E 281 69.50 37.15 6.59
C VAL E 281 68.70 36.95 5.29
N ALA E 282 69.31 36.22 4.35
CA ALA E 282 68.61 35.72 3.18
C ALA E 282 69.06 34.27 2.98
N ALA E 283 69.33 33.88 1.73
CA ALA E 283 69.82 32.54 1.44
C ALA E 283 71.19 32.32 2.09
N SER E 284 71.42 31.12 2.61
CA SER E 284 72.66 30.79 3.33
C SER E 284 73.70 30.03 2.50
N PHE E 285 74.96 30.43 2.64
CA PHE E 285 76.06 29.84 1.87
C PHE E 285 76.34 28.38 2.21
N ARG E 286 75.93 27.99 3.42
CA ARG E 286 76.08 26.63 3.96
C ARG E 286 75.56 25.55 2.99
N LEU E 287 74.36 25.76 2.47
CA LEU E 287 73.69 24.76 1.65
C LEU E 287 74.62 24.00 0.71
N LYS E 288 75.32 24.72 -0.15
CA LYS E 288 76.15 24.09 -1.18
C LYS E 288 77.24 23.19 -0.60
N HIS E 289 77.72 23.51 0.59
CA HIS E 289 78.77 22.73 1.26
C HIS E 289 78.19 21.45 1.82
N LEU E 290 76.92 21.51 2.19
CA LEU E 290 76.25 20.39 2.83
C LEU E 290 76.09 19.20 1.91
N PHE E 291 75.87 19.45 0.62
CA PHE E 291 75.64 18.37 -0.35
C PHE E 291 76.89 17.54 -0.61
N LEU E 292 78.02 18.22 -0.75
CA LEU E 292 79.29 17.57 -1.12
C LEU E 292 79.84 16.64 -0.02
N CYS E 293 79.10 16.52 1.09
CA CYS E 293 79.46 15.61 2.17
C CYS E 293 78.95 14.20 1.91
N LYS E 294 78.21 14.03 0.81
CA LYS E 294 77.41 12.82 0.55
C LYS E 294 76.54 12.40 1.75
N SER E 295 76.08 13.39 2.51
CA SER E 295 75.10 13.18 3.55
C SER E 295 73.73 13.65 3.05
N LEU E 296 72.67 13.30 3.77
CA LEU E 296 71.33 13.73 3.38
C LEU E 296 71.02 15.16 3.85
N VAL E 297 70.67 16.00 2.89
CA VAL E 297 70.50 17.42 3.14
C VAL E 297 69.03 17.77 3.38
N PHE E 298 68.72 18.27 4.57
CA PHE E 298 67.38 18.74 4.87
C PHE E 298 67.35 20.25 4.72
N HIS E 299 66.70 20.70 3.65
CA HIS E 299 66.60 22.10 3.37
C HIS E 299 65.28 22.67 3.82
N VAL E 300 65.35 23.53 4.84
CA VAL E 300 64.16 24.12 5.44
C VAL E 300 63.76 25.47 4.82
N GLY E 301 62.48 25.61 4.53
CA GLY E 301 61.95 26.78 3.84
C GLY E 301 62.01 26.59 2.34
N ASP E 302 61.12 27.25 1.62
CA ASP E 302 61.12 27.25 0.16
C ASP E 302 61.06 28.69 -0.39
N GLU E 303 61.40 29.64 0.45
CA GLU E 303 61.35 31.01 0.01
C GLU E 303 62.70 31.50 -0.52
N TRP E 304 63.72 31.51 0.33
CA TRP E 304 64.99 32.15 -0.02
C TRP E 304 65.90 31.40 -0.97
N GLN E 305 66.26 32.09 -2.06
CA GLN E 305 66.96 31.51 -3.20
C GLN E 305 68.37 32.02 -3.44
N GLU E 306 69.22 31.12 -3.95
CA GLU E 306 70.41 31.52 -4.70
C GLU E 306 70.15 31.11 -6.14
N PHE E 307 71.01 31.53 -7.08
CA PHE E 307 70.72 31.32 -8.51
C PHE E 307 70.53 29.84 -8.89
N PHE E 308 71.23 28.95 -8.19
CA PHE E 308 71.22 27.53 -8.52
C PHE E 308 70.15 26.70 -7.83
N TYR E 309 69.39 27.31 -6.93
CA TYR E 309 68.35 26.61 -6.16
C TYR E 309 67.24 26.04 -7.05
N ASP E 310 66.85 26.80 -8.08
CA ASP E 310 65.83 26.38 -9.03
C ASP E 310 66.01 24.94 -9.52
N GLN E 311 67.23 24.54 -9.83
CA GLN E 311 67.43 23.17 -10.30
C GLN E 311 67.62 22.13 -9.20
N LEU E 312 67.70 22.58 -7.95
CA LEU E 312 67.66 21.66 -6.84
C LEU E 312 66.19 21.31 -6.62
N LYS E 313 65.81 20.07 -6.93
CA LYS E 313 64.42 19.61 -6.82
C LYS E 313 64.20 18.77 -5.57
N PRO E 314 63.15 19.08 -4.80
CA PRO E 314 62.83 18.33 -3.58
C PRO E 314 62.55 16.84 -3.83
N TRP E 315 62.92 16.00 -2.87
CA TRP E 315 62.72 14.55 -2.91
C TRP E 315 63.61 13.85 -3.90
N VAL E 316 64.17 14.62 -4.82
CA VAL E 316 65.23 14.11 -5.69
C VAL E 316 66.59 14.34 -5.02
N HIS E 317 66.91 15.60 -4.71
CA HIS E 317 68.23 15.99 -4.22
C HIS E 317 68.31 16.22 -2.73
N TYR E 318 67.21 16.66 -2.14
CA TYR E 318 67.20 17.04 -0.72
C TYR E 318 65.83 16.78 -0.10
N VAL E 319 65.77 16.74 1.23
CA VAL E 319 64.49 16.63 1.93
C VAL E 319 63.97 18.01 2.34
N PRO E 320 62.81 18.39 1.80
CA PRO E 320 62.17 19.67 2.11
C PRO E 320 61.43 19.71 3.45
N LEU E 321 61.65 20.78 4.20
CA LEU E 321 60.84 21.11 5.37
C LEU E 321 60.34 22.55 5.21
N LYS E 322 59.04 22.76 5.46
CA LYS E 322 58.40 24.09 5.37
C LYS E 322 58.99 25.07 6.39
N SER E 323 58.86 26.37 6.12
CA SER E 323 59.33 27.40 7.07
C SER E 323 58.82 27.14 8.49
N TYR E 324 59.70 27.34 9.47
CA TYR E 324 59.41 27.10 10.91
C TYR E 324 58.86 25.69 11.20
N PRO E 325 59.71 24.64 11.09
CA PRO E 325 59.17 23.34 11.44
C PRO E 325 59.08 23.13 12.95
N SER E 326 58.15 22.26 13.32
CA SER E 326 57.85 21.94 14.71
C SER E 326 58.81 20.87 15.24
N GLN E 327 58.99 20.84 16.57
CA GLN E 327 59.83 19.83 17.20
C GLN E 327 59.40 18.45 16.74
N GLN E 328 58.14 18.33 16.36
CA GLN E 328 57.55 17.03 16.07
C GLN E 328 57.64 16.61 14.61
N GLU E 329 57.41 17.53 13.67
CA GLU E 329 57.72 17.25 12.27
C GLU E 329 59.17 16.75 12.16
N TYR E 330 60.09 17.47 12.82
CA TYR E 330 61.49 17.10 12.95
C TYR E 330 61.63 15.65 13.41
N GLU E 331 60.95 15.32 14.53
CA GLU E 331 60.97 13.97 15.09
C GLU E 331 60.50 12.95 14.04
N HIS E 332 59.37 13.24 13.39
CA HIS E 332 58.76 12.32 12.41
C HIS E 332 59.57 12.04 11.19
N ILE E 333 60.25 13.06 10.66
CA ILE E 333 60.97 12.94 9.38
C ILE E 333 62.30 12.21 9.52
N LEU E 334 63.04 12.50 10.60
CA LEU E 334 64.31 11.84 10.88
C LEU E 334 64.07 10.37 11.25
N SER E 335 63.07 10.14 12.10
CA SER E 335 62.72 8.78 12.53
C SER E 335 62.38 7.92 11.33
N PHE E 336 61.76 8.53 10.32
CA PHE E 336 61.45 7.86 9.07
C PHE E 336 62.70 7.40 8.33
N PHE E 337 63.64 8.32 8.13
CA PHE E 337 64.82 8.04 7.33
C PHE E 337 65.82 7.16 8.09
N LYS E 338 65.79 7.24 9.42
CA LYS E 338 66.53 6.30 10.28
C LYS E 338 66.05 4.87 10.02
N LYS E 339 64.79 4.78 9.58
CA LYS E 339 64.13 3.50 9.29
C LYS E 339 64.07 3.29 7.79
N ASN E 340 64.64 4.22 7.04
CA ASN E 340 64.70 4.12 5.57
C ASN E 340 66.05 4.59 5.04
N ASP E 341 67.08 3.82 5.40
CA ASP E 341 68.49 4.19 5.26
C ASP E 341 68.97 4.15 3.83
N ALA E 342 68.55 3.14 3.06
CA ALA E 342 69.01 3.04 1.68
C ALA E 342 68.36 4.11 0.83
N LEU E 343 67.10 4.42 1.13
CA LEU E 343 66.38 5.50 0.46
C LEU E 343 67.01 6.87 0.72
N ALA E 344 67.42 7.11 1.97
CA ALA E 344 68.23 8.27 2.32
C ALA E 344 69.45 8.31 1.42
N GLN E 345 70.17 7.20 1.37
CA GLN E 345 71.39 7.10 0.56
C GLN E 345 71.19 7.46 -0.91
N GLU E 346 70.02 7.11 -1.47
CA GLU E 346 69.70 7.40 -2.89
C GLU E 346 69.63 8.91 -3.16
N ILE E 347 68.81 9.59 -2.36
CA ILE E 347 68.65 11.05 -2.41
C ILE E 347 69.97 11.75 -2.09
N ALA E 348 70.67 11.28 -1.06
CA ALA E 348 71.93 11.90 -0.65
C ALA E 348 72.94 11.93 -1.81
N GLN E 349 73.04 10.81 -2.52
CA GLN E 349 73.94 10.68 -3.67
C GLN E 349 73.63 11.70 -4.77
N ARG E 350 72.38 11.71 -5.26
CA ARG E 350 71.97 12.62 -6.35
C ARG E 350 72.22 14.08 -5.97
N GLY E 351 71.97 14.42 -4.72
CA GLY E 351 72.22 15.76 -4.19
C GLY E 351 73.68 16.17 -4.32
N TYR E 352 74.56 15.32 -3.84
CA TYR E 352 76.00 15.49 -4.07
C TYR E 352 76.27 15.53 -5.58
N ASP E 353 75.69 14.54 -6.30
CA ASP E 353 75.90 14.36 -7.74
C ASP E 353 75.57 15.63 -8.51
N PHE E 354 74.45 16.25 -8.14
CA PHE E 354 74.04 17.49 -8.77
C PHE E 354 75.01 18.64 -8.49
N ILE E 355 75.23 18.98 -7.23
CA ILE E 355 76.20 20.03 -6.89
C ILE E 355 77.60 19.75 -7.48
N TRP E 356 77.96 18.47 -7.63
CA TRP E 356 79.27 18.13 -8.21
C TRP E 356 79.39 18.41 -9.68
N GLU E 357 78.42 17.95 -10.47
CA GLU E 357 78.49 18.10 -11.92
C GLU E 357 77.98 19.45 -12.42
N HIS E 358 77.11 20.10 -11.64
CA HIS E 358 76.42 21.30 -12.12
C HIS E 358 76.57 22.56 -11.29
N LEU E 359 77.45 22.55 -10.30
CA LEU E 359 77.89 23.79 -9.66
C LEU E 359 79.42 23.83 -9.61
N ARG E 360 80.02 23.63 -10.78
CA ARG E 360 81.45 23.81 -10.97
C ARG E 360 81.74 25.28 -11.19
N MET E 361 83.02 25.64 -11.21
CA MET E 361 83.44 27.01 -11.47
C MET E 361 83.02 27.45 -12.86
N LYS E 362 83.20 26.57 -13.84
CA LYS E 362 82.70 26.78 -15.20
C LYS E 362 81.20 27.13 -15.16
N ASP E 363 80.45 26.48 -14.27
CA ASP E 363 79.02 26.77 -14.07
C ASP E 363 78.77 28.17 -13.51
N ILE E 364 79.62 28.61 -12.58
CA ILE E 364 79.56 29.98 -12.04
C ILE E 364 79.96 30.96 -13.14
N LYS E 365 81.08 30.67 -13.80
CA LYS E 365 81.62 31.54 -14.82
C LYS E 365 80.69 31.67 -16.04
N CYS E 366 80.15 30.56 -16.52
CA CYS E 366 79.24 30.61 -17.69
C CYS E 366 77.91 31.30 -17.37
N TYR E 367 77.47 31.24 -16.10
CA TYR E 367 76.25 31.92 -15.67
C TYR E 367 76.42 33.43 -15.75
N TRP E 368 77.51 33.95 -15.18
CA TRP E 368 77.89 35.35 -15.30
C TRP E 368 77.86 35.81 -16.73
N ARG E 369 78.57 35.09 -17.59
CA ARG E 369 78.73 35.44 -18.99
C ARG E 369 77.37 35.40 -19.71
N LYS E 370 76.61 34.33 -19.50
CA LYS E 370 75.27 34.21 -20.09
C LYS E 370 74.36 35.31 -19.54
N LEU E 371 74.48 35.59 -18.25
CA LEU E 371 73.64 36.59 -17.58
C LEU E 371 73.81 37.99 -18.21
N LEU E 372 75.05 38.45 -18.23
CA LEU E 372 75.35 39.81 -18.67
C LEU E 372 75.08 39.99 -20.16
N LYS E 373 75.39 38.97 -20.95
CA LYS E 373 75.14 38.96 -22.40
C LYS E 373 73.66 39.08 -22.73
N ARG E 374 72.81 38.45 -21.91
CA ARG E 374 71.38 38.52 -22.15
C ARG E 374 70.82 39.80 -21.53
N TYR E 375 71.56 40.31 -20.54
CA TYR E 375 71.19 41.52 -19.83
C TYR E 375 71.44 42.79 -20.63
N VAL E 376 72.63 42.89 -21.20
CA VAL E 376 73.00 44.06 -22.02
C VAL E 376 72.01 44.31 -23.17
N LYS E 377 71.49 43.23 -23.75
CA LYS E 377 70.50 43.30 -24.83
C LYS E 377 69.25 44.12 -24.43
N LEU E 378 68.99 44.23 -23.13
CA LEU E 378 67.81 44.94 -22.63
C LEU E 378 67.97 46.46 -22.62
N LEU E 379 69.22 46.93 -22.54
CA LEU E 379 69.53 48.36 -22.46
C LEU E 379 69.11 49.13 -23.71
N GLN E 380 68.23 50.12 -23.53
CA GLN E 380 67.69 50.88 -24.65
C GLN E 380 68.33 52.27 -24.79
N TYR E 381 69.54 52.41 -24.24
CA TYR E 381 70.32 53.64 -24.34
C TYR E 381 71.80 53.37 -24.60
N GLU E 382 72.57 54.43 -24.79
CA GLU E 382 74.00 54.32 -25.04
C GLU E 382 74.79 54.54 -23.76
N VAL E 383 75.53 53.51 -23.36
CA VAL E 383 76.38 53.56 -22.18
C VAL E 383 77.53 54.52 -22.47
N LYS E 384 77.57 55.61 -21.71
CA LYS E 384 78.59 56.66 -21.85
C LYS E 384 79.49 56.65 -20.60
N PRO E 385 80.81 56.94 -20.75
CA PRO E 385 81.72 56.94 -19.59
C PRO E 385 81.30 57.91 -18.47
N GLU E 386 81.63 57.58 -17.23
CA GLU E 386 81.41 58.48 -16.09
C GLU E 386 82.72 58.66 -15.34
N ASP E 387 83.22 59.90 -15.36
CA ASP E 387 84.54 60.26 -14.81
C ASP E 387 84.74 59.93 -13.33
N GLN E 388 83.70 60.11 -12.53
CA GLN E 388 83.83 59.96 -11.07
C GLN E 388 84.10 58.51 -10.63
N LEU E 389 83.84 57.53 -11.48
CA LEU E 389 84.15 56.13 -11.16
C LEU E 389 85.63 55.82 -11.39
N ILE E 390 86.14 54.76 -10.74
CA ILE E 390 87.56 54.40 -10.79
C ILE E 390 87.90 53.13 -11.61
N TYR E 391 89.13 53.07 -12.11
CA TYR E 391 89.55 51.97 -12.99
C TYR E 391 89.81 50.69 -12.20
N ILE E 392 89.16 49.60 -12.62
CA ILE E 392 89.43 48.31 -11.99
C ILE E 392 90.41 47.44 -12.81
N GLY E 393 90.15 47.28 -14.11
CA GLY E 393 90.98 46.43 -14.99
C GLY E 393 90.31 45.99 -16.31
N PRO E 394 90.90 44.98 -17.00
CA PRO E 394 92.06 44.17 -16.61
C PRO E 394 93.39 44.83 -16.94
N ASN F 30 -71.01 12.53 -89.30
CA ASN F 30 -69.65 12.52 -88.69
C ASN F 30 -69.57 13.32 -87.38
N GLU F 31 -69.24 14.62 -87.45
CA GLU F 31 -68.93 15.44 -86.26
C GLU F 31 -70.00 15.40 -85.17
N ASP F 32 -71.24 15.40 -85.61
CA ASP F 32 -72.39 15.39 -84.72
C ASP F 32 -72.50 14.08 -83.93
N GLU F 33 -72.15 12.97 -84.57
CA GLU F 33 -72.17 11.62 -83.96
C GLU F 33 -71.31 11.58 -82.70
N PHE F 34 -70.04 11.93 -82.87
CA PHE F 34 -69.06 11.98 -81.80
C PHE F 34 -69.56 12.88 -80.67
N SER F 35 -69.90 14.12 -81.01
CA SER F 35 -70.47 15.07 -80.06
C SER F 35 -71.50 14.41 -79.13
N PHE F 36 -72.37 13.55 -79.67
CA PHE F 36 -73.35 12.79 -78.87
C PHE F 36 -72.70 11.77 -77.93
N LYS F 37 -72.00 10.81 -78.54
CA LYS F 37 -71.40 9.69 -77.81
C LYS F 37 -70.65 10.25 -76.62
N ILE F 38 -69.93 11.35 -76.86
CA ILE F 38 -69.14 12.02 -75.84
C ILE F 38 -70.05 12.61 -74.75
N ARG F 39 -71.07 13.36 -75.14
CA ARG F 39 -71.96 14.01 -74.15
C ARG F 39 -72.71 13.03 -73.28
N ARG F 40 -73.26 11.99 -73.92
CA ARG F 40 -73.87 10.81 -73.27
C ARG F 40 -72.96 10.21 -72.18
N GLN F 41 -71.74 9.83 -72.59
CA GLN F 41 -70.76 9.27 -71.66
C GLN F 41 -70.57 10.20 -70.45
N ILE F 42 -70.80 11.51 -70.65
CA ILE F 42 -70.58 12.50 -69.58
C ILE F 42 -71.75 12.57 -68.61
N GLU F 43 -72.96 12.85 -69.12
CA GLU F 43 -74.19 12.90 -68.30
C GLU F 43 -74.33 11.64 -67.43
N LYS F 44 -74.26 10.47 -68.08
CA LYS F 44 -74.36 9.14 -67.45
C LYS F 44 -73.29 8.95 -66.36
N ALA F 45 -72.05 9.35 -66.68
CA ALA F 45 -70.95 9.25 -65.70
C ALA F 45 -71.14 10.15 -64.48
N ASN F 46 -71.50 11.43 -64.69
CA ASN F 46 -71.82 12.37 -63.59
C ASN F 46 -73.12 12.02 -62.86
N ALA F 47 -74.02 11.34 -63.55
CA ALA F 47 -75.28 10.90 -62.97
C ALA F 47 -75.07 9.73 -62.00
N ASP F 48 -74.16 8.82 -62.34
CA ASP F 48 -73.84 7.64 -61.52
C ASP F 48 -72.89 7.97 -60.38
N TYR F 49 -72.13 9.05 -60.51
CA TYR F 49 -71.10 9.39 -59.55
C TYR F 49 -71.61 9.74 -58.15
N LYS F 50 -71.02 9.09 -57.14
CA LYS F 50 -71.21 9.45 -55.72
C LYS F 50 -69.84 9.73 -55.09
N PRO F 51 -69.74 10.75 -54.21
CA PRO F 51 -68.47 11.18 -53.56
C PRO F 51 -67.71 10.07 -52.82
N CYS F 52 -66.39 10.21 -52.72
CA CYS F 52 -65.52 9.09 -52.32
C CYS F 52 -65.57 8.75 -50.84
N SER F 53 -66.03 9.71 -50.05
CA SER F 53 -66.32 9.50 -48.65
C SER F 53 -67.60 10.26 -48.42
N SER F 54 -68.37 9.86 -47.41
CA SER F 54 -69.66 10.53 -47.10
C SER F 54 -69.50 12.03 -46.82
N ASP F 55 -68.41 12.40 -46.14
CA ASP F 55 -68.08 13.81 -45.94
C ASP F 55 -66.73 14.17 -46.58
N PRO F 56 -66.62 15.37 -47.22
CA PRO F 56 -65.37 15.72 -47.90
C PRO F 56 -64.08 15.73 -47.04
N GLN F 57 -64.20 15.88 -45.72
CA GLN F 57 -63.04 15.86 -44.81
C GLN F 57 -62.36 14.49 -44.63
N ASP F 58 -63.06 13.43 -45.07
CA ASP F 58 -62.62 12.02 -44.95
C ASP F 58 -61.80 11.71 -43.69
N SER F 59 -62.46 11.79 -42.54
CA SER F 59 -61.81 11.60 -41.24
C SER F 59 -61.49 10.13 -40.99
N ASP F 60 -62.41 9.23 -41.34
CA ASP F 60 -62.17 7.79 -41.18
C ASP F 60 -61.17 7.20 -42.22
N CYS F 61 -60.61 8.07 -43.06
CA CYS F 61 -59.67 7.72 -44.14
C CYS F 61 -60.25 6.62 -45.06
N SER F 62 -61.43 6.89 -45.62
CA SER F 62 -62.19 5.89 -46.38
C SER F 62 -62.16 6.11 -47.89
N CYS F 63 -61.72 7.29 -48.32
CA CYS F 63 -61.75 7.67 -49.73
C CYS F 63 -61.06 6.65 -50.64
N HIS F 64 -59.90 6.16 -50.20
CA HIS F 64 -59.10 5.19 -50.96
C HIS F 64 -59.14 3.80 -50.39
N ALA F 65 -60.20 3.48 -49.65
CA ALA F 65 -60.26 2.21 -48.94
C ALA F 65 -60.58 1.00 -49.83
N ASN F 66 -61.43 1.19 -50.84
CA ASN F 66 -61.77 0.10 -51.76
C ASN F 66 -60.53 -0.55 -52.39
N VAL F 67 -59.44 0.21 -52.45
CA VAL F 67 -58.21 -0.24 -53.10
C VAL F 67 -57.42 -1.24 -52.27
N LEU F 68 -57.07 -0.87 -51.04
CA LEU F 68 -56.32 -1.77 -50.16
C LEU F 68 -57.17 -2.99 -49.77
N LYS F 69 -58.48 -2.79 -49.67
CA LYS F 69 -59.39 -3.87 -49.34
C LYS F 69 -59.33 -4.97 -50.38
N ARG F 70 -59.36 -4.57 -51.66
CA ARG F 70 -59.26 -5.55 -52.75
C ARG F 70 -57.84 -6.07 -52.86
N ASP F 71 -56.87 -5.21 -52.55
CA ASP F 71 -55.45 -5.58 -52.61
C ASP F 71 -55.09 -6.69 -51.64
N LEU F 72 -55.78 -6.72 -50.50
CA LEU F 72 -55.48 -7.70 -49.44
C LEU F 72 -56.38 -8.94 -49.51
N ALA F 73 -57.52 -8.79 -50.18
CA ALA F 73 -58.54 -9.82 -50.28
C ALA F 73 -58.01 -11.26 -50.48
N PRO F 74 -57.04 -11.47 -51.41
CA PRO F 74 -56.48 -12.81 -51.70
C PRO F 74 -55.81 -13.50 -50.52
N TYR F 75 -55.53 -12.75 -49.46
CA TYR F 75 -54.87 -13.29 -48.28
C TYR F 75 -55.77 -13.28 -47.02
N LYS F 76 -57.03 -12.92 -47.19
CA LYS F 76 -58.01 -12.90 -46.09
C LYS F 76 -58.29 -14.28 -45.48
N SER F 77 -58.52 -15.28 -46.34
CA SER F 77 -58.92 -16.62 -45.88
C SER F 77 -57.74 -17.43 -45.32
N THR F 78 -56.67 -17.49 -46.11
CA THR F 78 -55.48 -18.26 -45.79
C THR F 78 -54.55 -17.52 -44.85
N GLY F 79 -54.48 -16.19 -45.02
CA GLY F 79 -53.55 -15.36 -44.27
C GLY F 79 -52.15 -15.40 -44.85
N VAL F 80 -51.21 -14.76 -44.16
CA VAL F 80 -49.83 -14.69 -44.62
C VAL F 80 -48.92 -15.58 -43.76
N THR F 81 -48.35 -16.63 -44.36
CA THR F 81 -47.44 -17.56 -43.65
C THR F 81 -45.99 -17.08 -43.70
N ARG F 82 -45.17 -17.59 -42.78
CA ARG F 82 -43.73 -17.33 -42.74
C ARG F 82 -43.06 -17.75 -44.04
N GLN F 83 -43.48 -18.90 -44.56
CA GLN F 83 -42.98 -19.42 -45.81
C GLN F 83 -43.22 -18.46 -46.96
N MET F 84 -44.47 -18.04 -47.13
CA MET F 84 -44.88 -17.09 -48.18
C MET F 84 -43.93 -15.90 -48.28
N ILE F 85 -43.61 -15.30 -47.14
CA ILE F 85 -42.77 -14.11 -47.05
C ILE F 85 -41.38 -14.44 -47.55
N GLU F 86 -40.77 -15.46 -46.95
CA GLU F 86 -39.41 -15.89 -47.27
C GLU F 86 -39.28 -16.17 -48.77
N SER F 87 -40.35 -16.70 -49.33
CA SER F 87 -40.46 -17.01 -50.76
C SER F 87 -40.49 -15.74 -51.60
N SER F 88 -41.32 -14.77 -51.20
CA SER F 88 -41.52 -13.53 -51.93
C SER F 88 -40.31 -12.59 -51.82
N ALA F 89 -39.37 -12.96 -50.95
CA ALA F 89 -38.25 -12.09 -50.58
C ALA F 89 -37.34 -11.68 -51.75
N ARG F 90 -37.30 -12.48 -52.80
CA ARG F 90 -36.46 -12.16 -53.96
C ARG F 90 -37.05 -11.04 -54.81
N TYR F 91 -38.34 -10.78 -54.64
CA TYR F 91 -39.03 -9.82 -55.49
C TYR F 91 -38.87 -8.35 -55.08
N GLY F 92 -38.36 -8.10 -53.88
CA GLY F 92 -38.23 -6.73 -53.38
C GLY F 92 -37.29 -6.58 -52.19
N THR F 93 -37.36 -5.44 -51.54
CA THR F 93 -36.48 -5.17 -50.42
C THR F 93 -37.19 -5.54 -49.12
N LYS F 94 -36.49 -6.20 -48.21
CA LYS F 94 -37.09 -6.68 -46.97
C LYS F 94 -37.12 -5.58 -45.89
N TYR F 95 -38.32 -5.34 -45.38
CA TYR F 95 -38.50 -4.46 -44.22
C TYR F 95 -39.12 -5.25 -43.07
N LYS F 96 -38.64 -5.00 -41.86
CA LYS F 96 -39.22 -5.59 -40.67
C LYS F 96 -39.50 -4.51 -39.64
N ILE F 97 -40.73 -4.47 -39.15
CA ILE F 97 -41.05 -3.69 -37.97
C ILE F 97 -40.91 -4.66 -36.80
N TYR F 98 -39.90 -4.45 -35.96
CA TYR F 98 -39.68 -5.31 -34.79
C TYR F 98 -39.52 -4.60 -33.44
N GLY F 99 -40.59 -4.68 -32.64
CA GLY F 99 -40.65 -4.09 -31.32
C GLY F 99 -40.62 -2.59 -31.37
N HIS F 100 -41.52 -2.02 -32.17
CA HIS F 100 -41.50 -0.61 -32.52
C HIS F 100 -40.11 -0.11 -32.89
N ARG F 101 -39.44 -0.89 -33.74
CA ARG F 101 -38.17 -0.51 -34.36
C ARG F 101 -38.07 -1.02 -35.80
N LEU F 102 -37.69 -0.15 -36.75
CA LEU F 102 -37.67 -0.52 -38.19
C LEU F 102 -36.34 -1.08 -38.66
N TYR F 103 -36.42 -2.26 -39.31
CA TYR F 103 -35.25 -2.95 -39.86
C TYR F 103 -35.41 -3.22 -41.36
N ARG F 104 -34.35 -2.98 -42.11
CA ARG F 104 -34.38 -3.15 -43.58
C ARG F 104 -33.19 -3.98 -44.11
N ASP F 105 -33.37 -4.62 -45.28
CA ASP F 105 -32.26 -5.15 -46.05
C ASP F 105 -31.18 -4.07 -46.06
N ALA F 106 -29.93 -4.48 -45.85
CA ALA F 106 -28.79 -3.55 -45.82
C ALA F 106 -28.65 -2.85 -47.18
N ASN F 107 -28.68 -3.65 -48.23
CA ASN F 107 -28.66 -3.13 -49.59
C ASN F 107 -30.07 -2.68 -50.01
N CYS F 108 -30.22 -1.39 -50.33
CA CYS F 108 -31.42 -0.89 -51.05
C CYS F 108 -31.09 -0.60 -52.53
N MET F 109 -31.85 -1.27 -53.41
CA MET F 109 -31.65 -1.17 -54.85
C MET F 109 -31.67 0.28 -55.36
N PHE F 110 -32.70 1.04 -54.95
CA PHE F 110 -32.82 2.47 -55.26
C PHE F 110 -32.86 3.28 -53.96
N PRO F 111 -31.69 3.55 -53.36
CA PRO F 111 -31.57 4.16 -52.01
C PRO F 111 -32.52 5.33 -51.77
N ALA F 112 -32.71 6.14 -52.80
CA ALA F 112 -33.54 7.33 -52.75
C ALA F 112 -35.02 6.97 -52.59
N ARG F 113 -35.42 5.91 -53.28
CA ARG F 113 -36.78 5.40 -53.17
C ARG F 113 -37.04 4.83 -51.78
N CYS F 114 -36.02 4.23 -51.18
CA CYS F 114 -36.16 3.68 -49.83
C CYS F 114 -36.42 4.77 -48.83
N GLU F 115 -35.69 5.87 -48.98
CA GLU F 115 -35.85 7.05 -48.14
C GLU F 115 -37.25 7.70 -48.25
N GLY F 116 -37.77 7.78 -49.48
CA GLY F 116 -39.14 8.22 -49.71
C GLY F 116 -40.13 7.36 -48.96
N ILE F 117 -39.89 6.05 -48.97
CA ILE F 117 -40.73 5.10 -48.23
C ILE F 117 -40.50 5.28 -46.71
N GLU F 118 -39.24 5.40 -46.32
CA GLU F 118 -38.86 5.54 -44.91
C GLU F 118 -39.39 6.78 -44.20
N HIS F 119 -39.56 7.89 -44.93
CA HIS F 119 -40.17 9.10 -44.34
C HIS F 119 -41.56 8.84 -43.83
N PHE F 120 -42.25 7.90 -44.48
CA PHE F 120 -43.61 7.57 -44.11
C PHE F 120 -43.66 6.44 -43.07
N LEU F 121 -42.67 5.54 -43.11
CA LEU F 121 -42.65 4.39 -42.22
C LEU F 121 -42.34 4.76 -40.75
N LEU F 122 -41.25 5.49 -40.57
CA LEU F 122 -40.75 5.86 -39.23
C LEU F 122 -41.79 6.44 -38.23
N PRO F 123 -42.62 7.42 -38.65
CA PRO F 123 -43.64 7.98 -37.74
C PRO F 123 -44.66 6.96 -37.26
N LEU F 124 -44.90 5.93 -38.07
CA LEU F 124 -45.86 4.89 -37.72
C LEU F 124 -45.25 3.83 -36.81
N VAL F 125 -43.91 3.74 -36.81
CA VAL F 125 -43.17 2.69 -36.07
C VAL F 125 -43.47 2.59 -34.56
N ALA F 126 -43.56 3.73 -33.88
CA ALA F 126 -43.93 3.73 -32.45
C ALA F 126 -45.30 3.11 -32.14
N THR F 127 -46.20 3.13 -33.12
CA THR F 127 -47.56 2.63 -32.89
C THR F 127 -47.94 1.38 -33.70
N LEU F 128 -46.99 0.86 -34.49
CA LEU F 128 -47.25 -0.31 -35.35
C LEU F 128 -46.71 -1.66 -34.86
N PRO F 129 -47.51 -2.73 -35.01
CA PRO F 129 -47.08 -4.05 -34.53
C PRO F 129 -45.99 -4.61 -35.43
N ASP F 130 -45.26 -5.59 -34.92
CA ASP F 130 -44.22 -6.25 -35.71
C ASP F 130 -44.78 -6.86 -36.98
N MET F 131 -44.09 -6.62 -38.09
CA MET F 131 -44.44 -7.24 -39.35
C MET F 131 -43.18 -7.49 -40.18
N ASP F 132 -43.33 -8.29 -41.23
CA ASP F 132 -42.36 -8.39 -42.31
C ASP F 132 -42.99 -7.79 -43.56
N LEU F 133 -42.23 -6.94 -44.24
CA LEU F 133 -42.68 -6.36 -45.48
C LEU F 133 -41.64 -6.59 -46.57
N ILE F 134 -42.08 -7.13 -47.71
CA ILE F 134 -41.25 -7.18 -48.91
C ILE F 134 -41.67 -6.04 -49.84
N ILE F 135 -40.86 -4.97 -49.86
CA ILE F 135 -41.21 -3.77 -50.60
C ILE F 135 -40.43 -3.69 -51.90
N ASN F 136 -41.17 -3.71 -53.00
CA ASN F 136 -40.61 -3.58 -54.33
C ASN F 136 -40.51 -2.10 -54.73
N THR F 137 -39.27 -1.69 -54.99
CA THR F 137 -38.95 -0.30 -55.28
C THR F 137 -38.67 -0.04 -56.75
N ARG F 138 -38.68 -1.10 -57.57
CA ARG F 138 -38.58 -0.99 -59.02
C ARG F 138 -39.89 -0.38 -59.55
N ASP F 139 -39.89 0.03 -60.81
CA ASP F 139 -41.09 0.57 -61.47
C ASP F 139 -42.14 -0.52 -61.61
N TYR F 140 -41.71 -1.64 -62.16
CA TYR F 140 -42.62 -2.70 -62.56
C TYR F 140 -42.98 -3.65 -61.42
N PRO F 141 -44.28 -3.99 -61.31
CA PRO F 141 -44.79 -5.03 -60.43
C PRO F 141 -44.12 -6.39 -60.65
N GLN F 142 -44.30 -7.31 -59.70
CA GLN F 142 -43.51 -8.55 -59.70
C GLN F 142 -44.33 -9.85 -59.73
N LEU F 143 -45.53 -9.82 -59.18
CA LEU F 143 -46.32 -11.04 -58.99
C LEU F 143 -47.40 -11.13 -60.06
N ASN F 144 -47.01 -11.63 -61.21
CA ASN F 144 -47.94 -11.89 -62.31
C ASN F 144 -48.94 -12.99 -61.99
N ALA F 145 -50.23 -12.67 -62.10
CA ALA F 145 -51.30 -13.65 -61.80
C ALA F 145 -51.37 -14.84 -62.78
N ALA F 146 -50.83 -14.67 -63.98
CA ALA F 146 -50.72 -15.78 -64.93
C ALA F 146 -49.78 -16.85 -64.37
N TRP F 147 -48.67 -16.42 -63.78
CA TRP F 147 -47.78 -17.29 -62.98
C TRP F 147 -48.52 -17.73 -61.74
N GLY F 148 -47.95 -18.66 -60.99
CA GLY F 148 -48.65 -19.17 -59.80
C GLY F 148 -47.76 -19.90 -58.83
N ASN F 149 -48.12 -19.82 -57.55
CA ASN F 149 -47.39 -20.48 -56.45
C ASN F 149 -46.07 -19.78 -56.09
N ALA F 150 -45.06 -19.91 -56.95
CA ALA F 150 -43.77 -19.22 -56.77
C ALA F 150 -43.94 -17.69 -56.72
N ALA F 151 -45.10 -17.20 -57.20
CA ALA F 151 -45.43 -15.76 -57.14
C ALA F 151 -46.77 -15.43 -56.43
N GLY F 152 -46.95 -15.96 -55.21
CA GLY F 152 -48.17 -15.71 -54.42
C GLY F 152 -48.13 -14.44 -53.59
N GLY F 153 -46.94 -14.02 -53.17
CA GLY F 153 -46.80 -12.81 -52.34
C GLY F 153 -46.82 -13.06 -50.85
N PRO F 154 -47.07 -12.00 -50.04
CA PRO F 154 -47.38 -10.62 -50.47
C PRO F 154 -46.15 -9.80 -50.84
N VAL F 155 -46.29 -9.05 -51.93
CA VAL F 155 -45.30 -8.05 -52.29
C VAL F 155 -46.05 -6.73 -52.45
N PHE F 156 -45.36 -5.63 -52.14
CA PHE F 156 -45.90 -4.31 -52.33
C PHE F 156 -45.13 -3.62 -53.44
N SER F 157 -45.85 -3.03 -54.38
CA SER F 157 -45.29 -2.14 -55.39
C SER F 157 -46.18 -0.91 -55.51
N PHE F 158 -45.69 0.14 -56.18
CA PHE F 158 -46.43 1.39 -56.30
C PHE F 158 -47.52 1.34 -57.38
N SER F 159 -47.31 0.47 -58.37
CA SER F 159 -48.20 0.41 -59.53
C SER F 159 -48.42 -1.01 -60.05
N LYS F 160 -49.62 -1.26 -60.56
CA LYS F 160 -49.99 -2.57 -61.09
C LYS F 160 -51.19 -2.52 -62.03
N THR F 161 -51.52 -3.67 -62.60
CA THR F 161 -52.78 -3.88 -63.31
C THR F 161 -53.42 -5.07 -62.64
N LYS F 162 -54.64 -5.43 -63.06
CA LYS F 162 -55.34 -6.62 -62.55
C LYS F 162 -54.55 -7.92 -62.74
N GLU F 163 -53.63 -7.91 -63.70
CA GLU F 163 -52.67 -9.00 -63.89
C GLU F 163 -51.87 -9.29 -62.61
N TYR F 164 -51.75 -8.28 -61.75
CA TYR F 164 -50.80 -8.34 -60.64
C TYR F 164 -51.41 -8.44 -59.25
N ARG F 165 -50.85 -9.36 -58.45
CA ARG F 165 -51.27 -9.55 -57.06
C ARG F 165 -50.58 -8.57 -56.11
N ASP F 166 -49.58 -7.83 -56.62
CA ASP F 166 -48.84 -6.83 -55.84
C ASP F 166 -49.76 -5.89 -55.07
N ILE F 167 -49.49 -5.72 -53.79
CA ILE F 167 -50.22 -4.76 -52.98
C ILE F 167 -49.70 -3.35 -53.26
N MET F 168 -50.61 -2.47 -53.68
CA MET F 168 -50.26 -1.09 -53.99
C MET F 168 -50.01 -0.26 -52.73
N TYR F 169 -48.86 0.39 -52.69
CA TYR F 169 -48.58 1.40 -51.68
C TYR F 169 -48.37 2.79 -52.30
N PRO F 170 -48.59 3.87 -51.51
CA PRO F 170 -48.41 5.21 -52.05
C PRO F 170 -46.92 5.44 -52.35
N ALA F 171 -46.63 5.80 -53.59
CA ALA F 171 -45.26 5.83 -54.10
C ALA F 171 -44.30 6.70 -53.30
N TRP F 172 -43.02 6.35 -53.40
CA TRP F 172 -41.92 7.04 -52.71
C TRP F 172 -41.84 8.51 -53.02
N THR F 173 -42.09 8.87 -54.27
CA THR F 173 -41.95 10.24 -54.77
C THR F 173 -42.82 11.30 -54.08
N PHE F 174 -43.85 10.87 -53.36
CA PHE F 174 -44.65 11.83 -52.59
C PHE F 174 -43.80 12.57 -51.55
N TRP F 175 -42.61 12.05 -51.26
CA TRP F 175 -41.62 12.79 -50.48
C TRP F 175 -40.34 13.03 -51.19
N ALA F 176 -39.69 11.94 -51.61
CA ALA F 176 -38.41 12.03 -52.32
C ALA F 176 -38.16 10.80 -53.18
N GLY F 177 -37.16 10.90 -54.04
CA GLY F 177 -36.68 9.75 -54.81
C GLY F 177 -37.28 9.52 -56.19
N GLY F 178 -37.94 10.54 -56.73
CA GLY F 178 -38.59 10.43 -58.04
C GLY F 178 -37.61 10.50 -59.17
N PRO F 179 -38.11 10.38 -60.43
CA PRO F 179 -37.26 10.54 -61.62
C PRO F 179 -36.47 11.84 -61.52
N ALA F 180 -35.24 11.84 -62.00
CA ALA F 180 -34.33 12.96 -61.82
C ALA F 180 -34.14 13.72 -63.14
N THR F 181 -34.45 15.01 -63.13
CA THR F 181 -34.26 15.88 -64.29
C THR F 181 -33.54 17.19 -63.92
N LYS F 182 -33.33 18.03 -64.92
CA LYS F 182 -32.67 19.32 -64.74
C LYS F 182 -33.37 20.23 -63.74
N LEU F 183 -34.70 20.25 -63.77
CA LEU F 183 -35.48 21.07 -62.83
C LEU F 183 -35.68 20.40 -61.46
N HIS F 184 -35.61 19.07 -61.44
CA HIS F 184 -35.64 18.31 -60.19
C HIS F 184 -34.55 17.28 -60.21
N PRO F 185 -33.29 17.70 -59.99
CA PRO F 185 -32.19 16.75 -60.16
C PRO F 185 -32.01 15.81 -58.96
N ARG F 186 -32.41 16.24 -57.77
CA ARG F 186 -32.53 15.35 -56.62
C ARG F 186 -33.63 14.30 -56.84
N GLY F 187 -34.22 14.30 -58.04
CA GLY F 187 -35.45 13.54 -58.31
C GLY F 187 -36.68 14.30 -57.80
N ILE F 188 -37.81 14.14 -58.48
CA ILE F 188 -39.03 14.83 -58.04
C ILE F 188 -39.47 14.28 -56.68
N GLY F 189 -39.96 15.17 -55.82
CA GLY F 189 -40.47 14.79 -54.50
C GLY F 189 -41.17 15.94 -53.83
N ARG F 190 -41.44 15.81 -52.54
CA ARG F 190 -42.06 16.90 -51.79
C ARG F 190 -43.35 17.37 -52.48
N TRP F 191 -44.24 16.41 -52.70
CA TRP F 191 -45.58 16.67 -53.17
C TRP F 191 -46.26 17.78 -52.39
N ASP F 192 -45.92 17.89 -51.10
CA ASP F 192 -46.57 18.86 -50.20
C ASP F 192 -46.38 20.33 -50.60
N GLN F 193 -45.16 20.71 -50.97
CA GLN F 193 -44.88 22.10 -51.35
C GLN F 193 -45.27 22.36 -52.79
N MET F 194 -44.97 21.36 -53.64
CA MET F 194 -45.43 21.24 -55.01
C MET F 194 -46.93 21.47 -55.13
N ARG F 195 -47.69 20.97 -54.16
CA ARG F 195 -49.12 21.24 -54.07
C ARG F 195 -49.41 22.74 -53.92
N GLU F 196 -48.68 23.40 -53.02
CA GLU F 196 -48.83 24.85 -52.80
C GLU F 196 -48.35 25.64 -54.00
N LYS F 197 -47.26 25.17 -54.62
CA LYS F 197 -46.68 25.74 -55.83
C LYS F 197 -47.65 25.86 -57.01
N LEU F 198 -48.28 24.73 -57.37
CA LEU F 198 -49.21 24.66 -58.50
C LEU F 198 -50.55 25.34 -58.22
N GLU F 199 -51.05 25.23 -56.98
CA GLU F 199 -52.25 25.94 -56.53
C GLU F 199 -52.04 27.42 -56.80
N LYS F 200 -50.81 27.88 -56.53
CA LYS F 200 -50.39 29.24 -56.85
C LYS F 200 -50.39 29.49 -58.36
N ARG F 201 -49.75 28.61 -59.12
CA ARG F 201 -49.77 28.74 -60.57
C ARG F 201 -51.19 28.70 -61.18
N ALA F 202 -52.08 27.92 -60.58
CA ALA F 202 -53.45 27.75 -61.10
C ALA F 202 -54.30 29.02 -60.96
N ALA F 203 -54.29 29.64 -59.78
CA ALA F 203 -55.00 30.91 -59.56
C ALA F 203 -54.41 32.02 -60.42
N ALA F 204 -53.13 31.89 -60.76
CA ALA F 204 -52.42 32.88 -61.58
C ALA F 204 -52.82 32.88 -63.06
N ILE F 205 -52.98 31.70 -63.65
CA ILE F 205 -53.42 31.57 -65.06
C ILE F 205 -54.81 30.93 -65.13
N PRO F 206 -55.87 31.76 -65.19
CA PRO F 206 -57.24 31.23 -65.20
C PRO F 206 -57.56 30.59 -66.56
N TRP F 207 -58.69 29.87 -66.63
CA TRP F 207 -59.04 29.06 -67.79
C TRP F 207 -58.93 29.75 -69.12
N SER F 208 -59.51 30.93 -69.18
CA SER F 208 -59.64 31.69 -70.43
C SER F 208 -58.29 32.05 -71.06
N GLN F 209 -57.27 32.15 -70.21
CA GLN F 209 -55.98 32.61 -70.67
C GLN F 209 -54.99 31.49 -70.92
N LYS F 210 -55.42 30.26 -70.67
CA LYS F 210 -54.65 29.08 -71.06
C LYS F 210 -54.79 28.94 -72.58
N ARG F 211 -53.69 28.60 -73.25
CA ARG F 211 -53.66 28.44 -74.70
C ARG F 211 -54.53 27.25 -75.12
N SER F 212 -55.08 27.34 -76.33
CA SER F 212 -56.02 26.33 -76.84
C SER F 212 -55.33 25.17 -77.57
N LEU F 213 -54.32 24.57 -76.92
CA LEU F 213 -53.54 23.47 -77.49
C LEU F 213 -53.36 22.32 -76.51
N GLY F 214 -53.30 21.10 -77.06
CA GLY F 214 -52.97 19.93 -76.27
C GLY F 214 -51.48 20.00 -75.95
N PHE F 215 -51.08 19.53 -74.78
CA PHE F 215 -49.68 19.59 -74.38
C PHE F 215 -49.17 18.30 -73.77
N PHE F 216 -48.00 17.89 -74.22
CA PHE F 216 -47.27 16.79 -73.63
C PHE F 216 -45.78 17.05 -73.77
N ARG F 217 -44.98 16.63 -72.79
CA ARG F 217 -43.54 16.82 -72.89
C ARG F 217 -42.82 15.78 -72.08
N GLY F 218 -42.91 14.53 -72.52
CA GLY F 218 -42.29 13.42 -71.81
C GLY F 218 -41.20 12.73 -72.63
N SER F 219 -40.58 11.73 -72.03
CA SER F 219 -39.67 10.86 -72.78
C SER F 219 -40.45 9.67 -73.33
N ARG F 220 -39.82 8.91 -74.20
CA ARG F 220 -40.49 7.77 -74.81
C ARG F 220 -40.41 6.57 -73.89
N THR F 221 -41.08 6.66 -72.75
CA THR F 221 -41.16 5.53 -71.82
C THR F 221 -42.21 4.50 -72.25
N SER F 222 -42.91 4.79 -73.34
CA SER F 222 -43.85 3.85 -73.94
C SER F 222 -44.33 4.34 -75.28
N ASP F 223 -44.55 3.42 -76.21
CA ASP F 223 -44.92 3.77 -77.58
C ASP F 223 -46.39 4.22 -77.72
N GLU F 224 -47.17 4.03 -76.65
CA GLU F 224 -48.50 4.65 -76.52
C GLU F 224 -48.49 6.18 -76.65
N ARG F 225 -47.32 6.77 -76.43
CA ARG F 225 -47.18 8.20 -76.46
C ARG F 225 -46.93 8.68 -77.89
N ASP F 226 -46.54 7.74 -78.75
CA ASP F 226 -46.13 8.07 -80.12
C ASP F 226 -47.13 8.91 -80.92
N SER F 227 -48.35 8.41 -81.04
CA SER F 227 -49.34 9.04 -81.94
C SER F 227 -49.54 10.56 -81.76
N LEU F 228 -49.49 11.01 -80.52
CA LEU F 228 -49.66 12.42 -80.19
C LEU F 228 -48.47 13.25 -80.67
N ILE F 229 -47.26 12.69 -80.47
CA ILE F 229 -46.02 13.34 -80.87
C ILE F 229 -46.00 13.53 -82.39
N LEU F 230 -46.38 12.48 -83.12
CA LEU F 230 -46.40 12.51 -84.57
C LEU F 230 -47.43 13.54 -85.07
N LEU F 231 -48.62 13.48 -84.47
CA LEU F 231 -49.68 14.45 -84.72
C LEU F 231 -49.23 15.90 -84.46
N SER F 232 -48.58 16.10 -83.30
CA SER F 232 -47.99 17.39 -82.93
C SER F 232 -47.05 17.87 -84.03
N ARG F 233 -46.34 16.92 -84.64
CA ARG F 233 -45.37 17.21 -85.70
C ARG F 233 -46.07 17.64 -86.96
N ARG F 234 -47.26 17.08 -87.17
CA ARG F 234 -48.07 17.35 -88.36
C ARG F 234 -48.96 18.58 -88.19
N ASN F 235 -49.55 18.72 -87.01
CA ASN F 235 -50.41 19.86 -86.71
C ASN F 235 -49.97 20.56 -85.43
N PRO F 236 -48.83 21.31 -85.47
CA PRO F 236 -48.34 22.07 -84.33
C PRO F 236 -49.38 23.03 -83.73
N GLU F 237 -50.34 23.41 -84.55
CA GLU F 237 -51.34 24.38 -84.17
C GLU F 237 -52.41 23.77 -83.28
N LEU F 238 -52.59 22.45 -83.36
CA LEU F 238 -53.51 21.74 -82.46
C LEU F 238 -52.83 21.17 -81.20
N VAL F 239 -51.71 20.45 -81.39
CA VAL F 239 -51.00 19.85 -80.26
C VAL F 239 -49.52 20.22 -80.21
N GLU F 240 -49.07 20.53 -79.00
CA GLU F 240 -47.67 20.81 -78.71
C GLU F 240 -47.07 19.67 -77.87
N ALA F 241 -46.57 18.63 -78.56
CA ALA F 241 -45.98 17.45 -77.89
C ALA F 241 -44.64 17.02 -78.50
N GLN F 242 -43.65 16.82 -77.65
CA GLN F 242 -42.29 16.45 -78.07
C GLN F 242 -41.66 15.53 -77.03
N TYR F 243 -40.75 14.66 -77.49
CA TYR F 243 -40.02 13.79 -76.58
C TYR F 243 -38.81 14.44 -75.92
N THR F 244 -38.61 14.17 -74.63
CA THR F 244 -37.37 14.53 -73.94
C THR F 244 -36.37 13.37 -74.02
N LYS F 245 -35.15 13.63 -73.55
CA LYS F 245 -34.09 12.65 -73.46
C LYS F 245 -34.12 12.09 -72.03
N ASN F 246 -34.10 10.76 -71.88
CA ASN F 246 -34.00 10.20 -70.52
C ASN F 246 -32.64 9.55 -70.22
N GLN F 247 -32.42 9.21 -68.95
CA GLN F 247 -31.17 8.55 -68.54
C GLN F 247 -31.00 7.14 -69.13
N GLY F 248 -32.02 6.64 -69.82
CA GLY F 248 -31.95 5.36 -70.52
C GLY F 248 -31.90 5.50 -72.04
N TRP F 249 -31.57 6.71 -72.49
CA TRP F 249 -31.45 7.01 -73.93
C TRP F 249 -30.35 6.21 -74.56
N LYS F 250 -30.69 5.54 -75.65
CA LYS F 250 -29.75 4.68 -76.35
C LYS F 250 -29.47 5.09 -77.80
N SER F 251 -30.50 5.59 -78.49
CA SER F 251 -30.34 6.05 -79.88
C SER F 251 -31.36 7.13 -80.28
N PRO F 252 -31.07 7.90 -81.36
CA PRO F 252 -32.00 8.94 -81.84
C PRO F 252 -33.44 8.46 -82.10
N LYS F 253 -33.66 7.13 -82.16
CA LYS F 253 -35.00 6.55 -82.24
C LYS F 253 -35.82 6.80 -80.97
N ASP F 254 -35.16 6.78 -79.80
CA ASP F 254 -35.79 7.10 -78.51
C ASP F 254 -36.45 8.49 -78.44
N THR F 255 -36.27 9.30 -79.48
CA THR F 255 -37.02 10.55 -79.65
C THR F 255 -37.61 10.59 -81.06
N LEU F 256 -37.93 9.40 -81.59
CA LEU F 256 -38.35 9.23 -82.99
C LEU F 256 -37.59 10.12 -83.98
N ASP F 257 -36.27 10.23 -83.77
CA ASP F 257 -35.36 10.91 -84.71
C ASP F 257 -35.45 12.45 -84.77
N ALA F 258 -35.93 13.07 -83.69
CA ALA F 258 -35.96 14.53 -83.59
C ALA F 258 -35.04 14.97 -82.45
N PRO F 259 -34.60 16.25 -82.47
CA PRO F 259 -33.89 16.80 -81.31
C PRO F 259 -34.66 16.64 -80.00
N ALA F 260 -33.95 16.18 -78.97
CA ALA F 260 -34.50 16.11 -77.63
C ALA F 260 -34.96 17.49 -77.21
N ALA F 261 -36.28 17.62 -77.02
CA ALA F 261 -36.86 18.81 -76.44
C ALA F 261 -36.41 18.97 -74.97
N ASP F 262 -36.51 20.18 -74.45
CA ASP F 262 -36.13 20.47 -73.08
C ASP F 262 -37.28 20.17 -72.12
N GLU F 263 -36.94 19.91 -70.86
CA GLU F 263 -37.91 19.75 -69.78
C GLU F 263 -38.79 21.01 -69.62
N VAL F 264 -40.09 20.80 -69.52
CA VAL F 264 -41.01 21.87 -69.17
C VAL F 264 -41.43 21.70 -67.72
N SER F 265 -41.44 22.79 -66.95
CA SER F 265 -41.77 22.74 -65.53
C SER F 265 -43.24 22.40 -65.35
N PHE F 266 -43.56 21.82 -64.19
CA PHE F 266 -44.93 21.47 -63.88
C PHE F 266 -45.79 22.72 -63.76
N GLU F 267 -45.17 23.83 -63.34
CA GLU F 267 -45.84 25.13 -63.33
C GLU F 267 -46.16 25.58 -64.76
N ASP F 268 -45.26 25.26 -65.69
CA ASP F 268 -45.39 25.74 -67.07
C ASP F 268 -46.39 24.95 -67.90
N HIS F 269 -46.68 23.72 -67.50
CA HIS F 269 -47.78 22.95 -68.10
C HIS F 269 -49.08 23.71 -68.01
N CYS F 270 -49.24 24.50 -66.94
CA CYS F 270 -50.51 25.15 -66.57
C CYS F 270 -51.01 26.23 -67.54
N LYS F 271 -50.17 26.64 -68.47
CA LYS F 271 -50.59 27.63 -69.46
C LYS F 271 -51.31 27.02 -70.67
N TYR F 272 -51.48 25.70 -70.69
CA TYR F 272 -52.27 25.05 -71.74
C TYR F 272 -53.57 24.52 -71.14
N LYS F 273 -54.67 24.70 -71.86
CA LYS F 273 -55.95 24.12 -71.45
C LYS F 273 -55.95 22.57 -71.37
N TYR F 274 -55.21 21.90 -72.26
CA TYR F 274 -55.32 20.44 -72.40
C TYR F 274 -54.00 19.71 -72.23
N LEU F 275 -53.98 18.84 -71.23
CA LEU F 275 -52.79 18.08 -70.86
C LEU F 275 -53.08 16.58 -70.90
N PHE F 276 -52.19 15.85 -71.55
CA PHE F 276 -52.33 14.41 -71.65
C PHE F 276 -51.44 13.76 -70.63
N ASN F 277 -51.89 12.61 -70.13
CA ASN F 277 -51.04 11.73 -69.33
C ASN F 277 -51.00 10.35 -69.92
N PHE F 278 -49.82 9.74 -69.91
CA PHE F 278 -49.62 8.38 -70.35
C PHE F 278 -48.90 7.57 -69.28
N ARG F 279 -49.10 6.25 -69.26
CA ARG F 279 -48.23 5.35 -68.53
C ARG F 279 -46.85 5.39 -69.18
N GLY F 280 -45.84 5.00 -68.42
CA GLY F 280 -44.50 4.76 -68.96
C GLY F 280 -44.20 3.29 -68.83
N VAL F 281 -43.12 2.97 -68.10
CA VAL F 281 -42.82 1.58 -67.77
C VAL F 281 -44.07 0.99 -67.12
N ALA F 282 -44.67 1.78 -66.20
CA ALA F 282 -45.99 1.52 -65.64
C ALA F 282 -46.73 2.87 -65.47
N ALA F 283 -47.45 3.07 -64.37
CA ALA F 283 -48.14 4.34 -64.13
C ALA F 283 -47.16 5.51 -63.96
N SER F 284 -47.57 6.70 -64.42
CA SER F 284 -46.70 7.88 -64.38
C SER F 284 -47.01 8.85 -63.27
N PHE F 285 -45.94 9.37 -62.69
CA PHE F 285 -46.03 10.32 -61.60
C PHE F 285 -46.61 11.66 -62.07
N ARG F 286 -46.61 11.86 -63.39
CA ARG F 286 -47.08 13.10 -64.00
C ARG F 286 -48.56 13.36 -63.72
N LEU F 287 -49.40 12.35 -63.89
CA LEU F 287 -50.85 12.48 -63.78
C LEU F 287 -51.27 13.42 -62.66
N LYS F 288 -50.85 13.13 -61.43
CA LYS F 288 -51.28 13.90 -60.27
C LYS F 288 -50.96 15.39 -60.39
N HIS F 289 -49.90 15.70 -61.13
CA HIS F 289 -49.46 17.08 -61.30
C HIS F 289 -50.28 17.88 -62.26
N LEU F 290 -50.84 17.22 -63.26
CA LEU F 290 -51.65 17.92 -64.25
C LEU F 290 -52.91 18.52 -63.66
N PHE F 291 -53.47 17.85 -62.65
CA PHE F 291 -54.78 18.20 -62.10
C PHE F 291 -54.72 19.55 -61.44
N LEU F 292 -53.58 19.83 -60.79
CA LEU F 292 -53.41 21.04 -60.00
C LEU F 292 -53.18 22.29 -60.85
N CYS F 293 -53.01 22.06 -62.15
CA CYS F 293 -52.97 23.13 -63.15
C CYS F 293 -54.35 23.76 -63.41
N LYS F 294 -55.42 23.11 -62.94
CA LYS F 294 -56.80 23.44 -63.37
C LYS F 294 -56.96 23.45 -64.90
N SER F 295 -56.18 22.61 -65.55
CA SER F 295 -56.37 22.32 -66.96
C SER F 295 -57.13 21.00 -67.08
N LEU F 296 -57.65 20.75 -68.28
CA LEU F 296 -58.35 19.52 -68.55
C LEU F 296 -57.36 18.40 -68.80
N VAL F 297 -57.44 17.42 -67.89
CA VAL F 297 -56.63 16.20 -67.90
C VAL F 297 -57.19 15.18 -68.88
N PHE F 298 -56.33 14.71 -69.76
CA PHE F 298 -56.67 13.64 -70.69
C PHE F 298 -55.86 12.41 -70.28
N HIS F 299 -56.56 11.43 -69.71
CA HIS F 299 -55.91 10.23 -69.19
C HIS F 299 -56.02 9.08 -70.14
N VAL F 300 -54.89 8.74 -70.74
CA VAL F 300 -54.83 7.69 -71.75
C VAL F 300 -54.52 6.34 -71.12
N GLY F 301 -55.37 5.36 -71.38
CA GLY F 301 -55.19 4.03 -70.84
C GLY F 301 -55.91 3.85 -69.52
N ASP F 302 -56.40 2.63 -69.31
CA ASP F 302 -57.19 2.34 -68.12
C ASP F 302 -56.61 1.16 -67.31
N GLU F 303 -55.43 0.71 -67.74
CA GLU F 303 -54.76 -0.46 -67.15
C GLU F 303 -53.96 -0.15 -65.89
N TRP F 304 -52.91 0.65 -66.05
CA TRP F 304 -51.93 0.89 -65.01
C TRP F 304 -52.39 1.84 -63.94
N GLN F 305 -52.27 1.39 -62.70
CA GLN F 305 -52.86 2.07 -61.56
C GLN F 305 -51.84 2.61 -60.56
N GLU F 306 -52.18 3.71 -59.93
CA GLU F 306 -51.62 4.09 -58.63
C GLU F 306 -52.72 3.98 -57.57
N PHE F 307 -52.35 4.13 -56.30
CA PHE F 307 -53.29 3.81 -55.24
C PHE F 307 -54.60 4.63 -55.29
N PHE F 308 -54.52 5.84 -55.87
CA PHE F 308 -55.69 6.75 -55.94
C PHE F 308 -56.43 6.82 -57.28
N TYR F 309 -56.02 5.99 -58.25
CA TYR F 309 -56.63 5.99 -59.57
C TYR F 309 -58.06 5.50 -59.53
N ASP F 310 -58.29 4.50 -58.68
CA ASP F 310 -59.62 3.91 -58.52
C ASP F 310 -60.71 4.97 -58.27
N GLN F 311 -60.41 5.96 -57.43
CA GLN F 311 -61.40 6.99 -57.12
C GLN F 311 -61.37 8.23 -58.03
N LEU F 312 -60.43 8.28 -58.96
CA LEU F 312 -60.50 9.23 -60.06
C LEU F 312 -61.47 8.69 -61.08
N LYS F 313 -62.56 9.40 -61.29
CA LYS F 313 -63.68 8.89 -62.10
C LYS F 313 -63.76 9.45 -63.51
N PRO F 314 -63.89 8.57 -64.52
CA PRO F 314 -63.89 9.07 -65.90
C PRO F 314 -65.09 9.94 -66.20
N TRP F 315 -64.87 10.97 -67.01
CA TRP F 315 -65.90 11.95 -67.41
C TRP F 315 -66.28 12.90 -66.31
N VAL F 316 -65.99 12.50 -65.07
CA VAL F 316 -66.16 13.35 -63.89
C VAL F 316 -64.92 14.24 -63.65
N HIS F 317 -63.76 13.61 -63.45
CA HIS F 317 -62.51 14.32 -63.14
C HIS F 317 -61.58 14.50 -64.28
N TYR F 318 -61.69 13.64 -65.30
CA TYR F 318 -60.80 13.71 -66.46
C TYR F 318 -61.48 13.11 -67.70
N VAL F 319 -60.88 13.33 -68.86
CA VAL F 319 -61.33 12.67 -70.09
C VAL F 319 -60.52 11.39 -70.24
N PRO F 320 -61.21 10.24 -70.29
CA PRO F 320 -60.52 8.97 -70.47
C PRO F 320 -60.35 8.66 -71.96
N LEU F 321 -59.25 7.99 -72.30
CA LEU F 321 -59.03 7.53 -73.68
C LEU F 321 -58.43 6.14 -73.66
N LYS F 322 -58.93 5.25 -74.50
CA LYS F 322 -58.43 3.87 -74.61
C LYS F 322 -56.95 3.84 -75.01
N SER F 323 -56.25 2.77 -74.61
CA SER F 323 -54.84 2.60 -74.93
C SER F 323 -54.57 2.71 -76.44
N TYR F 324 -53.42 3.30 -76.78
CA TYR F 324 -53.01 3.53 -78.18
C TYR F 324 -54.05 4.31 -79.00
N PRO F 325 -54.27 5.61 -78.69
CA PRO F 325 -55.27 6.33 -79.47
C PRO F 325 -54.76 6.75 -80.84
N SER F 326 -55.71 6.93 -81.76
CA SER F 326 -55.41 7.34 -83.13
C SER F 326 -55.30 8.84 -83.20
N GLN F 327 -54.55 9.32 -84.19
CA GLN F 327 -54.40 10.74 -84.43
C GLN F 327 -55.77 11.36 -84.60
N GLN F 328 -56.67 10.57 -85.15
CA GLN F 328 -58.00 11.06 -85.51
C GLN F 328 -58.94 11.04 -84.32
N GLU F 329 -58.73 10.12 -83.39
CA GLU F 329 -59.43 10.17 -82.12
C GLU F 329 -59.08 11.50 -81.45
N TYR F 330 -57.79 11.78 -81.33
CA TYR F 330 -57.29 13.02 -80.72
C TYR F 330 -57.91 14.28 -81.34
N GLU F 331 -57.82 14.42 -82.67
CA GLU F 331 -58.37 15.58 -83.38
C GLU F 331 -59.82 15.76 -82.99
N HIS F 332 -60.55 14.66 -82.92
CA HIS F 332 -61.97 14.70 -82.75
C HIS F 332 -62.36 15.07 -81.37
N ILE F 333 -61.58 14.62 -80.40
CA ILE F 333 -61.87 14.88 -78.99
C ILE F 333 -61.49 16.30 -78.58
N LEU F 334 -60.35 16.77 -79.08
CA LEU F 334 -59.91 18.12 -78.78
C LEU F 334 -60.79 19.15 -79.50
N SER F 335 -61.19 18.88 -80.73
CA SER F 335 -62.13 19.75 -81.44
C SER F 335 -63.44 19.95 -80.66
N PHE F 336 -63.91 18.88 -80.01
CA PHE F 336 -65.15 18.92 -79.25
C PHE F 336 -65.06 19.84 -78.04
N PHE F 337 -64.02 19.67 -77.20
CA PHE F 337 -63.84 20.46 -75.97
C PHE F 337 -63.46 21.91 -76.24
N LYS F 338 -62.76 22.13 -77.35
CA LYS F 338 -62.51 23.47 -77.89
C LYS F 338 -63.82 24.12 -78.33
N LYS F 339 -64.77 23.31 -78.81
CA LYS F 339 -66.09 23.79 -79.19
C LYS F 339 -67.10 23.60 -78.07
N ASN F 340 -66.66 23.02 -76.95
CA ASN F 340 -67.51 22.86 -75.77
C ASN F 340 -66.77 23.24 -74.49
N ASP F 341 -66.46 24.53 -74.37
CA ASP F 341 -65.55 25.09 -73.39
C ASP F 341 -66.01 25.03 -71.93
N ALA F 342 -67.28 25.33 -71.67
CA ALA F 342 -67.76 25.42 -70.28
C ALA F 342 -67.81 24.04 -69.64
N LEU F 343 -68.20 23.04 -70.42
CA LEU F 343 -68.25 21.67 -69.98
C LEU F 343 -66.83 21.17 -69.67
N ALA F 344 -65.87 21.59 -70.50
CA ALA F 344 -64.47 21.27 -70.29
C ALA F 344 -64.06 21.75 -68.92
N GLN F 345 -64.38 23.02 -68.66
CA GLN F 345 -64.05 23.70 -67.43
C GLN F 345 -64.62 23.00 -66.21
N GLU F 346 -65.85 22.49 -66.33
CA GLU F 346 -66.52 21.82 -65.22
C GLU F 346 -65.75 20.57 -64.81
N ILE F 347 -65.34 19.78 -65.82
CA ILE F 347 -64.53 18.57 -65.58
C ILE F 347 -63.16 18.97 -65.04
N ALA F 348 -62.57 20.02 -65.61
CA ALA F 348 -61.25 20.52 -65.19
C ALA F 348 -61.25 20.81 -63.69
N GLN F 349 -62.28 21.53 -63.26
CA GLN F 349 -62.42 22.01 -61.88
C GLN F 349 -62.57 20.84 -60.91
N ARG F 350 -63.59 19.99 -61.12
CA ARG F 350 -63.84 18.85 -60.21
C ARG F 350 -62.61 17.96 -60.05
N GLY F 351 -61.85 17.77 -61.13
CA GLY F 351 -60.60 17.02 -61.10
C GLY F 351 -59.56 17.63 -60.17
N TYR F 352 -59.28 18.91 -60.40
CA TYR F 352 -58.43 19.71 -59.52
C TYR F 352 -58.88 19.62 -58.05
N ASP F 353 -60.17 19.88 -57.82
CA ASP F 353 -60.76 19.81 -56.48
C ASP F 353 -60.51 18.46 -55.83
N PHE F 354 -60.61 17.38 -56.61
CA PHE F 354 -60.40 16.01 -56.08
C PHE F 354 -58.97 15.83 -55.58
N ILE F 355 -57.99 16.09 -56.44
CA ILE F 355 -56.60 15.95 -56.02
C ILE F 355 -56.27 16.95 -54.92
N TRP F 356 -56.90 18.11 -54.95
CA TRP F 356 -56.71 19.04 -53.86
C TRP F 356 -57.30 18.59 -52.55
N GLU F 357 -58.50 18.01 -52.59
CA GLU F 357 -59.22 17.60 -51.39
C GLU F 357 -58.88 16.17 -50.90
N HIS F 358 -58.59 15.27 -51.84
CA HIS F 358 -58.47 13.85 -51.50
C HIS F 358 -57.15 13.24 -51.86
N LEU F 359 -56.19 14.06 -52.26
CA LEU F 359 -54.80 13.62 -52.34
C LEU F 359 -53.86 14.54 -51.56
N ARG F 360 -54.27 14.84 -50.33
CA ARG F 360 -53.42 15.55 -49.38
C ARG F 360 -52.38 14.58 -48.82
N MET F 361 -51.25 15.13 -48.34
CA MET F 361 -50.28 14.36 -47.53
C MET F 361 -50.95 13.53 -46.43
N LYS F 362 -51.94 14.10 -45.76
CA LYS F 362 -52.75 13.37 -44.78
C LYS F 362 -53.36 12.08 -45.38
N ASP F 363 -53.86 12.17 -46.62
CA ASP F 363 -54.44 11.01 -47.34
C ASP F 363 -53.37 9.95 -47.64
N ILE F 364 -52.14 10.42 -47.92
CA ILE F 364 -50.96 9.57 -48.15
C ILE F 364 -50.57 8.82 -46.88
N LYS F 365 -50.33 9.60 -45.82
CA LYS F 365 -50.00 9.04 -44.50
C LYS F 365 -51.08 8.12 -43.88
N CYS F 366 -52.36 8.55 -43.84
CA CYS F 366 -53.44 7.69 -43.31
C CYS F 366 -53.66 6.39 -44.10
N TYR F 367 -53.35 6.42 -45.39
CA TYR F 367 -53.42 5.21 -46.22
C TYR F 367 -52.32 4.24 -45.78
N TRP F 368 -51.09 4.76 -45.69
CA TRP F 368 -49.94 4.01 -45.16
C TRP F 368 -50.25 3.28 -43.89
N ARG F 369 -50.74 4.01 -42.90
CA ARG F 369 -51.12 3.48 -41.60
C ARG F 369 -52.22 2.42 -41.71
N LYS F 370 -53.31 2.76 -42.40
CA LYS F 370 -54.44 1.85 -42.59
C LYS F 370 -53.98 0.56 -43.30
N LEU F 371 -53.09 0.74 -44.27
CA LEU F 371 -52.56 -0.37 -45.08
C LEU F 371 -51.85 -1.41 -44.21
N LEU F 372 -50.84 -0.95 -43.48
CA LEU F 372 -50.02 -1.83 -42.65
C LEU F 372 -50.86 -2.50 -41.54
N LYS F 373 -51.84 -1.78 -41.00
CA LYS F 373 -52.64 -2.26 -39.87
C LYS F 373 -53.57 -3.42 -40.19
N ARG F 374 -54.21 -3.40 -41.37
CA ARG F 374 -55.02 -4.56 -41.83
C ARG F 374 -54.08 -5.65 -42.33
N TYR F 375 -52.86 -5.23 -42.68
CA TYR F 375 -51.82 -6.11 -43.20
C TYR F 375 -51.26 -7.03 -42.13
N VAL F 376 -51.05 -6.47 -40.94
CA VAL F 376 -50.53 -7.26 -39.82
C VAL F 376 -51.51 -8.37 -39.38
N LYS F 377 -52.81 -8.04 -39.37
CA LYS F 377 -53.86 -8.97 -38.96
C LYS F 377 -53.81 -10.28 -39.75
N LEU F 378 -53.19 -10.22 -40.92
CA LEU F 378 -53.13 -11.36 -41.82
C LEU F 378 -52.03 -12.37 -41.44
N LEU F 379 -50.97 -11.91 -40.79
CA LEU F 379 -49.80 -12.74 -40.46
C LEU F 379 -50.13 -13.95 -39.58
N GLN F 380 -49.99 -15.14 -40.15
CA GLN F 380 -50.29 -16.39 -39.45
C GLN F 380 -49.02 -17.01 -38.84
N TYR F 381 -48.18 -16.15 -38.26
CA TYR F 381 -46.93 -16.58 -37.62
C TYR F 381 -46.45 -15.48 -36.67
N GLU F 382 -45.26 -15.67 -36.10
CA GLU F 382 -44.65 -14.67 -35.20
C GLU F 382 -43.34 -14.06 -35.74
N VAL F 383 -43.35 -12.75 -35.96
CA VAL F 383 -42.21 -12.02 -36.53
C VAL F 383 -41.03 -12.06 -35.57
N LYS F 384 -39.98 -12.77 -35.95
CA LYS F 384 -38.80 -12.92 -35.11
C LYS F 384 -37.63 -12.18 -35.74
N PRO F 385 -36.75 -11.60 -34.90
CA PRO F 385 -35.61 -10.81 -35.38
C PRO F 385 -34.67 -11.59 -36.29
N GLU F 386 -34.03 -10.87 -37.20
CA GLU F 386 -32.99 -11.40 -38.09
C GLU F 386 -31.84 -10.41 -38.04
N ASP F 387 -30.66 -10.91 -37.66
CA ASP F 387 -29.54 -10.00 -37.37
C ASP F 387 -28.94 -9.28 -38.58
N GLN F 388 -28.99 -9.92 -39.75
CA GLN F 388 -28.48 -9.33 -41.00
C GLN F 388 -29.14 -8.00 -41.46
N LEU F 389 -30.41 -7.78 -41.10
CA LEU F 389 -31.07 -6.49 -41.40
C LEU F 389 -30.52 -5.38 -40.49
N ILE F 390 -30.40 -4.18 -41.04
CA ILE F 390 -29.95 -3.00 -40.27
C ILE F 390 -31.12 -2.20 -39.69
N TYR F 391 -30.81 -1.57 -38.56
CA TYR F 391 -31.69 -0.64 -37.87
C TYR F 391 -31.85 0.64 -38.69
N ILE F 392 -33.11 1.00 -38.95
CA ILE F 392 -33.43 2.23 -39.67
C ILE F 392 -33.77 3.37 -38.67
N GLY F 393 -34.70 3.10 -37.74
CA GLY F 393 -35.10 4.09 -36.73
C GLY F 393 -36.35 3.72 -35.93
N PRO F 394 -37.01 4.72 -35.30
CA PRO F 394 -36.63 6.14 -35.26
C PRO F 394 -35.66 6.45 -34.12
N1 UDP G . 18.23 -0.12 24.98
C2 UDP G . 17.94 1.26 24.86
N3 UDP G . 17.60 1.76 23.67
C4 UDP G . 17.50 0.98 22.59
C5 UDP G . 17.77 -0.38 22.67
C6 UDP G . 18.13 -0.93 23.91
O2 UDP G . 18.02 2.02 25.84
O4 UDP G . 17.17 1.49 21.50
C1' UDP G . 18.59 -0.66 26.30
C2' UDP G . 17.47 -1.52 26.86
O2' UDP G . 16.58 -0.81 27.72
C3' UDP G . 18.18 -2.62 27.61
C4' UDP G . 19.51 -2.73 26.89
O4' UDP G . 19.73 -1.50 26.19
O3' UDP G . 18.39 -2.22 28.97
C5' UDP G . 19.56 -3.92 25.92
O5' UDP G . 18.29 -4.08 25.28
PA UDP G . 18.10 -5.19 24.14
O1A UDP G . 19.24 -5.05 23.17
O2A UDP G . 16.67 -5.13 23.63
O3A UDP G . 18.26 -6.55 24.97
PB UDP G . 17.39 -6.87 26.28
O1B UDP G . 16.91 -8.29 26.02
O2B UDP G . 18.40 -6.70 27.39
O3B UDP G . 16.26 -5.86 26.30
C1 GOL H . 19.21 -7.83 30.34
O1 GOL H . 18.59 -6.76 29.59
C2 GOL H . 20.65 -7.98 29.90
O2 GOL H . 20.69 -8.30 28.51
C3 GOL H . 21.27 -9.12 30.69
O3 GOL H . 22.69 -9.06 30.51
N1 UDP I . -20.31 -26.61 12.75
C2 UDP I . -19.86 -27.83 12.19
N3 UDP I . -19.14 -27.82 11.06
C4 UDP I . -18.83 -26.67 10.44
C5 UDP I . -19.25 -25.45 10.96
C6 UDP I . -20.00 -25.44 12.14
O2 UDP I . -20.14 -28.91 12.77
O4 UDP I . -18.16 -26.69 9.38
C1' UDP I . -21.07 -26.64 14.01
C2' UDP I . -20.16 -26.22 15.16
O2' UDP I . -19.57 -27.32 15.84
C3' UDP I . -21.06 -25.43 16.09
C4' UDP I . -22.18 -24.91 15.18
O4' UDP I . -22.18 -25.73 14.01
O3' UDP I . -21.56 -26.30 17.10
C5' UDP I . -22.00 -23.44 14.77
O5' UDP I . -20.66 -23.20 14.33
PA UDP I . -20.10 -21.72 13.99
O1A UDP I . -18.57 -21.77 14.00
O2A UDP I . -20.77 -21.24 12.73
O3A UDP I . -20.62 -20.81 15.22
PB UDP I . -20.11 -20.95 16.76
O1B UDP I . -18.82 -21.73 16.75
O2B UDP I . -19.93 -19.50 17.18
O3B UDP I . -21.27 -21.67 17.42
C1 GOL J . -23.19 -21.92 19.98
O1 GOL J . -22.49 -22.85 19.14
C2 GOL J . -24.43 -21.41 19.26
O2 GOL J . -24.06 -20.63 18.12
C3 GOL J . -25.24 -20.52 20.19
O3 GOL J . -26.57 -20.33 19.66
N1 UDP K . -44.02 -24.36 5.50
C2 UDP K . -43.51 -25.67 5.59
N3 UDP K . -43.28 -26.22 6.80
C4 UDP K . -43.58 -25.53 7.91
C5 UDP K . -44.10 -24.25 7.86
C6 UDP K . -44.33 -23.67 6.62
O2 UDP K . -43.22 -26.34 4.56
O4 UDP K . -43.37 -26.09 9.00
C1' UDP K . -44.26 -23.79 4.16
C2' UDP K . -45.70 -24.11 3.77
O2' UDP K . -45.82 -25.40 3.15
C3' UDP K . -46.11 -22.94 2.89
C4' UDP K . -45.32 -21.78 3.49
O4' UDP K . -44.17 -22.35 4.12
O3' UDP K . -45.70 -23.16 1.54
C5' UDP K . -46.15 -20.96 4.49
O5' UDP K . -47.10 -21.74 5.22
PA UDP K . -48.08 -21.10 6.35
O1A UDP K . -49.02 -22.16 6.88
O2A UDP K . -47.21 -20.33 7.32
O3A UDP K . -48.99 -20.04 5.53
PB UDP K . -49.86 -20.42 4.22
O1B UDP K . -50.13 -21.92 4.24
O2B UDP K . -51.08 -19.55 4.47
O3B UDP K . -48.99 -20.00 3.07
C1 GOL L . -49.19 -18.63 0.15
O1 GOL L . -48.72 -19.83 0.79
C2 GOL L . -48.22 -17.51 0.50
O2 GOL L . -48.20 -17.38 1.92
C3 GOL L . -48.68 -16.22 -0.17
O3 GOL L . -47.84 -15.12 0.20
N1 UDP M . 33.08 18.62 18.81
C2 UDP M . 32.50 19.84 19.22
N3 UDP M . 32.89 20.44 20.35
C4 UDP M . 33.82 19.87 21.11
C5 UDP M . 34.42 18.66 20.75
C6 UDP M . 34.03 18.04 19.57
O2 UDP M . 31.62 20.39 18.52
O4 UDP M . 34.15 20.46 22.16
C1' UDP M . 32.63 18.00 17.57
C2' UDP M . 33.67 18.20 16.46
O2' UDP M . 33.52 19.42 15.74
C3' UDP M . 33.47 16.97 15.59
C4' UDP M . 33.10 15.89 16.61
O4' UDP M . 32.52 16.58 17.73
O3' UDP M . 32.42 17.19 14.65
C5' UDP M . 34.28 15.05 17.08
O5' UDP M . 35.44 15.84 17.21
PA UDP M . 36.84 15.26 17.71
O1A UDP M . 36.56 14.44 18.94
O2A UDP M . 37.83 16.41 17.78
O3A UDP M . 37.33 14.27 16.53
PB UDP M . 37.49 14.71 14.99
O1B UDP M . 38.61 13.80 14.53
O2B UDP M . 36.13 14.39 14.41
O3B UDP M . 37.84 16.17 14.99
C1 GOL N . 34.99 13.13 11.38
O1 GOL N . 34.92 14.28 12.23
C2 GOL N . 34.27 11.99 12.09
O2 GOL N . 35.03 11.66 13.26
C3 GOL N . 34.18 10.79 11.17
O3 GOL N . 33.59 9.71 11.90
N1 UDP O . 79.72 27.82 9.41
C2 UDP O . 80.59 26.70 9.48
N3 UDP O . 80.79 26.06 10.63
C4 UDP O . 80.18 26.45 11.74
C5 UDP O . 79.32 27.55 11.72
C6 UDP O . 79.10 28.24 10.54
O2 UDP O . 81.18 26.29 8.45
O4 UDP O . 80.38 25.82 12.80
C1' UDP O . 79.52 28.53 8.13
C2' UDP O . 78.16 28.24 7.53
O2' UDP O . 78.20 27.13 6.64
C3' UDP O . 77.83 29.52 6.80
C4' UDP O . 78.67 30.62 7.45
O4' UDP O . 79.63 29.95 8.26
O3' UDP O . 78.19 29.37 5.43
C5' UDP O . 77.84 31.55 8.31
O5' UDP O . 77.00 30.73 9.09
PA UDP O . 75.90 31.29 10.13
O1A UDP O . 75.09 30.09 10.55
O2A UDP O . 76.66 32.04 11.20
O3A UDP O . 74.93 32.30 9.32
PB UDP O . 74.09 31.94 7.97
O1B UDP O . 73.74 30.48 8.04
O2B UDP O . 72.87 32.82 8.09
O3B UDP O . 75.03 32.28 6.84
C1 GOL P . 74.82 33.91 3.90
O1 GOL P . 75.38 32.65 4.32
C2 GOL P . 75.75 35.04 4.30
O2 GOL P . 75.81 35.18 5.73
C3 GOL P . 75.24 36.34 3.73
O3 GOL P . 76.27 37.31 3.87
N1 UDP Q . -41.37 15.58 -66.54
C2 UDP Q . -41.55 16.98 -66.50
N3 UDP Q . -41.28 17.72 -67.58
C4 UDP Q . -40.83 17.14 -68.71
C5 UDP Q . -40.65 15.77 -68.77
C6 UDP Q . -40.92 15.00 -67.67
O2 UDP Q . -41.96 17.56 -65.46
O4 UDP Q . -40.59 17.84 -69.72
C1' UDP Q . -41.65 14.76 -65.36
C2' UDP Q . -42.95 13.99 -65.57
O2' UDP Q . -44.05 14.72 -65.05
C3' UDP Q . -42.72 12.64 -64.91
C4' UDP Q . -41.20 12.48 -64.86
O4' UDP Q . -40.63 13.77 -65.14
O3' UDP Q . -43.25 12.59 -63.57
C5' UDP Q . -40.72 11.49 -65.90
O5' UDP Q . -41.53 11.58 -67.07
PA UDP Q . -41.12 10.79 -68.41
O1A UDP Q . -39.66 11.08 -68.70
O2A UDP Q . -42.14 11.06 -69.48
O3A UDP Q . -41.30 9.26 -67.96
PB UDP Q . -42.62 8.71 -67.23
O1B UDP Q . -42.74 7.31 -67.79
O2B UDP Q . -42.31 8.79 -65.76
O3B UDP Q . -43.70 9.65 -67.69
C1 GOL R . -43.00 7.07 -63.10
O1 GOL R . -43.15 8.44 -63.45
C2 GOL R . -41.55 6.87 -62.74
O2 GOL R . -40.76 7.12 -63.89
C3 GOL R . -41.31 5.46 -62.27
O3 GOL R . -39.94 5.37 -61.85
#